data_7WHS
#
_entry.id   7WHS
#
loop_
_entity.id
_entity.type
_entity.pdbx_description
1 polymer 'Nucleotidyl transferase family protein'
2 non-polymer "GUANOSINE-5'-TRIPHOSPHATE"
3 non-polymer 'MAGNESIUM ION'
#
_entity_poly.entity_id   1
_entity_poly.type   'polypeptide(L)'
_entity_poly.pdbx_seq_one_letter_code
;MSASDGQGMRAVILVGGFGTRLRPLTLTTPKPLVPFCNKPMIIHQIEALKAVGVTEVILAVAYRPEAMKEQMDEWSRKLG
VSFVFSVEEEPLGTAGPLALARDILMQDDKPFFVLNSDVTCTFPMQELLDFHKAHGGEGTIMVSQVTQWEKYGVVVYSPQ
NYQIERFVEKPSRFLGDRINAGIYIFNKSILDRIPPRRASIEKEIFPAMAAEGQLYAFNLEGFWMDVGQPKDYILGMTKF
IPSLVHGNRETEQLHTEAVEHQRGGRFTVIGASLIDPSAKIGDGAVIGPYASIGANCVIGESCRIDNAAILENSKVGKGT
MVSRSIVGWNNRIGSWCHIKDISVLGDDVEVKDGVILIGTKVLPNKDVGEHRFEPGIIM
;
_entity_poly.pdbx_strand_id   A,B,C,D,E,F
#
loop_
_chem_comp.id
_chem_comp.type
_chem_comp.name
_chem_comp.formula
GTP non-polymer GUANOSINE-5'-TRIPHOSPHATE 'C10 H16 N5 O14 P3'
MG non-polymer 'MAGNESIUM ION' 'Mg 2'
#
# COMPACT_ATOMS: atom_id res chain seq x y z
N MET A 9 30.73 -18.33 -49.61
CA MET A 9 30.41 -17.38 -48.55
C MET A 9 30.12 -18.12 -47.25
N ARG A 10 30.43 -17.49 -46.12
CA ARG A 10 30.21 -18.10 -44.82
C ARG A 10 29.65 -17.06 -43.85
N ALA A 11 29.03 -17.56 -42.79
CA ALA A 11 28.41 -16.71 -41.79
C ALA A 11 28.93 -17.07 -40.40
N VAL A 12 28.79 -16.13 -39.47
CA VAL A 12 29.11 -16.33 -38.07
C VAL A 12 27.92 -15.87 -37.25
N ILE A 13 27.37 -16.75 -36.44
CA ILE A 13 26.22 -16.43 -35.60
C ILE A 13 26.69 -16.42 -34.15
N LEU A 14 26.46 -15.31 -33.47
CA LEU A 14 26.86 -15.15 -32.07
C LEU A 14 25.85 -15.89 -31.20
N VAL A 15 26.17 -17.12 -30.83
CA VAL A 15 25.24 -18.01 -30.14
C VAL A 15 25.60 -18.17 -28.67
N GLY A 16 26.51 -17.35 -28.15
CA GLY A 16 26.83 -17.36 -26.74
C GLY A 16 25.78 -16.63 -25.93
N GLY A 17 26.25 -15.93 -24.90
CA GLY A 17 25.39 -15.10 -24.08
C GLY A 17 24.55 -15.93 -23.12
N PHE A 18 24.25 -15.30 -21.99
CA PHE A 18 23.53 -15.97 -20.91
C PHE A 18 22.02 -15.92 -21.05
N GLY A 19 21.49 -15.17 -22.01
CA GLY A 19 20.05 -15.05 -22.17
C GLY A 19 19.37 -14.48 -20.95
N THR A 20 19.92 -13.38 -20.43
CA THR A 20 19.44 -12.84 -19.16
C THR A 20 18.00 -12.35 -19.23
N ARG A 21 17.61 -11.72 -20.34
CA ARG A 21 16.24 -11.21 -20.41
C ARG A 21 15.22 -12.32 -20.64
N LEU A 22 15.58 -13.37 -21.36
CA LEU A 22 14.75 -14.57 -21.44
C LEU A 22 15.14 -15.58 -20.38
N ARG A 23 15.26 -15.14 -19.13
CA ARG A 23 15.89 -15.97 -18.11
C ARG A 23 15.09 -17.22 -17.77
N PRO A 24 13.77 -17.17 -17.53
CA PRO A 24 13.07 -18.41 -17.13
C PRO A 24 13.18 -19.52 -18.16
N LEU A 25 13.31 -19.18 -19.45
CA LEU A 25 13.46 -20.20 -20.48
C LEU A 25 14.91 -20.53 -20.79
N THR A 26 15.83 -19.59 -20.56
CA THR A 26 17.23 -19.83 -20.87
C THR A 26 18.02 -20.45 -19.72
N LEU A 27 17.36 -20.77 -18.61
CA LEU A 27 17.99 -21.57 -17.57
C LEU A 27 18.07 -23.04 -17.94
N THR A 28 17.34 -23.46 -18.97
CA THR A 28 17.34 -24.84 -19.45
C THR A 28 18.08 -24.99 -20.76
N THR A 29 17.80 -24.14 -21.73
CA THR A 29 18.43 -24.19 -23.05
C THR A 29 19.03 -22.83 -23.39
N PRO A 30 20.08 -22.80 -24.21
CA PRO A 30 20.64 -21.51 -24.63
C PRO A 30 19.63 -20.70 -25.42
N LYS A 31 19.83 -19.39 -25.42
CA LYS A 31 18.93 -18.48 -26.13
C LYS A 31 18.74 -18.83 -27.60
N PRO A 32 19.77 -19.19 -28.38
CA PRO A 32 19.51 -19.58 -29.77
C PRO A 32 18.57 -20.76 -29.93
N LEU A 33 18.55 -21.68 -28.96
CA LEU A 33 17.75 -22.89 -29.07
C LEU A 33 16.36 -22.76 -28.47
N VAL A 34 16.01 -21.60 -27.94
CA VAL A 34 14.66 -21.38 -27.42
C VAL A 34 13.70 -21.36 -28.59
N PRO A 35 12.70 -22.25 -28.61
CA PRO A 35 11.82 -22.34 -29.79
C PRO A 35 11.01 -21.07 -29.99
N PHE A 36 11.16 -20.46 -31.16
CA PHE A 36 10.32 -19.36 -31.61
C PHE A 36 9.36 -19.90 -32.65
N CYS A 37 8.06 -19.68 -32.44
CA CYS A 37 7.01 -20.36 -33.20
C CYS A 37 7.19 -21.86 -32.93
N ASN A 38 7.54 -22.67 -33.94
CA ASN A 38 7.75 -24.09 -33.73
C ASN A 38 9.18 -24.53 -34.06
N LYS A 39 10.11 -23.59 -34.16
CA LYS A 39 11.49 -23.90 -34.49
C LYS A 39 12.41 -23.04 -33.65
N PRO A 40 13.66 -23.46 -33.45
CA PRO A 40 14.63 -22.60 -32.78
C PRO A 40 14.94 -21.36 -33.61
N MET A 41 15.28 -20.28 -32.92
CA MET A 41 15.59 -19.00 -33.58
C MET A 41 16.76 -19.17 -34.54
N ILE A 42 17.84 -19.79 -34.05
CA ILE A 42 19.00 -20.04 -34.88
C ILE A 42 18.64 -20.87 -36.10
N ILE A 43 17.62 -21.72 -35.99
CA ILE A 43 17.21 -22.53 -37.14
C ILE A 43 16.56 -21.65 -38.20
N HIS A 44 15.76 -20.67 -37.79
CA HIS A 44 15.22 -19.72 -38.76
C HIS A 44 16.33 -18.98 -39.47
N GLN A 45 17.32 -18.50 -38.70
CA GLN A 45 18.42 -17.76 -39.32
C GLN A 45 19.24 -18.65 -40.25
N ILE A 46 19.47 -19.91 -39.86
CA ILE A 46 20.22 -20.82 -40.71
C ILE A 46 19.44 -21.15 -41.98
N GLU A 47 18.12 -21.27 -41.88
CA GLU A 47 17.31 -21.50 -43.08
C GLU A 47 17.42 -20.32 -44.03
N ALA A 48 17.38 -19.10 -43.50
CA ALA A 48 17.57 -17.93 -44.36
C ALA A 48 18.94 -17.95 -45.02
N LEU A 49 19.98 -18.28 -44.24
CA LEU A 49 21.34 -18.31 -44.79
C LEU A 49 21.48 -19.38 -45.86
N LYS A 50 20.86 -20.55 -45.66
CA LYS A 50 20.88 -21.58 -46.67
C LYS A 50 20.15 -21.14 -47.93
N ALA A 51 19.02 -20.45 -47.77
CA ALA A 51 18.33 -19.88 -48.92
C ALA A 51 19.23 -18.90 -49.67
N VAL A 52 20.12 -18.21 -48.95
CA VAL A 52 21.12 -17.37 -49.61
C VAL A 52 22.06 -18.22 -50.45
N GLY A 53 22.54 -19.32 -49.89
CA GLY A 53 23.56 -20.13 -50.53
C GLY A 53 24.74 -20.35 -49.62
N VAL A 54 24.62 -19.90 -48.37
CA VAL A 54 25.70 -20.06 -47.40
C VAL A 54 25.75 -21.51 -46.94
N THR A 55 26.93 -22.11 -47.02
CA THR A 55 27.12 -23.49 -46.62
C THR A 55 27.85 -23.64 -45.28
N GLU A 56 28.66 -22.66 -44.90
CA GLU A 56 29.46 -22.72 -43.68
C GLU A 56 28.94 -21.69 -42.69
N VAL A 57 28.55 -22.16 -41.51
CA VAL A 57 28.11 -21.31 -40.41
C VAL A 57 29.00 -21.59 -39.21
N ILE A 58 29.53 -20.54 -38.61
CA ILE A 58 30.43 -20.63 -37.47
C ILE A 58 29.68 -20.12 -36.24
N LEU A 59 29.55 -20.97 -35.24
CA LEU A 59 28.78 -20.67 -34.03
C LEU A 59 29.73 -20.33 -32.90
N ALA A 60 29.56 -19.15 -32.32
CA ALA A 60 30.37 -18.69 -31.19
C ALA A 60 29.74 -19.21 -29.92
N VAL A 61 30.12 -20.42 -29.52
CA VAL A 61 29.47 -21.14 -28.44
C VAL A 61 30.23 -20.88 -27.15
N ALA A 62 29.59 -20.18 -26.21
CA ALA A 62 30.13 -19.99 -24.87
C ALA A 62 29.21 -20.54 -23.80
N TYR A 63 27.91 -20.22 -23.86
CA TYR A 63 26.94 -20.76 -22.93
C TYR A 63 26.57 -22.18 -23.34
N ARG A 64 26.63 -23.11 -22.38
CA ARG A 64 26.42 -24.53 -22.64
C ARG A 64 27.31 -25.00 -23.78
N PRO A 65 28.64 -25.12 -23.56
CA PRO A 65 29.56 -25.42 -24.66
C PRO A 65 29.18 -26.65 -25.47
N GLU A 66 29.04 -27.80 -24.81
CA GLU A 66 28.72 -29.04 -25.49
C GLU A 66 27.49 -29.75 -24.94
N ALA A 67 27.00 -29.37 -23.75
CA ALA A 67 25.83 -30.04 -23.19
C ALA A 67 24.60 -29.83 -24.07
N MET A 68 24.41 -28.60 -24.57
CA MET A 68 23.21 -28.27 -25.33
C MET A 68 23.52 -27.92 -26.78
N LYS A 69 24.39 -26.95 -27.03
CA LYS A 69 24.58 -26.46 -28.39
C LYS A 69 25.11 -27.54 -29.32
N GLU A 70 26.09 -28.32 -28.86
CA GLU A 70 26.68 -29.34 -29.72
C GLU A 70 25.71 -30.49 -29.99
N GLN A 71 25.05 -30.98 -28.95
CA GLN A 71 24.17 -32.14 -29.10
C GLN A 71 22.88 -31.76 -29.83
N MET A 72 22.26 -30.64 -29.43
CA MET A 72 20.96 -30.29 -29.99
C MET A 72 21.05 -29.85 -31.44
N ASP A 73 22.24 -29.40 -31.88
CA ASP A 73 22.42 -28.97 -33.27
C ASP A 73 22.68 -30.17 -34.18
N GLU A 74 21.79 -31.16 -34.08
CA GLU A 74 21.72 -32.24 -35.05
C GLU A 74 21.08 -31.80 -36.35
N TRP A 75 20.53 -30.58 -36.38
CA TRP A 75 20.01 -29.99 -37.61
C TRP A 75 21.04 -29.91 -38.73
N SER A 76 22.33 -30.09 -38.40
CA SER A 76 23.34 -30.16 -39.45
C SER A 76 23.10 -31.35 -40.38
N ARG A 77 22.53 -32.43 -39.86
CA ARG A 77 22.14 -33.54 -40.73
C ARG A 77 21.08 -33.09 -41.74
N LYS A 78 20.13 -32.29 -41.29
CA LYS A 78 19.15 -31.68 -42.17
C LYS A 78 19.69 -30.37 -42.73
N LEU A 79 18.85 -29.67 -43.50
CA LEU A 79 19.13 -28.32 -43.97
C LEU A 79 20.31 -28.25 -44.93
N GLY A 80 20.99 -29.37 -45.16
CA GLY A 80 22.14 -29.39 -46.05
C GLY A 80 23.22 -28.41 -45.67
N VAL A 81 23.42 -28.15 -44.38
CA VAL A 81 24.37 -27.16 -43.91
C VAL A 81 25.23 -27.78 -42.82
N SER A 82 26.44 -27.23 -42.65
CA SER A 82 27.40 -27.72 -41.68
C SER A 82 27.87 -26.58 -40.79
N PHE A 83 28.05 -26.87 -39.50
CA PHE A 83 28.51 -25.89 -38.53
C PHE A 83 29.89 -26.28 -38.03
N VAL A 84 30.75 -25.27 -37.84
CA VAL A 84 32.15 -25.53 -37.52
C VAL A 84 32.30 -25.98 -36.07
N PHE A 85 31.64 -25.28 -35.14
CA PHE A 85 31.78 -25.55 -33.70
C PHE A 85 33.23 -25.49 -33.25
N SER A 86 33.95 -24.45 -33.67
CA SER A 86 35.33 -24.25 -33.26
C SER A 86 35.52 -22.95 -32.49
N VAL A 87 34.48 -22.48 -31.82
CA VAL A 87 34.55 -21.23 -31.07
C VAL A 87 34.10 -21.48 -29.63
N GLU A 88 34.32 -22.69 -29.13
CA GLU A 88 34.11 -22.94 -27.71
C GLU A 88 35.08 -22.09 -26.90
N GLU A 89 34.55 -21.41 -25.89
CA GLU A 89 35.34 -20.38 -25.22
C GLU A 89 34.70 -20.04 -23.87
N GLU A 90 35.42 -19.21 -23.11
CA GLU A 90 34.88 -18.48 -21.98
C GLU A 90 34.10 -17.28 -22.51
N PRO A 91 33.45 -16.50 -21.63
CA PRO A 91 32.87 -15.23 -22.09
C PRO A 91 33.90 -14.28 -22.66
N LEU A 92 33.84 -14.01 -23.97
CA LEU A 92 34.65 -12.99 -24.62
C LEU A 92 33.80 -11.87 -25.20
N GLY A 93 32.59 -11.67 -24.69
CA GLY A 93 31.78 -10.58 -25.16
C GLY A 93 31.21 -10.80 -26.55
N THR A 94 30.77 -9.70 -27.15
CA THR A 94 30.12 -9.74 -28.45
C THR A 94 31.12 -9.72 -29.60
N ALA A 95 32.29 -9.10 -29.42
CA ALA A 95 33.26 -8.92 -30.49
C ALA A 95 34.44 -9.89 -30.43
N GLY A 96 34.78 -10.38 -29.24
CA GLY A 96 35.88 -11.31 -29.06
C GLY A 96 35.79 -12.61 -29.83
N PRO A 97 34.60 -13.22 -29.96
CA PRO A 97 34.51 -14.46 -30.74
C PRO A 97 34.99 -14.33 -32.17
N LEU A 98 34.83 -13.17 -32.81
CA LEU A 98 35.38 -12.97 -34.14
C LEU A 98 36.91 -13.05 -34.11
N ALA A 99 37.52 -12.45 -33.11
CA ALA A 99 38.97 -12.56 -32.97
C ALA A 99 39.40 -14.01 -32.74
N LEU A 100 38.64 -14.74 -31.93
CA LEU A 100 38.96 -16.14 -31.69
C LEU A 100 38.83 -16.98 -32.96
N ALA A 101 37.81 -16.71 -33.76
CA ALA A 101 37.53 -17.49 -34.97
C ALA A 101 38.23 -16.92 -36.20
N ARG A 102 39.09 -15.90 -36.02
CA ARG A 102 39.90 -15.41 -37.13
C ARG A 102 40.66 -16.54 -37.82
N ASP A 103 41.20 -17.48 -37.05
CA ASP A 103 41.98 -18.57 -37.64
C ASP A 103 41.12 -19.45 -38.53
N ILE A 104 39.91 -19.80 -38.09
CA ILE A 104 39.08 -20.68 -38.88
C ILE A 104 38.44 -19.92 -40.05
N LEU A 105 38.31 -18.60 -39.93
CA LEU A 105 37.83 -17.80 -41.05
C LEU A 105 38.83 -17.72 -42.19
N MET A 106 40.10 -18.06 -41.93
CA MET A 106 41.20 -18.15 -42.89
C MET A 106 41.57 -16.82 -43.53
N GLN A 107 40.90 -15.72 -43.17
CA GLN A 107 41.18 -14.40 -43.73
C GLN A 107 41.13 -14.42 -45.26
N ASP A 108 40.13 -15.12 -45.80
CA ASP A 108 39.95 -15.20 -47.24
C ASP A 108 39.47 -13.86 -47.80
N ASP A 109 39.56 -13.72 -49.12
CA ASP A 109 39.14 -12.48 -49.78
C ASP A 109 37.65 -12.25 -49.65
N LYS A 110 36.86 -13.33 -49.72
CA LYS A 110 35.41 -13.18 -49.67
C LYS A 110 34.96 -12.64 -48.31
N PRO A 111 33.96 -11.75 -48.29
CA PRO A 111 33.45 -11.27 -46.99
C PRO A 111 32.68 -12.35 -46.25
N PHE A 112 32.18 -12.03 -45.06
CA PHE A 112 31.44 -12.99 -44.26
C PHE A 112 30.29 -12.30 -43.53
N PHE A 113 29.24 -13.07 -43.25
CA PHE A 113 28.08 -12.56 -42.55
C PHE A 113 28.29 -12.66 -41.03
N VAL A 114 27.57 -11.82 -40.30
CA VAL A 114 27.53 -11.87 -38.84
C VAL A 114 26.08 -11.69 -38.42
N LEU A 115 25.61 -12.52 -37.50
CA LEU A 115 24.22 -12.46 -37.08
C LEU A 115 24.12 -12.66 -35.57
N ASN A 116 23.05 -12.10 -35.00
CA ASN A 116 22.65 -12.40 -33.63
C ASN A 116 21.51 -13.41 -33.66
N SER A 117 21.45 -14.24 -32.63
CA SER A 117 20.44 -15.28 -32.52
C SER A 117 19.14 -14.77 -31.92
N ASP A 118 18.97 -13.46 -31.83
CA ASP A 118 17.82 -12.87 -31.16
C ASP A 118 16.89 -12.10 -32.09
N VAL A 119 17.25 -11.96 -33.36
CA VAL A 119 16.54 -11.07 -34.29
C VAL A 119 15.71 -11.91 -35.24
N THR A 120 14.48 -11.46 -35.51
CA THR A 120 13.62 -12.06 -36.51
C THR A 120 13.13 -10.98 -37.46
N CYS A 121 13.07 -11.32 -38.74
CA CYS A 121 12.65 -10.38 -39.78
C CYS A 121 12.39 -11.17 -41.05
N THR A 122 12.09 -10.46 -42.13
CA THR A 122 11.99 -11.07 -43.45
C THR A 122 13.35 -11.53 -43.96
N PHE A 123 14.44 -11.13 -43.30
CA PHE A 123 15.81 -11.44 -43.66
C PHE A 123 16.10 -11.03 -45.10
N PRO A 124 16.10 -9.73 -45.41
CA PRO A 124 16.54 -9.31 -46.75
C PRO A 124 18.04 -9.44 -46.87
N MET A 125 18.50 -10.48 -47.55
CA MET A 125 19.91 -10.77 -47.66
C MET A 125 20.49 -10.39 -49.01
N GLN A 126 19.74 -9.63 -49.82
CA GLN A 126 20.30 -9.04 -51.02
C GLN A 126 21.32 -7.95 -50.73
N GLU A 127 21.66 -7.72 -49.46
CA GLU A 127 22.76 -6.85 -49.10
C GLU A 127 24.11 -7.45 -49.45
N LEU A 128 24.15 -8.72 -49.85
CA LEU A 128 25.37 -9.30 -50.38
C LEU A 128 25.72 -8.68 -51.74
N LEU A 129 24.82 -8.86 -52.72
CA LEU A 129 25.06 -8.30 -54.05
C LEU A 129 25.02 -6.78 -54.03
N ASP A 130 24.16 -6.20 -53.20
CA ASP A 130 24.07 -4.76 -53.06
C ASP A 130 25.10 -4.25 -52.06
N PHE A 131 25.27 -2.93 -52.05
CA PHE A 131 26.13 -2.23 -51.08
C PHE A 131 27.58 -2.65 -51.16
N HIS A 132 28.02 -3.22 -52.29
CA HIS A 132 29.44 -3.50 -52.50
C HIS A 132 30.23 -2.26 -52.89
N LYS A 133 29.59 -1.09 -52.95
CA LYS A 133 30.25 0.12 -53.43
C LYS A 133 31.22 0.69 -52.40
N ALA A 134 32.41 0.09 -52.30
CA ALA A 134 33.52 0.62 -51.52
C ALA A 134 33.14 0.82 -50.06
N HIS A 135 32.83 -0.30 -49.41
CA HIS A 135 32.50 -0.31 -47.99
C HIS A 135 33.42 -1.26 -47.24
N GLY A 136 33.89 -0.83 -46.07
CA GLY A 136 34.53 -1.75 -45.17
C GLY A 136 33.58 -2.83 -44.69
N GLY A 137 32.34 -2.43 -44.40
CA GLY A 137 31.24 -3.36 -44.21
C GLY A 137 30.12 -3.03 -45.18
N GLU A 138 29.74 -3.97 -46.03
CA GLU A 138 28.84 -3.70 -47.15
C GLU A 138 27.44 -3.46 -46.59
N GLY A 139 27.21 -2.24 -46.12
CA GLY A 139 25.99 -1.95 -45.39
C GLY A 139 25.89 -2.78 -44.12
N THR A 140 27.01 -2.91 -43.41
CA THR A 140 27.07 -3.87 -42.30
C THR A 140 26.13 -3.51 -41.17
N ILE A 141 26.05 -2.24 -40.79
CA ILE A 141 25.18 -1.88 -39.67
C ILE A 141 23.75 -1.75 -40.18
N MET A 142 23.07 -2.88 -40.26
CA MET A 142 21.70 -2.90 -40.76
C MET A 142 20.78 -2.25 -39.74
N VAL A 143 19.88 -1.40 -40.22
CA VAL A 143 19.07 -0.56 -39.34
C VAL A 143 17.60 -0.71 -39.70
N SER A 144 16.76 -0.63 -38.68
CA SER A 144 15.31 -0.73 -38.82
C SER A 144 14.65 0.47 -38.17
N GLN A 145 13.53 0.88 -38.73
CA GLN A 145 12.80 2.05 -38.26
C GLN A 145 11.85 1.64 -37.13
N VAL A 146 12.09 2.18 -35.94
CA VAL A 146 11.27 1.89 -34.77
C VAL A 146 10.88 3.20 -34.11
N THR A 147 9.57 3.42 -33.92
CA THR A 147 9.10 4.64 -33.28
C THR A 147 9.42 4.69 -31.79
N GLN A 148 9.80 3.56 -31.19
CA GLN A 148 10.16 3.47 -29.78
C GLN A 148 11.67 3.51 -29.58
N TRP A 149 12.38 4.28 -30.40
CA TRP A 149 13.84 4.26 -30.37
C TRP A 149 14.39 4.76 -29.04
N GLU A 150 13.62 5.55 -28.30
CA GLU A 150 14.10 6.07 -27.02
C GLU A 150 14.37 4.95 -26.03
N LYS A 151 13.41 4.05 -25.85
CA LYS A 151 13.59 2.96 -24.90
C LYS A 151 14.53 1.89 -25.43
N TYR A 152 14.57 1.71 -26.75
CA TYR A 152 15.55 0.79 -27.33
C TYR A 152 16.96 1.29 -27.09
N GLY A 153 17.19 2.59 -27.23
CA GLY A 153 18.40 3.21 -26.75
C GLY A 153 19.64 3.04 -27.60
N VAL A 154 19.51 2.51 -28.82
CA VAL A 154 20.64 2.40 -29.74
C VAL A 154 20.18 3.02 -31.06
N VAL A 155 20.43 4.32 -31.24
CA VAL A 155 20.00 5.05 -32.42
C VAL A 155 21.19 5.24 -33.34
N VAL A 156 21.02 4.87 -34.60
CA VAL A 156 22.08 4.99 -35.62
C VAL A 156 21.74 6.17 -36.51
N TYR A 157 22.69 7.11 -36.62
CA TYR A 157 22.49 8.32 -37.42
C TYR A 157 22.96 8.02 -38.84
N SER A 158 22.03 7.61 -39.70
CA SER A 158 22.34 7.25 -41.07
C SER A 158 21.90 8.34 -42.02
N PRO A 159 22.82 9.08 -42.63
CA PRO A 159 22.44 10.09 -43.62
C PRO A 159 22.26 9.46 -44.99
N GLN A 160 22.02 10.32 -45.98
CA GLN A 160 21.85 9.83 -47.35
C GLN A 160 23.15 9.25 -47.91
N ASN A 161 24.30 9.66 -47.37
CA ASN A 161 25.57 9.06 -47.75
C ASN A 161 25.81 7.73 -47.04
N TYR A 162 24.98 7.39 -46.05
CA TYR A 162 25.04 6.15 -45.28
C TYR A 162 26.30 6.05 -44.42
N GLN A 163 27.03 7.14 -44.22
CA GLN A 163 28.21 7.12 -43.38
C GLN A 163 27.81 7.39 -41.94
N ILE A 164 28.09 6.43 -41.06
CA ILE A 164 27.63 6.51 -39.67
C ILE A 164 28.44 7.58 -38.96
N GLU A 165 27.77 8.66 -38.55
CA GLU A 165 28.45 9.73 -37.83
C GLU A 165 28.80 9.31 -36.41
N ARG A 166 27.85 8.71 -35.70
CA ARG A 166 28.04 8.35 -34.30
C ARG A 166 26.93 7.42 -33.87
N PHE A 167 27.12 6.81 -32.70
CA PHE A 167 26.10 6.01 -32.02
C PHE A 167 25.71 6.74 -30.74
N VAL A 168 24.41 6.96 -30.55
CA VAL A 168 23.88 7.70 -29.41
C VAL A 168 22.98 6.79 -28.60
N GLU A 169 23.16 6.81 -27.29
CA GLU A 169 22.35 6.02 -26.37
C GLU A 169 21.35 6.93 -25.68
N LYS A 170 20.07 6.63 -25.83
CA LYS A 170 18.98 7.44 -25.29
C LYS A 170 19.12 8.91 -25.71
N PRO A 171 19.04 9.22 -27.00
CA PRO A 171 19.22 10.61 -27.44
C PRO A 171 18.00 11.47 -27.10
N SER A 172 18.27 12.65 -26.55
CA SER A 172 17.19 13.58 -26.22
C SER A 172 16.61 14.22 -27.47
N ARG A 173 17.47 14.62 -28.40
CA ARG A 173 17.04 15.24 -29.65
C ARG A 173 16.74 14.17 -30.69
N PHE A 174 15.81 14.48 -31.58
CA PHE A 174 15.41 13.55 -32.63
C PHE A 174 16.48 13.46 -33.71
N LEU A 175 17.60 12.82 -33.39
CA LEU A 175 18.65 12.62 -34.38
C LEU A 175 18.19 11.68 -35.49
N GLY A 176 17.49 10.62 -35.13
CA GLY A 176 16.99 9.66 -36.10
C GLY A 176 16.15 8.61 -35.43
N ASP A 177 15.51 7.78 -36.25
CA ASP A 177 14.65 6.70 -35.77
C ASP A 177 15.23 5.32 -36.00
N ARG A 178 16.21 5.18 -36.89
CA ARG A 178 16.78 3.87 -37.18
C ARG A 178 17.57 3.34 -36.00
N ILE A 179 17.42 2.03 -35.74
CA ILE A 179 18.14 1.36 -34.67
C ILE A 179 18.82 0.13 -35.26
N ASN A 180 19.80 -0.39 -34.52
CA ASN A 180 20.55 -1.55 -34.97
C ASN A 180 19.63 -2.76 -35.13
N ALA A 181 19.88 -3.55 -36.17
CA ALA A 181 19.05 -4.71 -36.49
C ALA A 181 19.75 -6.03 -36.22
N GLY A 182 21.01 -6.03 -35.85
CA GLY A 182 21.70 -7.24 -35.46
C GLY A 182 22.20 -8.12 -36.60
N ILE A 183 22.16 -7.63 -37.83
CA ILE A 183 22.66 -8.37 -38.99
C ILE A 183 23.76 -7.53 -39.62
N TYR A 184 24.90 -8.16 -39.92
CA TYR A 184 26.10 -7.45 -40.34
C TYR A 184 26.76 -8.24 -41.45
N ILE A 185 27.56 -7.56 -42.26
CA ILE A 185 28.38 -8.21 -43.27
C ILE A 185 29.72 -7.49 -43.34
N PHE A 186 30.81 -8.22 -43.10
CA PHE A 186 32.13 -7.64 -42.92
C PHE A 186 33.11 -8.20 -43.95
N ASN A 187 33.98 -7.33 -44.44
CA ASN A 187 35.20 -7.80 -45.09
C ASN A 187 36.16 -8.29 -44.01
N LYS A 188 36.92 -9.34 -44.35
CA LYS A 188 37.70 -10.04 -43.33
C LYS A 188 38.81 -9.18 -42.74
N SER A 189 39.14 -8.04 -43.35
CA SER A 189 40.12 -7.13 -42.77
C SER A 189 39.75 -6.68 -41.37
N ILE A 190 38.45 -6.68 -41.03
CA ILE A 190 38.01 -6.31 -39.69
C ILE A 190 38.63 -7.20 -38.64
N LEU A 191 39.04 -8.43 -39.01
CA LEU A 191 39.66 -9.31 -38.03
C LEU A 191 40.95 -8.71 -37.48
N ASP A 192 41.59 -7.81 -38.24
CA ASP A 192 42.77 -7.13 -37.72
C ASP A 192 42.40 -6.13 -36.64
N ARG A 193 41.24 -5.47 -36.79
CA ARG A 193 40.84 -4.44 -35.83
C ARG A 193 40.44 -5.04 -34.50
N ILE A 194 39.81 -6.21 -34.52
CA ILE A 194 39.27 -6.80 -33.28
C ILE A 194 40.42 -7.37 -32.46
N PRO A 195 40.57 -6.98 -31.20
CA PRO A 195 41.65 -7.51 -30.38
C PRO A 195 41.28 -8.87 -29.81
N PRO A 196 42.27 -9.71 -29.48
CA PRO A 196 41.98 -11.03 -28.90
C PRO A 196 41.71 -10.96 -27.40
N ARG A 197 40.56 -10.37 -27.06
CA ARG A 197 40.15 -10.20 -25.66
C ARG A 197 38.65 -9.93 -25.65
N ARG A 198 38.11 -9.82 -24.44
CA ARG A 198 36.70 -9.50 -24.29
C ARG A 198 36.42 -8.10 -24.81
N ALA A 199 35.48 -7.97 -25.73
CA ALA A 199 35.14 -6.68 -26.31
C ALA A 199 33.69 -6.69 -26.74
N SER A 200 33.12 -5.56 -27.08
CA SER A 200 31.77 -5.52 -27.62
C SER A 200 31.70 -4.86 -28.99
N ILE A 201 31.12 -5.51 -29.98
CA ILE A 201 31.02 -4.96 -31.33
C ILE A 201 30.18 -3.70 -31.27
N GLU A 202 29.14 -3.70 -30.47
CA GLU A 202 28.32 -2.51 -30.32
C GLU A 202 28.97 -1.30 -29.67
N LYS A 203 29.80 -1.48 -28.66
CA LYS A 203 30.38 -0.33 -27.93
C LYS A 203 31.90 -0.12 -28.03
N GLU A 204 32.60 -0.98 -28.74
CA GLU A 204 34.03 -0.79 -28.95
C GLU A 204 34.41 -0.71 -30.43
N ILE A 205 34.09 -1.74 -31.21
CA ILE A 205 34.50 -1.77 -32.61
C ILE A 205 33.68 -0.78 -33.44
N PHE A 206 32.36 -0.76 -33.23
CA PHE A 206 31.49 0.06 -34.07
C PHE A 206 31.73 1.57 -33.94
N PRO A 207 31.90 2.15 -32.75
CA PRO A 207 32.29 3.58 -32.71
C PRO A 207 33.58 3.86 -33.46
N ALA A 208 34.56 2.97 -33.36
CA ALA A 208 35.81 3.16 -34.10
C ALA A 208 35.58 3.13 -35.60
N MET A 209 34.76 2.19 -36.08
CA MET A 209 34.45 2.12 -37.50
C MET A 209 33.69 3.36 -37.96
N ALA A 210 32.76 3.84 -37.15
CA ALA A 210 32.01 5.04 -37.51
C ALA A 210 32.92 6.26 -37.59
N ALA A 211 33.85 6.39 -36.64
CA ALA A 211 34.81 7.49 -36.69
C ALA A 211 35.70 7.37 -37.92
N GLU A 212 36.15 6.14 -38.24
CA GLU A 212 37.00 5.94 -39.40
C GLU A 212 36.27 6.12 -40.71
N GLY A 213 34.94 6.11 -40.69
CA GLY A 213 34.17 6.29 -41.92
C GLY A 213 34.02 5.04 -42.76
N GLN A 214 34.30 3.87 -42.21
CA GLN A 214 34.16 2.61 -42.93
C GLN A 214 32.89 1.86 -42.56
N LEU A 215 31.96 2.51 -41.85
CA LEU A 215 30.73 1.88 -41.41
C LEU A 215 29.55 2.45 -42.20
N TYR A 216 28.80 1.57 -42.85
CA TYR A 216 27.70 1.98 -43.71
C TYR A 216 26.41 1.29 -43.28
N ALA A 217 25.31 2.04 -43.28
CA ALA A 217 24.02 1.54 -42.81
C ALA A 217 23.21 0.98 -43.96
N PHE A 218 22.47 -0.09 -43.68
CA PHE A 218 21.56 -0.72 -44.62
C PHE A 218 20.15 -0.63 -44.05
N ASN A 219 19.24 -0.02 -44.80
CA ASN A 219 17.87 0.15 -44.32
C ASN A 219 17.10 -1.16 -44.45
N LEU A 220 16.13 -1.36 -43.55
CA LEU A 220 15.31 -2.56 -43.51
C LEU A 220 13.87 -2.18 -43.81
N GLU A 221 13.37 -2.61 -44.97
CA GLU A 221 12.02 -2.27 -45.38
C GLU A 221 10.97 -3.08 -44.64
N GLY A 222 11.22 -4.36 -44.41
CA GLY A 222 10.24 -5.24 -43.81
C GLY A 222 10.19 -5.12 -42.31
N PHE A 223 9.40 -6.01 -41.70
CA PHE A 223 9.27 -6.04 -40.25
C PHE A 223 10.54 -6.56 -39.61
N TRP A 224 10.72 -6.22 -38.34
CA TRP A 224 11.89 -6.64 -37.58
C TRP A 224 11.55 -6.64 -36.10
N MET A 225 12.11 -7.60 -35.37
CA MET A 225 11.90 -7.64 -33.93
C MET A 225 13.07 -8.35 -33.25
N ASP A 226 13.55 -7.73 -32.18
CA ASP A 226 14.60 -8.30 -31.34
C ASP A 226 13.90 -9.13 -30.26
N VAL A 227 13.67 -10.40 -30.56
CA VAL A 227 12.91 -11.28 -29.66
C VAL A 227 13.92 -11.86 -28.66
N GLY A 228 14.22 -11.08 -27.62
CA GLY A 228 15.12 -11.50 -26.57
C GLY A 228 14.49 -11.30 -25.22
N GLN A 229 13.29 -10.71 -25.22
CA GLN A 229 12.48 -10.50 -24.05
C GLN A 229 11.10 -11.11 -24.26
N PRO A 230 10.43 -11.55 -23.19
CA PRO A 230 9.10 -12.17 -23.38
C PRO A 230 8.10 -11.25 -24.06
N LYS A 231 8.09 -9.96 -23.72
CA LYS A 231 7.21 -9.03 -24.41
C LYS A 231 7.57 -8.92 -25.89
N ASP A 232 8.86 -8.73 -26.18
CA ASP A 232 9.31 -8.72 -27.57
C ASP A 232 9.11 -10.08 -28.22
N TYR A 233 9.27 -11.17 -27.46
CA TYR A 233 8.99 -12.50 -28.02
C TYR A 233 7.55 -12.59 -28.52
N ILE A 234 6.59 -12.18 -27.67
CA ILE A 234 5.19 -12.29 -28.04
C ILE A 234 4.87 -11.39 -29.22
N LEU A 235 5.34 -10.13 -29.17
CA LEU A 235 4.98 -9.19 -30.22
C LEU A 235 5.65 -9.56 -31.54
N GLY A 236 6.88 -10.06 -31.50
CA GLY A 236 7.54 -10.54 -32.70
C GLY A 236 6.89 -11.79 -33.26
N MET A 237 6.39 -12.67 -32.40
CA MET A 237 5.62 -13.81 -32.88
C MET A 237 4.35 -13.36 -33.59
N THR A 238 3.68 -12.34 -33.03
CA THR A 238 2.51 -11.76 -33.68
C THR A 238 2.86 -11.20 -35.05
N LYS A 239 4.00 -10.52 -35.16
CA LYS A 239 4.43 -9.96 -36.44
C LYS A 239 4.84 -11.06 -37.42
N PHE A 240 5.37 -12.17 -36.91
CA PHE A 240 6.06 -13.15 -37.75
C PHE A 240 5.12 -14.21 -38.31
N ILE A 241 4.18 -14.70 -37.50
CA ILE A 241 3.32 -15.82 -37.91
C ILE A 241 2.60 -15.54 -39.23
N PRO A 242 2.04 -14.34 -39.47
CA PRO A 242 1.41 -14.09 -40.77
C PRO A 242 2.34 -14.29 -41.96
N SER A 243 3.64 -14.05 -41.79
CA SER A 243 4.58 -14.30 -42.88
C SER A 243 4.74 -15.80 -43.12
N LEU A 244 4.75 -16.60 -42.06
CA LEU A 244 5.08 -18.02 -42.14
C LEU A 244 3.87 -18.93 -42.30
N VAL A 245 2.64 -18.40 -42.27
CA VAL A 245 1.48 -19.27 -42.35
C VAL A 245 1.46 -20.05 -43.67
N HIS A 246 1.73 -19.38 -44.79
CA HIS A 246 1.72 -20.06 -46.07
C HIS A 246 3.00 -20.85 -46.31
N GLY A 247 4.08 -20.52 -45.59
CA GLY A 247 5.33 -21.22 -45.79
C GLY A 247 5.29 -22.66 -45.32
N ASN A 248 4.63 -22.92 -44.21
CA ASN A 248 4.60 -24.23 -43.58
C ASN A 248 3.21 -24.84 -43.65
N ARG A 249 3.12 -26.10 -43.20
CA ARG A 249 1.86 -26.85 -43.16
C ARG A 249 1.18 -26.76 -41.80
N GLU A 250 1.44 -25.71 -41.04
CA GLU A 250 0.87 -25.57 -39.71
C GLU A 250 0.01 -24.32 -39.61
N THR A 256 -10.43 -21.39 -44.53
CA THR A 256 -11.00 -20.10 -44.20
C THR A 256 -10.02 -19.26 -43.38
N GLU A 257 -10.51 -18.65 -42.31
CA GLU A 257 -9.67 -17.89 -41.38
C GLU A 257 -8.99 -18.88 -40.43
N ALA A 258 -8.03 -19.61 -40.98
CA ALA A 258 -7.45 -20.72 -40.24
C ALA A 258 -6.07 -21.07 -40.80
N VAL A 259 -5.33 -21.83 -40.00
CA VAL A 259 -4.10 -22.47 -40.42
C VAL A 259 -4.14 -23.97 -40.21
N GLU A 260 -4.65 -24.41 -39.06
CA GLU A 260 -4.82 -25.83 -38.73
C GLU A 260 -6.15 -25.93 -37.99
N HIS A 261 -7.23 -26.21 -38.73
CA HIS A 261 -8.58 -26.10 -38.20
C HIS A 261 -9.23 -27.44 -37.85
N GLN A 262 -8.64 -28.56 -38.24
CA GLN A 262 -9.26 -29.87 -38.02
C GLN A 262 -8.23 -30.86 -37.48
N ARG A 263 -7.29 -30.39 -36.68
CA ARG A 263 -6.24 -31.27 -36.16
C ARG A 263 -6.81 -32.26 -35.14
N GLY A 264 -7.58 -31.77 -34.17
CA GLY A 264 -8.14 -32.63 -33.15
C GLY A 264 -9.60 -32.33 -32.85
N GLY A 265 -10.47 -33.31 -33.08
CA GLY A 265 -11.89 -33.09 -32.85
C GLY A 265 -12.40 -31.94 -33.71
N ARG A 266 -13.10 -31.01 -33.06
CA ARG A 266 -13.57 -29.80 -33.71
C ARG A 266 -13.24 -28.62 -32.82
N PHE A 267 -12.41 -27.71 -33.32
CA PHE A 267 -12.01 -26.53 -32.56
C PHE A 267 -11.97 -25.34 -33.52
N THR A 268 -11.94 -24.15 -32.93
CA THR A 268 -12.05 -22.91 -33.68
C THR A 268 -10.72 -22.17 -33.68
N VAL A 269 -10.38 -21.57 -34.82
CA VAL A 269 -9.17 -20.76 -34.98
C VAL A 269 -9.60 -19.35 -35.34
N ILE A 270 -9.10 -18.36 -34.60
CA ILE A 270 -9.52 -16.97 -34.78
C ILE A 270 -8.62 -16.21 -35.74
N GLY A 271 -7.50 -16.78 -36.16
CA GLY A 271 -6.62 -16.10 -37.08
C GLY A 271 -5.43 -16.97 -37.45
N ALA A 272 -4.29 -16.32 -37.61
CA ALA A 272 -3.06 -17.05 -37.89
C ALA A 272 -2.58 -17.77 -36.64
N SER A 273 -2.02 -18.96 -36.83
CA SER A 273 -1.47 -19.74 -35.73
C SER A 273 -0.49 -20.75 -36.31
N LEU A 274 0.10 -21.56 -35.44
CA LEU A 274 1.04 -22.61 -35.84
C LEU A 274 0.84 -23.80 -34.91
N ILE A 275 0.12 -24.80 -35.37
CA ILE A 275 -0.19 -26.00 -34.60
C ILE A 275 0.57 -27.16 -35.22
N ASP A 276 1.42 -27.80 -34.43
CA ASP A 276 2.21 -28.92 -34.93
C ASP A 276 1.31 -30.09 -35.30
N PRO A 277 1.66 -30.85 -36.34
CA PRO A 277 0.83 -32.01 -36.72
C PRO A 277 0.66 -33.03 -35.60
N SER A 278 1.66 -33.19 -34.72
CA SER A 278 1.61 -34.19 -33.67
C SER A 278 0.87 -33.71 -32.43
N ALA A 279 0.48 -32.45 -32.37
CA ALA A 279 -0.26 -31.93 -31.22
C ALA A 279 -1.73 -32.29 -31.34
N LYS A 280 -2.34 -32.66 -30.22
CA LYS A 280 -3.77 -32.94 -30.14
C LYS A 280 -4.47 -31.75 -29.53
N ILE A 281 -5.39 -31.15 -30.28
CA ILE A 281 -6.03 -29.91 -29.82
C ILE A 281 -7.49 -30.17 -29.47
N GLY A 282 -7.73 -30.60 -28.23
CA GLY A 282 -8.98 -30.63 -27.49
C GLY A 282 -10.19 -30.99 -28.32
N ASP A 283 -11.31 -30.37 -27.96
CA ASP A 283 -12.57 -30.46 -28.68
C ASP A 283 -13.41 -29.24 -28.30
N GLY A 284 -13.59 -28.33 -29.25
CA GLY A 284 -14.23 -27.07 -28.94
C GLY A 284 -13.30 -25.98 -28.45
N ALA A 285 -11.99 -26.21 -28.50
CA ALA A 285 -11.00 -25.23 -28.09
C ALA A 285 -10.97 -24.06 -29.08
N VAL A 286 -10.39 -22.95 -28.64
CA VAL A 286 -10.31 -21.73 -29.43
C VAL A 286 -8.84 -21.32 -29.49
N ILE A 287 -8.16 -21.72 -30.56
CA ILE A 287 -6.77 -21.36 -30.78
C ILE A 287 -6.77 -19.96 -31.42
N GLY A 288 -6.38 -18.96 -30.64
CA GLY A 288 -6.53 -17.58 -31.03
C GLY A 288 -5.54 -17.13 -32.08
N PRO A 289 -5.52 -15.82 -32.36
CA PRO A 289 -4.63 -15.29 -33.40
C PRO A 289 -3.19 -15.25 -32.93
N TYR A 290 -2.28 -15.66 -33.80
CA TYR A 290 -0.84 -15.65 -33.53
C TYR A 290 -0.51 -16.48 -32.29
N ALA A 291 -0.82 -17.77 -32.37
CA ALA A 291 -0.57 -18.73 -31.31
C ALA A 291 0.27 -19.87 -31.85
N SER A 292 1.18 -20.38 -31.02
CA SER A 292 2.07 -21.46 -31.39
C SER A 292 1.86 -22.64 -30.46
N ILE A 293 1.65 -23.82 -31.04
CA ILE A 293 1.49 -25.06 -30.28
C ILE A 293 2.62 -26.00 -30.69
N GLY A 294 3.40 -26.45 -29.70
CA GLY A 294 4.54 -27.30 -29.97
C GLY A 294 4.15 -28.73 -30.27
N ALA A 295 5.17 -29.52 -30.59
CA ALA A 295 4.95 -30.93 -30.92
C ALA A 295 4.59 -31.73 -29.68
N ASN A 296 3.73 -32.72 -29.87
CA ASN A 296 3.30 -33.65 -28.82
C ASN A 296 2.52 -32.96 -27.71
N CYS A 297 2.26 -31.66 -27.88
CA CYS A 297 1.48 -30.93 -26.89
C CYS A 297 0.02 -31.39 -26.90
N VAL A 298 -0.60 -31.37 -25.72
CA VAL A 298 -1.98 -31.75 -25.54
C VAL A 298 -2.75 -30.55 -25.00
N ILE A 299 -3.87 -30.22 -25.64
CA ILE A 299 -4.69 -29.07 -25.30
C ILE A 299 -6.05 -29.57 -24.85
N GLY A 300 -6.59 -28.96 -23.79
CA GLY A 300 -7.85 -29.39 -23.23
C GLY A 300 -9.03 -29.03 -24.12
N GLU A 301 -10.22 -29.38 -23.64
CA GLU A 301 -11.43 -29.29 -24.47
C GLU A 301 -11.74 -27.85 -24.85
N SER A 302 -11.83 -26.96 -23.87
CA SER A 302 -12.31 -25.61 -24.10
C SER A 302 -11.26 -24.57 -23.75
N CYS A 303 -10.03 -24.81 -24.19
CA CYS A 303 -8.96 -23.86 -23.93
C CYS A 303 -9.09 -22.65 -24.85
N ARG A 304 -8.38 -21.58 -24.47
CA ARG A 304 -8.32 -20.34 -25.24
C ARG A 304 -6.85 -19.96 -25.36
N ILE A 305 -6.24 -20.30 -26.48
CA ILE A 305 -4.83 -20.05 -26.71
C ILE A 305 -4.78 -18.74 -27.48
N ASP A 306 -4.83 -17.63 -26.76
CA ASP A 306 -5.06 -16.31 -27.36
C ASP A 306 -3.86 -15.82 -28.14
N ASN A 307 -2.74 -15.60 -27.44
CA ASN A 307 -1.49 -15.16 -28.04
C ASN A 307 -0.32 -15.87 -27.39
N ALA A 308 -0.54 -17.09 -26.94
CA ALA A 308 0.45 -17.81 -26.15
C ALA A 308 1.27 -18.74 -27.04
N ALA A 309 2.44 -19.12 -26.53
CA ALA A 309 3.29 -20.11 -27.17
C ALA A 309 3.39 -21.32 -26.24
N ILE A 310 2.99 -22.47 -26.75
CA ILE A 310 3.04 -23.73 -26.00
C ILE A 310 4.19 -24.55 -26.58
N LEU A 311 5.17 -24.85 -25.75
CA LEU A 311 6.43 -25.44 -26.18
C LEU A 311 6.47 -26.92 -25.85
N GLU A 312 6.86 -27.75 -26.83
CA GLU A 312 7.10 -29.17 -26.66
C GLU A 312 6.01 -29.90 -25.90
N ASN A 313 6.40 -30.86 -25.05
CA ASN A 313 5.46 -31.80 -24.43
C ASN A 313 4.73 -31.16 -23.25
N SER A 314 4.04 -30.06 -23.53
CA SER A 314 3.25 -29.36 -22.53
C SER A 314 1.80 -29.80 -22.61
N LYS A 315 1.16 -29.94 -21.45
CA LYS A 315 -0.23 -30.35 -21.36
C LYS A 315 -1.04 -29.26 -20.69
N VAL A 316 -2.18 -28.91 -21.30
CA VAL A 316 -3.05 -27.85 -20.81
C VAL A 316 -4.43 -28.44 -20.57
N GLY A 317 -4.98 -28.19 -19.37
CA GLY A 317 -6.26 -28.77 -19.01
C GLY A 317 -7.44 -28.04 -19.63
N LYS A 318 -8.62 -28.65 -19.48
CA LYS A 318 -9.82 -28.12 -20.10
C LYS A 318 -10.27 -26.83 -19.42
N GLY A 319 -10.54 -25.81 -20.22
CA GLY A 319 -10.98 -24.52 -19.73
C GLY A 319 -9.88 -23.51 -19.45
N THR A 320 -8.62 -23.91 -19.55
CA THR A 320 -7.52 -23.00 -19.29
C THR A 320 -7.46 -21.91 -20.35
N MET A 321 -7.11 -20.70 -19.94
CA MET A 321 -6.95 -19.57 -20.84
C MET A 321 -5.59 -18.94 -20.61
N VAL A 322 -4.65 -19.19 -21.53
CA VAL A 322 -3.34 -18.57 -21.50
C VAL A 322 -3.25 -17.59 -22.66
N SER A 323 -2.92 -16.34 -22.35
CA SER A 323 -2.93 -15.26 -23.32
C SER A 323 -1.64 -14.45 -23.20
N ARG A 324 -0.97 -14.25 -24.33
CA ARG A 324 0.23 -13.40 -24.39
C ARG A 324 1.32 -13.90 -23.44
N SER A 325 1.30 -15.22 -23.16
CA SER A 325 2.21 -15.81 -22.20
C SER A 325 2.94 -16.99 -22.84
N ILE A 326 4.06 -17.35 -22.24
CA ILE A 326 4.90 -18.46 -22.72
C ILE A 326 4.90 -19.53 -21.64
N VAL A 327 4.63 -20.78 -22.05
CA VAL A 327 4.75 -21.92 -21.16
C VAL A 327 5.95 -22.74 -21.62
N GLY A 328 6.55 -23.45 -20.67
CA GLY A 328 7.81 -24.13 -20.90
C GLY A 328 7.67 -25.37 -21.76
N TRP A 329 8.66 -26.27 -21.60
CA TRP A 329 8.75 -27.42 -22.49
C TRP A 329 7.89 -28.58 -22.01
N ASN A 330 7.99 -28.93 -20.73
CA ASN A 330 7.32 -30.10 -20.18
C ASN A 330 6.36 -29.71 -19.07
N ASN A 331 5.58 -28.66 -19.29
CA ASN A 331 4.65 -28.19 -18.28
C ASN A 331 3.45 -29.12 -18.17
N ARG A 332 2.74 -29.00 -17.04
CA ARG A 332 1.45 -29.66 -16.83
C ARG A 332 0.53 -28.61 -16.22
N ILE A 333 -0.16 -27.86 -17.08
CA ILE A 333 -1.04 -26.78 -16.65
C ILE A 333 -2.36 -27.38 -16.17
N GLY A 334 -2.92 -26.78 -15.14
CA GLY A 334 -4.17 -27.24 -14.59
C GLY A 334 -5.33 -27.05 -15.55
N SER A 335 -6.53 -27.31 -15.04
CA SER A 335 -7.71 -27.30 -15.89
C SER A 335 -8.22 -25.89 -16.15
N TRP A 336 -8.64 -25.17 -15.11
CA TRP A 336 -9.33 -23.89 -15.27
C TRP A 336 -8.44 -22.70 -14.95
N CYS A 337 -7.17 -22.74 -15.35
CA CYS A 337 -6.24 -21.68 -15.02
C CYS A 337 -6.37 -20.50 -15.98
N HIS A 338 -5.79 -19.36 -15.58
CA HIS A 338 -5.64 -18.18 -16.44
C HIS A 338 -4.20 -17.68 -16.30
N ILE A 339 -3.43 -17.82 -17.37
CA ILE A 339 -2.06 -17.34 -17.42
C ILE A 339 -2.07 -16.13 -18.34
N LYS A 340 -2.18 -14.95 -17.76
CA LYS A 340 -2.45 -13.73 -18.52
C LYS A 340 -1.20 -12.85 -18.56
N ASP A 341 -1.37 -11.65 -19.13
CA ASP A 341 -0.29 -10.67 -19.30
C ASP A 341 0.93 -11.31 -19.95
N ILE A 342 2.11 -10.86 -19.55
CA ILE A 342 3.35 -11.44 -20.06
C ILE A 342 3.93 -12.34 -18.98
N SER A 343 3.59 -13.63 -19.03
CA SER A 343 4.01 -14.60 -18.04
C SER A 343 4.82 -15.69 -18.72
N VAL A 344 5.94 -16.07 -18.10
CA VAL A 344 6.83 -17.09 -18.64
C VAL A 344 6.95 -18.21 -17.63
N LEU A 345 6.80 -19.45 -18.10
CA LEU A 345 6.89 -20.63 -17.26
C LEU A 345 8.13 -21.43 -17.63
N GLY A 346 8.75 -22.03 -16.62
CA GLY A 346 10.00 -22.75 -16.81
C GLY A 346 9.82 -24.11 -17.44
N ASP A 347 10.89 -24.90 -17.37
CA ASP A 347 10.94 -26.16 -18.12
C ASP A 347 9.90 -27.16 -17.66
N ASP A 348 9.69 -27.28 -16.35
CA ASP A 348 8.87 -28.36 -15.81
C ASP A 348 7.88 -27.83 -14.77
N VAL A 349 7.34 -26.63 -15.01
CA VAL A 349 6.39 -26.05 -14.08
C VAL A 349 5.05 -26.75 -14.18
N GLU A 350 4.45 -27.09 -13.04
CA GLU A 350 3.12 -27.65 -12.97
C GLU A 350 2.22 -26.70 -12.20
N VAL A 351 1.04 -26.42 -12.75
CA VAL A 351 0.11 -25.45 -12.18
C VAL A 351 -1.16 -26.20 -11.79
N LYS A 352 -1.62 -25.98 -10.56
CA LYS A 352 -2.84 -26.62 -10.08
C LYS A 352 -4.06 -25.94 -10.69
N ASP A 353 -5.21 -26.61 -10.55
CA ASP A 353 -6.45 -26.12 -11.15
C ASP A 353 -6.90 -24.83 -10.48
N GLY A 354 -7.41 -23.90 -11.29
CA GLY A 354 -7.96 -22.66 -10.79
C GLY A 354 -6.95 -21.58 -10.47
N VAL A 355 -5.66 -21.82 -10.72
CA VAL A 355 -4.62 -20.85 -10.37
C VAL A 355 -4.58 -19.76 -11.43
N ILE A 356 -4.43 -18.52 -10.99
CA ILE A 356 -4.37 -17.36 -11.87
C ILE A 356 -2.99 -16.74 -11.75
N LEU A 357 -2.26 -16.67 -12.87
CA LEU A 357 -0.93 -16.07 -12.93
C LEU A 357 -0.98 -14.88 -13.86
N ILE A 358 -0.90 -13.68 -13.29
CA ILE A 358 -0.97 -12.44 -14.06
C ILE A 358 0.47 -11.97 -14.24
N GLY A 359 1.09 -12.40 -15.35
CA GLY A 359 2.43 -11.94 -15.68
C GLY A 359 3.50 -12.30 -14.68
N THR A 360 3.48 -13.54 -14.18
CA THR A 360 4.46 -14.02 -13.23
C THR A 360 5.40 -15.02 -13.90
N LYS A 361 6.70 -14.84 -13.67
CA LYS A 361 7.72 -15.71 -14.24
C LYS A 361 8.05 -16.80 -13.23
N VAL A 362 7.88 -18.06 -13.64
CA VAL A 362 8.09 -19.21 -12.77
C VAL A 362 9.36 -19.92 -13.21
N LEU A 363 10.26 -20.14 -12.26
CA LEU A 363 11.52 -20.82 -12.55
C LEU A 363 11.26 -22.31 -12.80
N PRO A 364 12.20 -22.99 -13.46
CA PRO A 364 11.95 -24.39 -13.83
C PRO A 364 11.77 -25.29 -12.62
N ASN A 365 11.02 -26.38 -12.83
CA ASN A 365 10.81 -27.42 -11.83
C ASN A 365 10.13 -26.88 -10.58
N LYS A 366 9.05 -26.13 -10.78
CA LYS A 366 8.25 -25.59 -9.69
C LYS A 366 6.83 -26.14 -9.76
N ASP A 367 6.14 -26.05 -8.64
CA ASP A 367 4.71 -26.36 -8.55
C ASP A 367 3.99 -25.12 -8.05
N VAL A 368 3.03 -24.63 -8.83
CA VAL A 368 2.30 -23.41 -8.50
C VAL A 368 0.90 -23.81 -8.03
N GLY A 369 0.52 -23.33 -6.86
CA GLY A 369 -0.79 -23.64 -6.32
C GLY A 369 -1.47 -22.44 -5.69
N GLU A 370 -0.87 -21.26 -5.84
CA GLU A 370 -1.38 -20.03 -5.27
C GLU A 370 -1.66 -19.02 -6.37
N HIS A 371 -2.72 -18.24 -6.19
CA HIS A 371 -3.04 -17.18 -7.14
C HIS A 371 -2.06 -16.04 -7.01
N ARG A 372 -1.54 -15.56 -8.14
CA ARG A 372 -0.64 -14.42 -8.18
C ARG A 372 -1.22 -13.38 -9.14
N PHE A 373 -1.79 -12.32 -8.58
CA PHE A 373 -2.51 -11.32 -9.36
C PHE A 373 -1.63 -10.14 -9.79
N GLU A 374 -0.35 -10.16 -9.44
CA GLU A 374 0.56 -9.08 -9.80
C GLU A 374 1.83 -9.66 -10.40
N PRO A 375 2.49 -8.92 -11.28
CA PRO A 375 3.75 -9.41 -11.86
C PRO A 375 4.78 -9.71 -10.80
N GLY A 376 5.53 -10.78 -11.01
CA GLY A 376 6.53 -11.19 -10.05
C GLY A 376 7.27 -12.42 -10.53
N ILE A 377 8.10 -12.96 -9.65
CA ILE A 377 8.91 -14.14 -9.95
C ILE A 377 8.62 -15.19 -8.88
N ILE A 378 8.41 -16.43 -9.31
CA ILE A 378 8.22 -17.56 -8.42
C ILE A 378 9.53 -18.34 -8.40
N MET A 379 10.20 -18.34 -7.26
CA MET A 379 11.49 -19.00 -7.12
C MET A 379 11.34 -20.52 -7.10
N MET B 9 -48.63 21.23 -30.57
CA MET B 9 -47.33 20.57 -30.54
C MET B 9 -47.16 19.80 -29.25
N ARG B 10 -46.45 18.67 -29.32
CA ARG B 10 -46.27 17.79 -28.18
C ARG B 10 -44.80 17.41 -28.03
N ALA B 11 -44.45 16.95 -26.84
CA ALA B 11 -43.09 16.54 -26.52
C ALA B 11 -43.09 15.10 -26.03
N VAL B 12 -41.91 14.47 -26.11
CA VAL B 12 -41.69 13.13 -25.58
C VAL B 12 -40.42 13.18 -24.74
N ILE B 13 -40.53 12.80 -23.47
CA ILE B 13 -39.39 12.79 -22.55
C ILE B 13 -39.05 11.35 -22.24
N LEU B 14 -37.78 10.99 -22.44
CA LEU B 14 -37.31 9.63 -22.19
C LEU B 14 -37.08 9.48 -20.69
N VAL B 15 -38.08 8.98 -19.98
CA VAL B 15 -38.07 8.92 -18.52
C VAL B 15 -37.75 7.53 -18.00
N GLY B 16 -37.40 6.60 -18.89
CA GLY B 16 -36.99 5.27 -18.49
C GLY B 16 -35.57 5.27 -17.93
N GLY B 17 -34.88 4.18 -18.17
CA GLY B 17 -33.48 4.08 -17.78
C GLY B 17 -33.30 3.72 -16.32
N PHE B 18 -32.22 3.00 -16.01
CA PHE B 18 -31.99 2.52 -14.66
C PHE B 18 -31.26 3.50 -13.77
N GLY B 19 -30.78 4.61 -14.32
CA GLY B 19 -30.06 5.58 -13.50
C GLY B 19 -28.80 5.02 -12.88
N THR B 20 -27.97 4.34 -13.66
CA THR B 20 -26.83 3.62 -13.11
C THR B 20 -25.80 4.57 -12.48
N ARG B 21 -25.55 5.72 -13.10
CA ARG B 21 -24.53 6.61 -12.57
C ARG B 21 -25.00 7.32 -11.30
N LEU B 22 -26.27 7.67 -11.21
CA LEU B 22 -26.85 8.17 -9.96
C LEU B 22 -27.44 7.04 -9.13
N ARG B 23 -26.67 5.98 -8.94
CA ARG B 23 -27.21 4.74 -8.39
C ARG B 23 -27.68 4.85 -6.95
N PRO B 24 -26.91 5.45 -6.03
CA PRO B 24 -27.39 5.49 -4.63
C PRO B 24 -28.72 6.19 -4.46
N LEU B 25 -29.04 7.15 -5.34
CA LEU B 25 -30.31 7.84 -5.26
C LEU B 25 -31.39 7.24 -6.15
N THR B 26 -31.00 6.56 -7.22
CA THR B 26 -31.97 5.99 -8.16
C THR B 26 -32.42 4.58 -7.77
N LEU B 27 -31.93 4.05 -6.66
CA LEU B 27 -32.46 2.79 -6.15
C LEU B 27 -33.80 2.98 -5.43
N THR B 28 -34.18 4.23 -5.14
CA THR B 28 -35.44 4.56 -4.49
C THR B 28 -36.44 5.20 -5.44
N THR B 29 -36.01 6.20 -6.20
CA THR B 29 -36.85 6.89 -7.17
C THR B 29 -36.19 6.86 -8.54
N PRO B 30 -36.97 6.93 -9.62
CA PRO B 30 -36.38 6.98 -10.96
C PRO B 30 -35.56 8.24 -11.15
N LYS B 31 -34.65 8.17 -12.13
CA LYS B 31 -33.79 9.31 -12.42
C LYS B 31 -34.55 10.60 -12.71
N PRO B 32 -35.64 10.60 -13.48
CA PRO B 32 -36.38 11.87 -13.68
C PRO B 32 -36.92 12.48 -12.41
N LEU B 33 -37.25 11.68 -11.41
CA LEU B 33 -37.87 12.17 -10.19
C LEU B 33 -36.86 12.50 -9.09
N VAL B 34 -35.57 12.32 -9.33
CA VAL B 34 -34.55 12.70 -8.36
C VAL B 34 -34.56 14.22 -8.25
N PRO B 35 -34.77 14.78 -7.06
CA PRO B 35 -34.86 16.24 -6.95
C PRO B 35 -33.55 16.92 -7.30
N PHE B 36 -33.64 17.85 -8.25
CA PHE B 36 -32.54 18.74 -8.59
C PHE B 36 -32.90 20.14 -8.09
N CYS B 37 -32.00 20.74 -7.32
CA CYS B 37 -32.32 21.95 -6.55
C CYS B 37 -33.48 21.60 -5.63
N ASN B 38 -34.69 22.13 -5.85
CA ASN B 38 -35.83 21.79 -5.02
C ASN B 38 -37.00 21.23 -5.83
N LYS B 39 -36.73 20.75 -7.04
CA LYS B 39 -37.75 20.16 -7.89
C LYS B 39 -37.18 18.97 -8.62
N PRO B 40 -38.02 18.04 -9.07
CA PRO B 40 -37.55 16.98 -9.95
C PRO B 40 -37.06 17.53 -11.28
N MET B 41 -36.10 16.83 -11.87
CA MET B 41 -35.51 17.25 -13.14
C MET B 41 -36.57 17.35 -14.22
N ILE B 42 -37.42 16.33 -14.31
CA ILE B 42 -38.51 16.32 -15.28
C ILE B 42 -39.44 17.49 -15.05
N ILE B 43 -39.56 17.97 -13.80
CA ILE B 43 -40.41 19.12 -13.54
C ILE B 43 -39.82 20.39 -14.14
N HIS B 44 -38.49 20.55 -14.04
CA HIS B 44 -37.85 21.67 -14.71
C HIS B 44 -38.08 21.61 -16.22
N GLN B 45 -37.91 20.43 -16.81
CA GLN B 45 -38.11 20.32 -18.25
C GLN B 45 -39.56 20.57 -18.65
N ILE B 46 -40.52 20.09 -17.85
CA ILE B 46 -41.93 20.30 -18.16
C ILE B 46 -42.30 21.77 -18.01
N GLU B 47 -41.72 22.45 -17.01
CA GLU B 47 -41.97 23.89 -16.87
C GLU B 47 -41.43 24.65 -18.07
N ALA B 48 -40.25 24.28 -18.55
CA ALA B 48 -39.72 24.90 -19.76
C ALA B 48 -40.64 24.66 -20.95
N LEU B 49 -41.09 23.41 -21.13
CA LEU B 49 -41.96 23.08 -22.25
C LEU B 49 -43.28 23.84 -22.18
N LYS B 50 -43.85 23.96 -20.97
CA LYS B 50 -45.06 24.74 -20.80
C LYS B 50 -44.82 26.22 -21.14
N ALA B 51 -43.65 26.74 -20.76
CA ALA B 51 -43.29 28.10 -21.16
C ALA B 51 -43.27 28.23 -22.67
N VAL B 52 -42.82 27.17 -23.38
CA VAL B 52 -42.91 27.18 -24.84
C VAL B 52 -44.36 27.21 -25.28
N GLY B 53 -45.21 26.39 -24.65
CA GLY B 53 -46.59 26.22 -25.06
C GLY B 53 -47.00 24.79 -25.29
N VAL B 54 -46.14 23.81 -25.00
CA VAL B 54 -46.48 22.41 -25.20
C VAL B 54 -47.45 21.96 -24.12
N THR B 55 -48.58 21.41 -24.53
CA THR B 55 -49.60 20.94 -23.60
C THR B 55 -49.59 19.43 -23.41
N GLU B 56 -49.07 18.67 -24.35
CA GLU B 56 -49.05 17.22 -24.30
C GLU B 56 -47.61 16.74 -24.17
N VAL B 57 -47.33 15.98 -23.11
CA VAL B 57 -46.03 15.39 -22.87
C VAL B 57 -46.20 13.89 -22.76
N ILE B 58 -45.38 13.14 -23.50
CA ILE B 58 -45.45 11.69 -23.52
C ILE B 58 -44.22 11.16 -22.80
N LEU B 59 -44.44 10.40 -21.73
CA LEU B 59 -43.37 9.89 -20.89
C LEU B 59 -43.14 8.42 -21.21
N ALA B 60 -41.91 8.07 -21.57
CA ALA B 60 -41.54 6.70 -21.92
C ALA B 60 -41.08 6.00 -20.64
N VAL B 61 -42.02 5.38 -19.94
CA VAL B 61 -41.78 4.84 -18.61
C VAL B 61 -41.44 3.36 -18.73
N ALA B 62 -40.22 3.01 -18.34
CA ALA B 62 -39.80 1.61 -18.23
C ALA B 62 -39.37 1.26 -16.81
N TYR B 63 -38.53 2.09 -16.19
CA TYR B 63 -38.13 1.89 -14.81
C TYR B 63 -39.21 2.40 -13.87
N ARG B 64 -39.63 1.56 -12.93
CA ARG B 64 -40.74 1.85 -12.02
C ARG B 64 -41.96 2.27 -12.82
N PRO B 65 -42.63 1.34 -13.53
CA PRO B 65 -43.73 1.72 -14.43
C PRO B 65 -44.81 2.54 -13.75
N GLU B 66 -45.41 2.01 -12.70
CA GLU B 66 -46.49 2.69 -12.01
C GLU B 66 -46.26 2.90 -10.52
N ALA B 67 -45.27 2.22 -9.93
CA ALA B 67 -45.01 2.40 -8.50
C ALA B 67 -44.57 3.83 -8.19
N MET B 68 -43.72 4.41 -9.04
CA MET B 68 -43.16 5.73 -8.80
C MET B 68 -43.63 6.76 -9.82
N LYS B 69 -43.42 6.51 -11.11
CA LYS B 69 -43.66 7.54 -12.11
C LYS B 69 -45.13 7.93 -12.17
N GLU B 70 -46.03 6.94 -12.14
CA GLU B 70 -47.45 7.25 -12.26
C GLU B 70 -47.99 7.95 -11.02
N GLN B 71 -47.63 7.45 -9.83
CA GLN B 71 -48.16 8.01 -8.60
C GLN B 71 -47.57 9.38 -8.31
N MET B 72 -46.24 9.52 -8.44
CA MET B 72 -45.58 10.77 -8.07
C MET B 72 -45.86 11.89 -9.06
N ASP B 73 -46.26 11.56 -10.29
CA ASP B 73 -46.54 12.60 -11.27
C ASP B 73 -47.97 13.12 -11.10
N GLU B 74 -48.30 13.55 -9.87
CA GLU B 74 -49.50 14.34 -9.63
C GLU B 74 -49.32 15.79 -10.06
N TRP B 75 -48.11 16.15 -10.51
CA TRP B 75 -47.86 17.49 -11.03
C TRP B 75 -48.72 17.79 -12.24
N SER B 76 -49.29 16.77 -12.87
CA SER B 76 -50.25 17.01 -13.96
C SER B 76 -51.44 17.83 -13.48
N ARG B 77 -51.81 17.69 -12.21
CA ARG B 77 -52.86 18.56 -11.67
C ARG B 77 -52.41 20.02 -11.66
N LYS B 78 -51.14 20.25 -11.33
CA LYS B 78 -50.55 21.58 -11.43
C LYS B 78 -50.02 21.80 -12.85
N LEU B 79 -49.39 22.96 -13.06
CA LEU B 79 -48.62 23.25 -14.26
C LEU B 79 -49.49 23.34 -15.51
N GLY B 80 -50.78 23.05 -15.38
CA GLY B 80 -51.68 23.08 -16.52
C GLY B 80 -51.28 22.18 -17.67
N VAL B 81 -50.63 21.05 -17.37
CA VAL B 81 -50.12 20.14 -18.39
C VAL B 81 -50.63 18.74 -18.10
N SER B 82 -50.72 17.93 -19.16
CA SER B 82 -51.21 16.56 -19.07
C SER B 82 -50.20 15.61 -19.68
N PHE B 83 -50.02 14.46 -19.04
CA PHE B 83 -49.10 13.43 -19.50
C PHE B 83 -49.87 12.22 -20.00
N VAL B 84 -49.44 11.67 -21.13
CA VAL B 84 -50.14 10.55 -21.75
C VAL B 84 -49.96 9.28 -20.92
N PHE B 85 -48.73 8.99 -20.51
CA PHE B 85 -48.41 7.81 -19.71
C PHE B 85 -48.87 6.52 -20.39
N SER B 86 -48.64 6.43 -21.71
CA SER B 86 -49.02 5.25 -22.48
C SER B 86 -47.82 4.55 -23.10
N VAL B 87 -46.66 4.65 -22.46
CA VAL B 87 -45.45 4.05 -23.01
C VAL B 87 -44.83 3.13 -21.96
N GLU B 88 -45.66 2.54 -21.11
CA GLU B 88 -45.18 1.49 -20.23
C GLU B 88 -44.70 0.31 -21.07
N GLU B 89 -43.52 -0.21 -20.73
CA GLU B 89 -42.86 -1.17 -21.60
C GLU B 89 -41.76 -1.88 -20.83
N GLU B 90 -41.20 -2.90 -21.48
CA GLU B 90 -39.93 -3.47 -21.09
C GLU B 90 -38.81 -2.62 -21.67
N PRO B 91 -37.57 -2.74 -21.13
CA PRO B 91 -36.47 -1.89 -21.64
C PRO B 91 -36.30 -1.99 -23.15
N LEU B 92 -36.56 -0.87 -23.84
CA LEU B 92 -36.51 -0.82 -25.30
C LEU B 92 -35.44 0.13 -25.79
N GLY B 93 -34.44 0.42 -24.96
CA GLY B 93 -33.37 1.30 -25.37
C GLY B 93 -33.81 2.76 -25.45
N THR B 94 -32.92 3.57 -26.02
CA THR B 94 -33.17 5.00 -26.12
C THR B 94 -34.13 5.35 -27.25
N ALA B 95 -34.11 4.60 -28.35
CA ALA B 95 -34.90 4.94 -29.53
C ALA B 95 -36.19 4.14 -29.66
N GLY B 96 -36.27 2.95 -29.06
CA GLY B 96 -37.45 2.12 -29.12
C GLY B 96 -38.73 2.74 -28.62
N PRO B 97 -38.72 3.51 -27.54
CA PRO B 97 -39.97 4.14 -27.07
C PRO B 97 -40.65 5.01 -28.11
N LEU B 98 -39.88 5.67 -28.99
CA LEU B 98 -40.51 6.42 -30.07
C LEU B 98 -41.28 5.49 -31.01
N ALA B 99 -40.71 4.33 -31.33
CA ALA B 99 -41.43 3.36 -32.15
C ALA B 99 -42.68 2.87 -31.43
N LEU B 100 -42.59 2.66 -30.11
CA LEU B 100 -43.76 2.21 -29.37
C LEU B 100 -44.85 3.27 -29.35
N ALA B 101 -44.48 4.53 -29.19
CA ALA B 101 -45.42 5.64 -29.10
C ALA B 101 -45.81 6.21 -30.45
N ARG B 102 -45.31 5.61 -31.54
CA ARG B 102 -45.77 5.95 -32.88
C ARG B 102 -47.28 6.16 -32.96
N ASP B 103 -48.04 5.24 -32.39
CA ASP B 103 -49.51 5.30 -32.51
C ASP B 103 -50.08 6.51 -31.78
N ILE B 104 -49.65 6.73 -30.53
CA ILE B 104 -50.20 7.84 -29.76
C ILE B 104 -49.75 9.18 -30.34
N LEU B 105 -48.58 9.21 -30.97
CA LEU B 105 -48.14 10.43 -31.65
C LEU B 105 -49.00 10.74 -32.86
N MET B 106 -49.75 9.77 -33.37
CA MET B 106 -50.74 9.90 -34.44
C MET B 106 -50.12 10.23 -35.80
N GLN B 107 -48.79 10.38 -35.88
CA GLN B 107 -48.10 10.71 -37.12
C GLN B 107 -48.70 11.97 -37.76
N ASP B 108 -48.98 12.97 -36.93
CA ASP B 108 -49.52 14.22 -37.41
C ASP B 108 -48.45 15.03 -38.15
N ASP B 109 -48.89 16.10 -38.80
CA ASP B 109 -47.97 16.93 -39.57
C ASP B 109 -47.03 17.71 -38.66
N LYS B 110 -47.51 18.15 -37.50
CA LYS B 110 -46.72 18.99 -36.62
C LYS B 110 -45.53 18.23 -36.05
N PRO B 111 -44.32 18.78 -36.11
CA PRO B 111 -43.17 18.13 -35.45
C PRO B 111 -43.43 17.91 -33.96
N PHE B 112 -42.53 17.16 -33.34
CA PHE B 112 -42.63 16.87 -31.92
C PHE B 112 -41.25 16.99 -31.27
N PHE B 113 -41.24 17.34 -29.99
CA PHE B 113 -40.01 17.48 -29.24
C PHE B 113 -39.60 16.14 -28.63
N VAL B 114 -38.30 16.00 -28.37
CA VAL B 114 -37.75 14.84 -27.66
C VAL B 114 -36.72 15.36 -26.67
N LEU B 115 -36.79 14.88 -25.43
CA LEU B 115 -35.88 15.35 -24.40
C LEU B 115 -35.42 14.19 -23.52
N ASN B 116 -34.26 14.37 -22.91
CA ASN B 116 -33.76 13.47 -21.88
C ASN B 116 -33.98 14.11 -20.52
N SER B 117 -34.21 13.27 -19.51
CA SER B 117 -34.44 13.72 -18.15
C SER B 117 -33.16 13.94 -17.38
N ASP B 118 -32.04 14.15 -18.06
CA ASP B 118 -30.74 14.28 -17.43
C ASP B 118 -30.05 15.60 -17.73
N VAL B 119 -30.65 16.47 -18.52
CA VAL B 119 -30.01 17.69 -19.01
C VAL B 119 -30.64 18.89 -18.35
N THR B 120 -29.81 19.84 -17.93
CA THR B 120 -30.25 21.13 -17.42
C THR B 120 -29.55 22.23 -18.20
N CYS B 121 -30.29 23.30 -18.49
CA CYS B 121 -29.77 24.42 -19.27
C CYS B 121 -30.76 25.57 -19.15
N THR B 122 -30.49 26.65 -19.89
CA THR B 122 -31.45 27.74 -19.99
C THR B 122 -32.66 27.36 -20.83
N PHE B 123 -32.62 26.20 -21.49
CA PHE B 123 -33.68 25.67 -22.35
C PHE B 123 -34.07 26.68 -23.42
N PRO B 124 -33.18 27.04 -24.35
CA PRO B 124 -33.60 27.88 -25.48
C PRO B 124 -34.43 27.05 -26.45
N MET B 125 -35.73 27.26 -26.43
CA MET B 125 -36.65 26.49 -27.26
C MET B 125 -37.17 27.29 -28.45
N GLN B 126 -36.52 28.40 -28.78
CA GLN B 126 -36.78 29.11 -30.02
C GLN B 126 -36.33 28.34 -31.24
N GLU B 127 -35.76 27.13 -31.06
CA GLU B 127 -35.51 26.22 -32.17
C GLU B 127 -36.80 25.70 -32.79
N LEU B 128 -37.94 25.93 -32.14
CA LEU B 128 -39.22 25.65 -32.77
C LEU B 128 -39.41 26.53 -34.01
N LEU B 129 -39.45 27.85 -33.81
CA LEU B 129 -39.64 28.77 -34.93
C LEU B 129 -38.41 28.80 -35.83
N ASP B 130 -37.22 28.69 -35.24
CA ASP B 130 -35.99 28.69 -36.01
C ASP B 130 -35.71 27.31 -36.58
N PHE B 131 -34.75 27.26 -37.51
CA PHE B 131 -34.24 26.02 -38.10
C PHE B 131 -35.30 25.22 -38.84
N HIS B 132 -36.41 25.85 -39.24
CA HIS B 132 -37.38 25.19 -40.09
C HIS B 132 -36.94 25.09 -41.54
N LYS B 133 -35.74 25.55 -41.87
CA LYS B 133 -35.29 25.60 -43.26
C LYS B 133 -34.92 24.23 -43.79
N ALA B 134 -35.93 23.45 -44.16
CA ALA B 134 -35.76 22.17 -44.86
C ALA B 134 -34.85 21.21 -44.07
N HIS B 135 -35.33 20.83 -42.90
CA HIS B 135 -34.62 19.88 -42.04
C HIS B 135 -35.54 18.71 -41.72
N GLY B 136 -34.98 17.50 -41.76
CA GLY B 136 -35.68 16.37 -41.19
C GLY B 136 -35.88 16.53 -39.69
N GLY B 137 -34.86 17.06 -39.02
CA GLY B 137 -34.97 17.53 -37.65
C GLY B 137 -34.49 18.95 -37.56
N GLU B 138 -35.35 19.86 -37.08
CA GLU B 138 -35.09 21.29 -37.15
C GLU B 138 -34.01 21.67 -36.13
N GLY B 139 -32.75 21.45 -36.54
CA GLY B 139 -31.67 21.56 -35.58
C GLY B 139 -31.78 20.51 -34.50
N THR B 140 -32.14 19.28 -34.88
CA THR B 140 -32.50 18.27 -33.90
C THR B 140 -31.32 17.89 -33.00
N ILE B 141 -30.13 17.71 -33.57
CA ILE B 141 -29.01 17.33 -32.73
C ILE B 141 -28.43 18.59 -32.09
N MET B 142 -29.04 19.00 -30.98
CA MET B 142 -28.62 20.20 -30.28
C MET B 142 -27.28 19.95 -29.60
N VAL B 143 -26.36 20.89 -29.75
CA VAL B 143 -24.98 20.69 -29.33
C VAL B 143 -24.54 21.82 -28.42
N SER B 144 -23.63 21.49 -27.52
CA SER B 144 -23.09 22.45 -26.56
C SER B 144 -21.57 22.35 -26.56
N GLN B 145 -20.92 23.50 -26.33
CA GLN B 145 -19.47 23.60 -26.36
C GLN B 145 -18.91 23.18 -25.00
N VAL B 146 -18.11 22.13 -24.99
CA VAL B 146 -17.47 21.63 -23.78
C VAL B 146 -15.99 21.43 -24.05
N THR B 147 -15.14 22.02 -23.22
CA THR B 147 -13.70 21.89 -23.39
C THR B 147 -13.18 20.50 -23.00
N GLN B 148 -14.00 19.71 -22.31
CA GLN B 148 -13.63 18.36 -21.87
C GLN B 148 -14.28 17.28 -22.73
N TRP B 149 -14.35 17.52 -24.04
CA TRP B 149 -15.09 16.61 -24.93
C TRP B 149 -14.43 15.23 -25.02
N GLU B 150 -13.18 15.09 -24.61
CA GLU B 150 -12.51 13.79 -24.66
C GLU B 150 -13.20 12.80 -23.73
N LYS B 151 -13.40 13.18 -22.47
CA LYS B 151 -14.02 12.28 -21.50
C LYS B 151 -15.51 12.12 -21.75
N TYR B 152 -16.16 13.19 -22.23
CA TYR B 152 -17.58 13.07 -22.60
C TYR B 152 -17.76 12.08 -23.74
N GLY B 153 -16.89 12.14 -24.75
CA GLY B 153 -16.78 11.08 -25.72
C GLY B 153 -17.84 11.04 -26.80
N VAL B 154 -18.68 12.06 -26.93
CA VAL B 154 -19.66 12.13 -27.99
C VAL B 154 -19.49 13.49 -28.67
N VAL B 155 -18.66 13.54 -29.70
CA VAL B 155 -18.32 14.77 -30.38
C VAL B 155 -19.11 14.85 -31.69
N VAL B 156 -19.79 15.98 -31.89
CA VAL B 156 -20.59 16.20 -33.08
C VAL B 156 -19.85 17.17 -33.99
N TYR B 157 -19.62 16.76 -35.24
CA TYR B 157 -18.91 17.59 -36.20
C TYR B 157 -19.92 18.45 -36.94
N SER B 158 -20.10 19.69 -36.45
CA SER B 158 -21.07 20.60 -37.02
C SER B 158 -20.37 21.67 -37.84
N PRO B 159 -20.50 21.65 -39.16
CA PRO B 159 -19.90 22.71 -39.99
C PRO B 159 -20.83 23.91 -40.09
N GLN B 160 -20.42 24.88 -40.91
CA GLN B 160 -21.26 26.06 -41.11
C GLN B 160 -22.56 25.73 -41.82
N ASN B 161 -22.59 24.64 -42.59
CA ASN B 161 -23.82 24.18 -43.20
C ASN B 161 -24.70 23.40 -42.22
N TYR B 162 -24.17 23.07 -41.04
CA TYR B 162 -24.86 22.34 -39.97
C TYR B 162 -25.20 20.90 -40.36
N GLN B 163 -24.63 20.38 -41.43
CA GLN B 163 -24.87 19.00 -41.83
C GLN B 163 -23.90 18.08 -41.10
N ILE B 164 -24.44 17.17 -40.29
CA ILE B 164 -23.61 16.32 -39.43
C ILE B 164 -22.89 15.31 -40.31
N GLU B 165 -21.56 15.41 -40.36
CA GLU B 165 -20.78 14.48 -41.15
C GLU B 165 -20.72 13.10 -40.50
N ARG B 166 -20.47 13.06 -39.19
CA ARG B 166 -20.28 11.79 -38.49
C ARG B 166 -20.32 12.05 -36.98
N PHE B 167 -20.44 10.95 -36.24
CA PHE B 167 -20.30 10.95 -34.79
C PHE B 167 -19.03 10.20 -34.42
N VAL B 168 -18.18 10.83 -33.61
CA VAL B 168 -16.89 10.25 -33.23
C VAL B 168 -16.85 10.08 -31.72
N GLU B 169 -16.46 8.89 -31.27
CA GLU B 169 -16.32 8.58 -29.86
C GLU B 169 -14.86 8.63 -29.48
N LYS B 170 -14.52 9.51 -28.53
CA LYS B 170 -13.15 9.73 -28.09
C LYS B 170 -12.22 10.03 -29.28
N PRO B 171 -12.44 11.14 -30.00
CA PRO B 171 -11.59 11.43 -31.15
C PRO B 171 -10.22 11.91 -30.73
N SER B 172 -9.19 11.38 -31.40
CA SER B 172 -7.82 11.81 -31.12
C SER B 172 -7.53 13.18 -31.68
N ARG B 173 -8.01 13.47 -32.89
CA ARG B 173 -7.79 14.75 -33.54
C ARG B 173 -8.89 15.73 -33.15
N PHE B 174 -8.54 17.01 -33.13
CA PHE B 174 -9.48 18.05 -32.75
C PHE B 174 -10.50 18.29 -33.87
N LEU B 175 -11.43 17.35 -34.02
CA LEU B 175 -12.49 17.51 -35.02
C LEU B 175 -13.46 18.61 -34.60
N GLY B 176 -13.80 18.67 -33.33
CA GLY B 176 -14.72 19.69 -32.84
C GLY B 176 -14.87 19.59 -31.34
N ASP B 177 -15.51 20.61 -30.77
CA ASP B 177 -15.74 20.67 -29.34
C ASP B 177 -17.21 20.47 -28.95
N ARG B 178 -18.13 20.62 -29.90
CA ARG B 178 -19.55 20.47 -29.60
C ARG B 178 -19.88 19.02 -29.27
N ILE B 179 -20.76 18.84 -28.28
CA ILE B 179 -21.24 17.52 -27.88
C ILE B 179 -22.75 17.55 -27.83
N ASN B 180 -23.35 16.36 -27.85
CA ASN B 180 -24.80 16.23 -27.78
C ASN B 180 -25.35 16.85 -26.50
N ALA B 181 -26.45 17.59 -26.64
CA ALA B 181 -27.08 18.27 -25.51
C ALA B 181 -28.36 17.57 -25.04
N GLY B 182 -28.75 16.48 -25.68
CA GLY B 182 -29.88 15.70 -25.22
C GLY B 182 -31.25 16.25 -25.54
N ILE B 183 -31.35 17.32 -26.33
CA ILE B 183 -32.63 17.89 -26.72
C ILE B 183 -32.73 17.84 -28.25
N TYR B 184 -33.84 17.29 -28.74
CA TYR B 184 -34.04 17.10 -30.16
C TYR B 184 -35.45 17.54 -30.55
N ILE B 185 -35.63 17.86 -31.83
CA ILE B 185 -36.94 18.14 -32.39
C ILE B 185 -37.05 17.40 -33.72
N PHE B 186 -38.08 16.59 -33.88
CA PHE B 186 -38.19 15.68 -35.02
C PHE B 186 -39.47 15.94 -35.80
N ASN B 187 -39.37 15.86 -37.12
CA ASN B 187 -40.54 15.65 -37.94
C ASN B 187 -41.00 14.20 -37.78
N LYS B 188 -42.32 14.00 -37.81
CA LYS B 188 -42.86 12.69 -37.48
C LYS B 188 -42.50 11.62 -38.49
N SER B 189 -41.96 11.98 -39.65
CA SER B 189 -41.52 10.98 -40.62
C SER B 189 -40.46 10.07 -40.03
N ILE B 190 -39.71 10.54 -39.03
CA ILE B 190 -38.70 9.71 -38.38
C ILE B 190 -39.33 8.47 -37.76
N LEU B 191 -40.63 8.50 -37.46
CA LEU B 191 -41.28 7.32 -36.91
C LEU B 191 -41.20 6.14 -37.87
N ASP B 192 -41.03 6.39 -39.16
CA ASP B 192 -40.86 5.30 -40.11
C ASP B 192 -39.46 4.69 -40.01
N ARG B 193 -38.45 5.49 -39.65
CA ARG B 193 -37.08 4.98 -39.62
C ARG B 193 -36.84 4.11 -38.39
N ILE B 194 -37.45 4.45 -37.27
CA ILE B 194 -37.19 3.74 -36.01
C ILE B 194 -37.91 2.39 -36.04
N PRO B 195 -37.20 1.29 -35.85
CA PRO B 195 -37.84 -0.03 -35.86
C PRO B 195 -38.45 -0.36 -34.51
N PRO B 196 -39.48 -1.19 -34.48
CA PRO B 196 -40.11 -1.57 -33.19
C PRO B 196 -39.31 -2.64 -32.45
N ARG B 197 -38.17 -2.23 -31.91
CA ARG B 197 -37.27 -3.12 -31.18
C ARG B 197 -36.32 -2.26 -30.36
N ARG B 198 -35.48 -2.93 -29.57
CA ARG B 198 -34.48 -2.22 -28.78
C ARG B 198 -33.46 -1.56 -29.69
N ALA B 199 -33.28 -0.26 -29.51
CA ALA B 199 -32.35 0.50 -30.34
C ALA B 199 -31.85 1.70 -29.55
N SER B 200 -30.82 2.39 -30.03
CA SER B 200 -30.35 3.61 -29.41
C SER B 200 -30.34 4.79 -30.37
N ILE B 201 -31.01 5.88 -30.06
CA ILE B 201 -31.04 7.06 -30.92
C ILE B 201 -29.64 7.58 -31.08
N GLU B 202 -28.82 7.57 -30.05
CA GLU B 202 -27.43 7.96 -30.19
C GLU B 202 -26.55 7.10 -31.07
N LYS B 203 -26.68 5.78 -31.04
CA LYS B 203 -25.77 4.90 -31.80
C LYS B 203 -26.36 4.13 -32.98
N GLU B 204 -27.66 4.26 -33.22
CA GLU B 204 -28.28 3.60 -34.36
C GLU B 204 -28.98 4.56 -35.31
N ILE B 205 -29.87 5.41 -34.80
CA ILE B 205 -30.66 6.27 -35.68
C ILE B 205 -29.88 7.50 -36.10
N PHE B 206 -29.21 8.15 -35.15
CA PHE B 206 -28.50 9.38 -35.45
C PHE B 206 -27.37 9.21 -36.46
N PRO B 207 -26.52 8.17 -36.39
CA PRO B 207 -25.56 7.98 -37.49
C PRO B 207 -26.24 7.80 -38.85
N ALA B 208 -27.38 7.11 -38.88
CA ALA B 208 -28.10 6.95 -40.14
C ALA B 208 -28.59 8.29 -40.68
N MET B 209 -29.13 9.14 -39.81
CA MET B 209 -29.56 10.47 -40.25
C MET B 209 -28.38 11.31 -40.71
N ALA B 210 -27.25 11.21 -40.01
CA ALA B 210 -26.06 11.95 -40.41
C ALA B 210 -25.57 11.51 -41.78
N ALA B 211 -25.57 10.20 -42.04
CA ALA B 211 -25.20 9.70 -43.36
C ALA B 211 -26.18 10.18 -44.42
N GLU B 212 -27.48 10.15 -44.11
CA GLU B 212 -28.48 10.58 -45.07
C GLU B 212 -28.48 12.09 -45.28
N GLY B 213 -27.84 12.85 -44.40
CA GLY B 213 -27.81 14.29 -44.53
C GLY B 213 -29.05 15.01 -44.06
N GLN B 214 -29.90 14.35 -43.29
CA GLN B 214 -31.10 14.95 -42.74
C GLN B 214 -30.94 15.38 -41.29
N LEU B 215 -29.71 15.36 -40.77
CA LEU B 215 -29.42 15.66 -39.38
C LEU B 215 -28.73 17.02 -39.30
N TYR B 216 -29.31 17.94 -38.55
CA TYR B 216 -28.80 19.30 -38.45
C TYR B 216 -28.55 19.68 -36.99
N ALA B 217 -27.45 20.37 -36.75
CA ALA B 217 -27.04 20.72 -35.40
C ALA B 217 -27.54 22.11 -35.01
N PHE B 218 -27.92 22.24 -33.75
CA PHE B 218 -28.34 23.52 -33.17
C PHE B 218 -27.37 23.88 -32.05
N ASN B 219 -26.73 25.04 -32.16
CA ASN B 219 -25.76 25.46 -31.16
C ASN B 219 -26.48 25.99 -29.93
N LEU B 220 -25.84 25.79 -28.77
CA LEU B 220 -26.38 26.21 -27.48
C LEU B 220 -25.47 27.28 -26.90
N GLU B 221 -25.98 28.52 -26.83
CA GLU B 221 -25.18 29.63 -26.35
C GLU B 221 -25.06 29.62 -24.82
N GLY B 222 -26.12 29.25 -24.11
CA GLY B 222 -26.13 29.30 -22.67
C GLY B 222 -25.43 28.11 -22.04
N PHE B 223 -25.52 28.05 -20.72
CA PHE B 223 -24.92 26.95 -19.96
C PHE B 223 -25.70 25.66 -20.20
N TRP B 224 -25.01 24.54 -19.99
CA TRP B 224 -25.61 23.23 -20.17
C TRP B 224 -24.87 22.23 -19.29
N MET B 225 -25.60 21.26 -18.75
CA MET B 225 -24.97 20.22 -17.97
C MET B 225 -25.83 18.97 -17.95
N ASP B 226 -25.21 17.83 -18.25
CA ASP B 226 -25.84 16.54 -18.05
C ASP B 226 -25.58 16.10 -16.61
N VAL B 227 -26.65 15.98 -15.82
CA VAL B 227 -26.55 15.83 -14.39
C VAL B 227 -26.84 14.39 -13.95
N GLY B 228 -26.56 13.43 -14.82
CA GLY B 228 -26.76 12.03 -14.50
C GLY B 228 -25.69 11.44 -13.59
N GLN B 229 -24.63 12.19 -13.31
CA GLN B 229 -23.58 11.74 -12.40
C GLN B 229 -23.51 12.67 -11.20
N PRO B 230 -23.13 12.16 -10.02
CA PRO B 230 -23.10 13.02 -8.83
C PRO B 230 -22.18 14.21 -8.94
N LYS B 231 -20.98 14.03 -9.53
CA LYS B 231 -20.09 15.17 -9.74
C LYS B 231 -20.71 16.17 -10.71
N ASP B 232 -21.24 15.66 -11.82
CA ASP B 232 -21.96 16.52 -12.75
C ASP B 232 -23.21 17.09 -12.12
N TYR B 233 -23.86 16.35 -11.22
CA TYR B 233 -25.01 16.88 -10.49
C TYR B 233 -24.61 18.11 -9.69
N ILE B 234 -23.52 18.01 -8.93
CA ILE B 234 -23.08 19.13 -8.10
C ILE B 234 -22.68 20.32 -8.95
N LEU B 235 -21.89 20.08 -10.00
CA LEU B 235 -21.42 21.18 -10.81
C LEU B 235 -22.55 21.84 -11.60
N GLY B 236 -23.51 21.04 -12.09
CA GLY B 236 -24.66 21.61 -12.75
C GLY B 236 -25.54 22.40 -11.80
N MET B 237 -25.66 21.94 -10.56
CA MET B 237 -26.37 22.72 -9.54
C MET B 237 -25.68 24.06 -9.31
N THR B 238 -24.35 24.05 -9.26
CA THR B 238 -23.59 25.30 -9.12
C THR B 238 -23.86 26.23 -10.30
N LYS B 239 -23.90 25.68 -11.52
CA LYS B 239 -24.17 26.51 -12.69
C LYS B 239 -25.62 27.00 -12.70
N PHE B 240 -26.55 26.21 -12.17
CA PHE B 240 -27.97 26.45 -12.39
C PHE B 240 -28.57 27.40 -11.35
N ILE B 241 -28.19 27.27 -10.09
CA ILE B 241 -28.83 28.03 -9.01
C ILE B 241 -28.81 29.54 -9.26
N PRO B 242 -27.70 30.15 -9.71
CA PRO B 242 -27.74 31.60 -9.95
C PRO B 242 -28.81 32.04 -10.93
N SER B 243 -29.13 31.22 -11.93
CA SER B 243 -30.21 31.57 -12.85
C SER B 243 -31.57 31.55 -12.14
N LEU B 244 -31.74 30.63 -11.20
CA LEU B 244 -33.03 30.39 -10.57
C LEU B 244 -33.27 31.20 -9.29
N VAL B 245 -32.25 31.90 -8.78
CA VAL B 245 -32.43 32.62 -7.52
C VAL B 245 -33.53 33.69 -7.66
N HIS B 246 -33.52 34.44 -8.76
CA HIS B 246 -34.54 35.47 -8.93
C HIS B 246 -35.87 34.90 -9.41
N GLY B 247 -35.85 33.70 -9.98
CA GLY B 247 -37.10 33.10 -10.44
C GLY B 247 -38.01 32.69 -9.29
N ASN B 248 -37.45 32.17 -8.22
CA ASN B 248 -38.22 31.60 -7.12
C ASN B 248 -38.06 32.46 -5.86
N ARG B 249 -38.85 32.10 -4.84
CA ARG B 249 -38.81 32.76 -3.55
C ARG B 249 -37.89 32.07 -2.54
N GLU B 250 -36.90 31.33 -3.02
CA GLU B 250 -36.00 30.61 -2.15
C GLU B 250 -34.56 31.09 -2.31
N THR B 256 -29.25 41.04 0.76
CA THR B 256 -27.84 41.24 0.46
C THR B 256 -27.28 40.08 -0.36
N GLU B 257 -26.18 39.50 0.09
CA GLU B 257 -25.56 38.36 -0.57
C GLU B 257 -26.22 37.08 -0.06
N ALA B 258 -27.49 36.93 -0.39
CA ALA B 258 -28.29 35.82 0.11
C ALA B 258 -29.52 35.65 -0.76
N VAL B 259 -30.22 34.54 -0.54
CA VAL B 259 -31.47 34.23 -1.23
C VAL B 259 -32.57 34.02 -0.20
N GLU B 260 -32.25 33.31 0.88
CA GLU B 260 -33.18 33.04 1.99
C GLU B 260 -32.33 33.18 3.26
N HIS B 261 -32.34 34.37 3.85
CA HIS B 261 -31.39 34.73 4.88
C HIS B 261 -31.98 34.82 6.28
N GLN B 262 -33.31 34.80 6.41
CA GLN B 262 -33.95 34.92 7.71
C GLN B 262 -35.01 33.85 7.92
N ARG B 263 -34.80 32.66 7.35
CA ARG B 263 -35.80 31.59 7.45
C ARG B 263 -35.88 31.05 8.87
N GLY B 264 -34.74 30.72 9.47
CA GLY B 264 -34.74 30.20 10.82
C GLY B 264 -33.65 30.80 11.71
N GLY B 265 -34.07 31.47 12.77
CA GLY B 265 -33.10 32.07 13.68
C GLY B 265 -32.23 33.08 12.95
N ARG B 266 -30.92 32.92 13.08
CA ARG B 266 -29.94 33.76 12.40
C ARG B 266 -28.91 32.86 11.75
N PHE B 267 -28.68 33.05 10.45
CA PHE B 267 -27.66 32.26 9.77
C PHE B 267 -27.12 33.07 8.61
N THR B 268 -25.94 32.67 8.14
CA THR B 268 -25.21 33.41 7.12
C THR B 268 -25.25 32.65 5.80
N VAL B 269 -25.44 33.38 4.72
CA VAL B 269 -25.45 32.83 3.37
C VAL B 269 -24.31 33.48 2.60
N ILE B 270 -23.45 32.65 2.00
CA ILE B 270 -22.26 33.16 1.32
C ILE B 270 -22.49 33.41 -0.16
N GLY B 271 -23.58 32.90 -0.73
CA GLY B 271 -23.84 33.09 -2.13
C GLY B 271 -25.26 32.69 -2.47
N ALA B 272 -25.42 32.23 -3.71
CA ALA B 272 -26.71 31.72 -4.15
C ALA B 272 -27.03 30.42 -3.44
N SER B 273 -28.31 30.21 -3.16
CA SER B 273 -28.77 28.98 -2.52
C SER B 273 -30.26 28.81 -2.81
N LEU B 274 -30.83 27.74 -2.27
CA LEU B 274 -32.26 27.46 -2.41
C LEU B 274 -32.72 26.77 -1.14
N ILE B 275 -33.34 27.53 -0.24
CA ILE B 275 -33.83 27.01 1.04
C ILE B 275 -35.35 27.02 0.99
N ASP B 276 -35.94 25.85 1.18
CA ASP B 276 -37.39 25.74 1.13
C ASP B 276 -38.02 26.50 2.30
N PRO B 277 -39.20 27.10 2.08
CA PRO B 277 -39.87 27.83 3.17
C PRO B 277 -40.13 26.99 4.41
N SER B 278 -40.37 25.69 4.24
CA SER B 278 -40.71 24.82 5.37
C SER B 278 -39.49 24.28 6.10
N ALA B 279 -38.29 24.53 5.59
CA ALA B 279 -37.07 24.06 6.25
C ALA B 279 -36.67 25.00 7.38
N LYS B 280 -36.27 24.41 8.50
CA LYS B 280 -35.78 25.17 9.64
C LYS B 280 -34.25 25.14 9.62
N ILE B 281 -33.63 26.32 9.55
CA ILE B 281 -32.19 26.39 9.36
C ILE B 281 -31.50 26.95 10.59
N GLY B 282 -31.17 26.08 11.54
CA GLY B 282 -30.24 26.36 12.62
C GLY B 282 -30.41 27.64 13.41
N ASP B 283 -29.34 28.03 14.10
CA ASP B 283 -29.28 29.29 14.82
C ASP B 283 -27.96 30.02 14.57
N GLY B 284 -26.97 29.36 13.98
CA GLY B 284 -25.73 30.00 13.60
C GLY B 284 -25.13 29.39 12.34
N ALA B 285 -25.95 28.68 11.57
CA ALA B 285 -25.46 27.90 10.44
C ALA B 285 -24.95 28.81 9.33
N VAL B 286 -24.21 28.21 8.41
CA VAL B 286 -23.62 28.92 7.26
C VAL B 286 -24.03 28.16 6.01
N ILE B 287 -25.10 28.60 5.36
CA ILE B 287 -25.57 28.00 4.11
C ILE B 287 -24.72 28.57 2.99
N GLY B 288 -23.80 27.77 2.48
CA GLY B 288 -22.79 28.25 1.56
C GLY B 288 -23.31 28.51 0.17
N PRO B 289 -22.39 28.75 -0.78
CA PRO B 289 -22.81 29.10 -2.15
C PRO B 289 -23.27 27.87 -2.91
N TYR B 290 -24.40 28.02 -3.60
CA TYR B 290 -24.96 26.96 -4.44
C TYR B 290 -25.28 25.71 -3.63
N ALA B 291 -26.14 25.89 -2.63
CA ALA B 291 -26.60 24.81 -1.77
C ALA B 291 -28.12 24.77 -1.79
N SER B 292 -28.66 23.56 -1.76
CA SER B 292 -30.11 23.34 -1.81
C SER B 292 -30.56 22.63 -0.55
N ILE B 293 -31.59 23.16 0.10
CA ILE B 293 -32.18 22.57 1.28
C ILE B 293 -33.63 22.20 0.96
N GLY B 294 -33.98 20.93 1.14
CA GLY B 294 -35.29 20.45 0.79
C GLY B 294 -36.36 20.84 1.78
N ALA B 295 -37.59 20.45 1.47
CA ALA B 295 -38.73 20.76 2.33
C ALA B 295 -38.69 19.94 3.61
N ASN B 296 -39.16 20.56 4.69
CA ASN B 296 -39.27 19.91 6.00
C ASN B 296 -37.92 19.51 6.57
N CYS B 297 -36.84 19.92 5.93
CA CYS B 297 -35.50 19.63 6.44
C CYS B 297 -35.23 20.43 7.70
N VAL B 298 -34.40 19.85 8.57
CA VAL B 298 -33.95 20.50 9.79
C VAL B 298 -32.43 20.57 9.77
N ILE B 299 -31.89 21.76 10.00
CA ILE B 299 -30.45 22.00 9.98
C ILE B 299 -30.01 22.42 11.38
N GLY B 300 -28.90 21.85 11.84
CA GLY B 300 -28.43 22.09 13.19
C GLY B 300 -27.90 23.51 13.38
N GLU B 301 -27.46 23.76 14.61
CA GLU B 301 -27.15 25.14 15.02
C GLU B 301 -26.02 25.74 14.19
N SER B 302 -24.93 25.00 14.01
CA SER B 302 -23.75 25.55 13.36
C SER B 302 -23.30 24.67 12.20
N CYS B 303 -24.24 24.27 11.35
CA CYS B 303 -23.89 23.46 10.19
C CYS B 303 -23.20 24.31 9.14
N ARG B 304 -22.59 23.62 8.17
CA ARG B 304 -21.94 24.27 7.04
C ARG B 304 -22.33 23.51 5.78
N ILE B 305 -23.23 24.09 4.98
CA ILE B 305 -23.71 23.48 3.75
C ILE B 305 -22.97 24.21 2.63
N ASP B 306 -21.82 23.67 2.24
CA ASP B 306 -20.93 24.39 1.32
C ASP B 306 -21.46 24.33 -0.11
N ASN B 307 -21.54 23.14 -0.68
CA ASN B 307 -22.06 22.94 -2.03
C ASN B 307 -22.96 21.70 -2.06
N ALA B 308 -23.64 21.44 -0.96
CA ALA B 308 -24.41 20.21 -0.78
C ALA B 308 -25.87 20.42 -1.14
N ALA B 309 -26.53 19.33 -1.49
CA ALA B 309 -27.97 19.30 -1.72
C ALA B 309 -28.60 18.45 -0.64
N ILE B 310 -29.51 19.04 0.13
CA ILE B 310 -30.18 18.36 1.22
C ILE B 310 -31.61 18.08 0.76
N LEU B 311 -31.98 16.81 0.71
CA LEU B 311 -33.22 16.37 0.08
C LEU B 311 -34.26 16.01 1.12
N GLU B 312 -35.46 16.58 0.98
CA GLU B 312 -36.64 16.21 1.76
C GLU B 312 -36.39 16.16 3.27
N ASN B 313 -37.02 15.21 3.94
CA ASN B 313 -37.07 15.16 5.40
C ASN B 313 -35.73 14.65 5.96
N SER B 314 -34.69 15.44 5.72
CA SER B 314 -33.36 15.14 6.22
C SER B 314 -33.04 16.01 7.42
N LYS B 315 -32.40 15.43 8.43
CA LYS B 315 -32.03 16.14 9.63
C LYS B 315 -30.51 16.13 9.78
N VAL B 316 -29.94 17.30 10.06
CA VAL B 316 -28.50 17.47 10.19
C VAL B 316 -28.20 18.07 11.56
N GLY B 317 -27.28 17.44 12.29
CA GLY B 317 -26.98 17.88 13.64
C GLY B 317 -26.03 19.07 13.68
N LYS B 318 -25.90 19.65 14.87
CA LYS B 318 -25.12 20.86 15.05
C LYS B 318 -23.63 20.59 14.82
N GLY B 319 -23.00 21.43 14.01
CA GLY B 319 -21.59 21.32 13.73
C GLY B 319 -21.22 20.49 12.51
N THR B 320 -22.20 19.84 11.88
CA THR B 320 -21.92 19.01 10.71
C THR B 320 -21.52 19.90 9.53
N MET B 321 -20.58 19.40 8.71
CA MET B 321 -20.14 20.10 7.51
C MET B 321 -20.26 19.14 6.34
N VAL B 322 -21.25 19.36 5.48
CA VAL B 322 -21.42 18.60 4.24
C VAL B 322 -21.09 19.53 3.08
N SER B 323 -20.15 19.12 2.24
CA SER B 323 -19.66 19.95 1.15
C SER B 323 -19.59 19.14 -0.13
N ARG B 324 -20.18 19.68 -1.20
CA ARG B 324 -20.14 19.06 -2.52
C ARG B 324 -20.72 17.64 -2.50
N SER B 325 -21.65 17.39 -1.60
CA SER B 325 -22.18 16.06 -1.38
C SER B 325 -23.71 16.10 -1.41
N ILE B 326 -24.31 14.94 -1.68
CA ILE B 326 -25.75 14.80 -1.74
C ILE B 326 -26.20 13.85 -0.64
N VAL B 327 -27.22 14.25 0.10
CA VAL B 327 -27.83 13.38 1.11
C VAL B 327 -29.19 12.95 0.61
N GLY B 328 -29.65 11.81 1.09
CA GLY B 328 -30.89 11.24 0.61
C GLY B 328 -32.11 11.98 1.11
N TRP B 329 -33.24 11.28 1.06
CA TRP B 329 -34.53 11.90 1.35
C TRP B 329 -34.84 11.96 2.84
N ASN B 330 -34.61 10.87 3.56
CA ASN B 330 -35.00 10.77 4.96
C ASN B 330 -33.79 10.46 5.84
N ASN B 331 -32.66 11.10 5.57
CA ASN B 331 -31.45 10.86 6.33
C ASN B 331 -31.56 11.45 7.73
N ARG B 332 -30.69 10.96 8.62
CA ARG B 332 -30.50 11.52 9.96
C ARG B 332 -29.00 11.61 10.17
N ILE B 333 -28.41 12.72 9.76
CA ILE B 333 -26.97 12.93 9.88
C ILE B 333 -26.64 13.29 11.33
N GLY B 334 -25.47 12.84 11.79
CA GLY B 334 -25.04 13.11 13.14
C GLY B 334 -24.74 14.58 13.37
N SER B 335 -24.11 14.84 14.52
CA SER B 335 -23.86 16.20 14.94
C SER B 335 -22.60 16.79 14.31
N TRP B 336 -21.45 16.17 14.56
CA TRP B 336 -20.16 16.76 14.18
C TRP B 336 -19.49 16.02 13.03
N CYS B 337 -20.26 15.64 12.02
CA CYS B 337 -19.75 14.86 10.90
C CYS B 337 -19.22 15.75 9.79
N HIS B 338 -18.34 15.18 8.97
CA HIS B 338 -18.01 15.70 7.64
C HIS B 338 -18.51 14.74 6.57
N ILE B 339 -19.13 15.31 5.54
CA ILE B 339 -19.49 14.56 4.34
C ILE B 339 -18.89 15.32 3.15
N LYS B 340 -17.68 14.97 2.78
CA LYS B 340 -16.87 15.77 1.87
C LYS B 340 -16.76 15.10 0.50
N ASP B 341 -15.98 15.73 -0.37
CA ASP B 341 -15.71 15.27 -1.75
C ASP B 341 -17.06 15.07 -2.43
N ILE B 342 -17.19 14.09 -3.33
CA ILE B 342 -18.48 13.79 -3.95
C ILE B 342 -19.04 12.55 -3.29
N SER B 343 -19.85 12.74 -2.25
CA SER B 343 -20.42 11.65 -1.47
C SER B 343 -21.94 11.69 -1.63
N VAL B 344 -22.53 10.53 -1.91
CA VAL B 344 -23.96 10.40 -2.13
C VAL B 344 -24.51 9.45 -1.08
N LEU B 345 -25.59 9.86 -0.41
CA LEU B 345 -26.21 9.07 0.64
C LEU B 345 -27.59 8.61 0.17
N GLY B 346 -27.96 7.40 0.56
CA GLY B 346 -29.19 6.79 0.11
C GLY B 346 -30.41 7.34 0.83
N ASP B 347 -31.53 6.65 0.63
CA ASP B 347 -32.83 7.20 1.04
C ASP B 347 -32.93 7.36 2.55
N ASP B 348 -32.44 6.39 3.31
CA ASP B 348 -32.67 6.37 4.76
C ASP B 348 -31.37 6.07 5.51
N VAL B 349 -30.28 6.71 5.11
CA VAL B 349 -28.99 6.53 5.77
C VAL B 349 -28.97 7.35 7.05
N GLU B 350 -28.45 6.76 8.12
CA GLU B 350 -28.24 7.45 9.39
C GLU B 350 -26.77 7.40 9.73
N VAL B 351 -26.20 8.55 10.07
CA VAL B 351 -24.77 8.68 10.34
C VAL B 351 -24.58 9.09 11.79
N LYS B 352 -23.73 8.36 12.50
CA LYS B 352 -23.45 8.66 13.89
C LYS B 352 -22.55 9.88 14.01
N ASP B 353 -22.49 10.44 15.22
CA ASP B 353 -21.73 11.66 15.46
C ASP B 353 -20.24 11.42 15.25
N GLY B 354 -19.57 12.40 14.66
CA GLY B 354 -18.13 12.35 14.47
C GLY B 354 -17.66 11.56 13.27
N VAL B 355 -18.55 11.01 12.47
CA VAL B 355 -18.17 10.16 11.34
C VAL B 355 -17.76 11.05 10.18
N ILE B 356 -16.68 10.67 9.50
CA ILE B 356 -16.14 11.41 8.37
C ILE B 356 -16.25 10.55 7.13
N LEU B 357 -16.98 11.03 6.12
CA LEU B 357 -17.18 10.32 4.87
C LEU B 357 -16.59 11.16 3.75
N ILE B 358 -15.43 10.75 3.25
CA ILE B 358 -14.73 11.47 2.18
C ILE B 358 -15.11 10.79 0.88
N GLY B 359 -16.18 11.28 0.27
CA GLY B 359 -16.60 10.79 -1.04
C GLY B 359 -17.04 9.34 -1.09
N THR B 360 -17.85 8.91 -0.11
CA THR B 360 -18.33 7.54 -0.06
C THR B 360 -19.82 7.50 -0.38
N LYS B 361 -20.22 6.51 -1.17
CA LYS B 361 -21.61 6.33 -1.56
C LYS B 361 -22.24 5.27 -0.66
N VAL B 362 -23.30 5.66 0.04
CA VAL B 362 -23.97 4.79 1.01
C VAL B 362 -25.30 4.35 0.44
N LEU B 363 -25.55 3.05 0.44
CA LEU B 363 -26.78 2.50 -0.08
C LEU B 363 -27.94 2.82 0.87
N PRO B 364 -29.18 2.77 0.38
CA PRO B 364 -30.32 3.15 1.22
C PRO B 364 -30.47 2.25 2.43
N ASN B 365 -31.04 2.82 3.50
CA ASN B 365 -31.38 2.09 4.73
C ASN B 365 -30.14 1.49 5.40
N LYS B 366 -29.09 2.30 5.49
CA LYS B 366 -27.86 1.90 6.16
C LYS B 366 -27.62 2.77 7.39
N ASP B 367 -26.76 2.26 8.28
CA ASP B 367 -26.28 3.01 9.43
C ASP B 367 -24.77 3.08 9.34
N VAL B 368 -24.22 4.28 9.36
CA VAL B 368 -22.79 4.52 9.24
C VAL B 368 -22.24 4.93 10.59
N GLY B 369 -21.21 4.22 11.06
CA GLY B 369 -20.60 4.54 12.32
C GLY B 369 -19.09 4.48 12.27
N GLU B 370 -18.53 4.30 11.08
CA GLU B 370 -17.10 4.18 10.88
C GLU B 370 -16.60 5.29 9.98
N HIS B 371 -15.42 5.83 10.29
CA HIS B 371 -14.80 6.83 9.44
C HIS B 371 -14.34 6.19 8.13
N ARG B 372 -14.55 6.89 7.03
CA ARG B 372 -14.14 6.43 5.70
C ARG B 372 -13.40 7.58 5.03
N PHE B 373 -12.07 7.48 4.97
CA PHE B 373 -11.23 8.56 4.47
C PHE B 373 -10.92 8.42 2.98
N GLU B 374 -11.40 7.38 2.33
CA GLU B 374 -11.15 7.17 0.92
C GLU B 374 -12.46 6.91 0.19
N PRO B 375 -12.55 7.26 -1.09
CA PRO B 375 -13.79 6.99 -1.84
C PRO B 375 -14.10 5.51 -1.86
N GLY B 376 -15.40 5.20 -1.76
CA GLY B 376 -15.83 3.82 -1.73
C GLY B 376 -17.34 3.75 -1.65
N ILE B 377 -17.84 2.53 -1.48
CA ILE B 377 -19.27 2.26 -1.41
C ILE B 377 -19.56 1.55 -0.09
N ILE B 378 -20.53 2.04 0.65
CA ILE B 378 -21.03 1.36 1.84
C ILE B 378 -22.27 0.59 1.45
N MET B 379 -22.22 -0.74 1.59
CA MET B 379 -23.30 -1.59 1.10
C MET B 379 -24.55 -1.43 1.96
N MET C 9 31.49 -52.28 4.48
CA MET C 9 30.18 -51.65 4.48
C MET C 9 30.20 -50.38 3.62
N ARG C 10 29.10 -50.13 2.92
CA ARG C 10 29.03 -49.04 1.96
C ARG C 10 27.88 -48.11 2.30
N ALA C 11 27.93 -46.91 1.71
CA ALA C 11 26.91 -45.90 1.91
C ALA C 11 26.34 -45.48 0.57
N VAL C 12 25.15 -44.88 0.61
CA VAL C 12 24.50 -44.32 -0.56
C VAL C 12 24.02 -42.92 -0.20
N ILE C 13 24.48 -41.91 -0.94
CA ILE C 13 24.11 -40.53 -0.70
C ILE C 13 23.22 -40.07 -1.84
N LEU C 14 22.05 -39.52 -1.49
CA LEU C 14 21.10 -39.05 -2.50
C LEU C 14 21.54 -37.67 -2.97
N VAL C 15 22.28 -37.66 -4.07
CA VAL C 15 22.92 -36.43 -4.56
C VAL C 15 22.15 -35.82 -5.73
N GLY C 16 20.99 -36.37 -6.07
CA GLY C 16 20.14 -35.79 -7.09
C GLY C 16 19.39 -34.58 -6.59
N GLY C 17 18.24 -34.34 -7.19
CA GLY C 17 17.36 -33.27 -6.78
C GLY C 17 17.75 -31.95 -7.41
N PHE C 18 16.73 -31.10 -7.57
CA PHE C 18 16.89 -29.83 -8.27
C PHE C 18 17.32 -28.69 -7.36
N GLY C 19 17.37 -28.89 -6.06
CA GLY C 19 17.76 -27.82 -5.16
C GLY C 19 16.87 -26.61 -5.24
N THR C 20 15.55 -26.82 -5.20
CA THR C 20 14.61 -25.72 -5.44
C THR C 20 14.69 -24.65 -4.37
N ARG C 21 14.88 -25.04 -3.11
CA ARG C 21 14.90 -24.03 -2.04
C ARG C 21 16.21 -23.23 -2.04
N LEU C 22 17.33 -23.86 -2.36
CA LEU C 22 18.58 -23.13 -2.57
C LEU C 22 18.76 -22.77 -4.04
N ARG C 23 17.72 -22.19 -4.65
CA ARG C 23 17.72 -22.04 -6.10
C ARG C 23 18.77 -21.08 -6.62
N PRO C 24 18.95 -19.87 -6.07
CA PRO C 24 19.94 -18.96 -6.68
C PRO C 24 21.35 -19.53 -6.73
N LEU C 25 21.70 -20.43 -5.83
CA LEU C 25 23.01 -21.07 -5.83
C LEU C 25 23.02 -22.40 -6.57
N THR C 26 21.90 -23.11 -6.62
CA THR C 26 21.84 -24.40 -7.29
C THR C 26 21.55 -24.31 -8.78
N LEU C 27 21.37 -23.10 -9.32
CA LEU C 27 21.29 -22.94 -10.76
C LEU C 27 22.64 -23.09 -11.44
N THR C 28 23.73 -23.05 -10.67
CA THR C 28 25.08 -23.22 -11.19
C THR C 28 25.67 -24.59 -10.86
N THR C 29 25.65 -24.97 -9.59
CA THR C 29 26.17 -26.25 -9.13
C THR C 29 25.08 -27.05 -8.45
N PRO C 30 25.17 -28.38 -8.45
CA PRO C 30 24.18 -29.19 -7.74
C PRO C 30 24.21 -28.91 -6.25
N LYS C 31 23.10 -29.22 -5.60
CA LYS C 31 22.97 -28.99 -4.16
C LYS C 31 24.07 -29.66 -3.34
N PRO C 32 24.48 -30.91 -3.58
CA PRO C 32 25.57 -31.49 -2.78
C PRO C 32 26.88 -30.71 -2.88
N LEU C 33 27.15 -30.07 -4.01
CA LEU C 33 28.43 -29.40 -4.22
C LEU C 33 28.42 -27.94 -3.81
N VAL C 34 27.32 -27.43 -3.27
CA VAL C 34 27.26 -26.05 -2.79
C VAL C 34 28.14 -25.96 -1.55
N PRO C 35 29.13 -25.08 -1.53
CA PRO C 35 30.05 -25.01 -0.39
C PRO C 35 29.34 -24.58 0.88
N PHE C 36 29.41 -25.44 1.89
CA PHE C 36 28.98 -25.10 3.25
C PHE C 36 30.24 -24.89 4.09
N CYS C 37 30.31 -23.76 4.78
CA CYS C 37 31.54 -23.30 5.43
C CYS C 37 32.59 -23.18 4.32
N ASN C 38 33.63 -24.00 4.29
CA ASN C 38 34.65 -23.93 3.23
C ASN C 38 34.79 -25.25 2.49
N LYS C 39 33.77 -26.10 2.53
CA LYS C 39 33.80 -27.39 1.86
C LYS C 39 32.42 -27.69 1.31
N PRO C 40 32.31 -28.54 0.30
CA PRO C 40 31.00 -29.01 -0.13
C PRO C 40 30.32 -29.84 0.95
N MET C 41 28.98 -29.80 0.94
CA MET C 41 28.19 -30.52 1.94
C MET C 41 28.49 -32.01 1.89
N ILE C 42 28.44 -32.58 0.68
CA ILE C 42 28.71 -33.99 0.49
C ILE C 42 30.13 -34.33 0.95
N ILE C 43 31.04 -33.35 0.90
CA ILE C 43 32.40 -33.62 1.38
C ILE C 43 32.42 -33.77 2.90
N HIS C 44 31.64 -32.96 3.61
CA HIS C 44 31.50 -33.16 5.05
C HIS C 44 30.94 -34.55 5.35
N GLN C 45 29.89 -34.94 4.63
CA GLN C 45 29.29 -36.25 4.89
C GLN C 45 30.26 -37.38 4.56
N ILE C 46 31.02 -37.24 3.48
CA ILE C 46 31.97 -38.28 3.09
C ILE C 46 33.11 -38.36 4.09
N GLU C 47 33.56 -37.21 4.62
CA GLU C 47 34.59 -37.24 5.65
C GLU C 47 34.08 -37.95 6.90
N ALA C 48 32.83 -37.69 7.29
CA ALA C 48 32.26 -38.41 8.43
C ALA C 48 32.21 -39.91 8.15
N LEU C 49 31.75 -40.29 6.96
CA LEU C 49 31.65 -41.71 6.63
C LEU C 49 33.01 -42.39 6.62
N LYS C 50 34.04 -41.69 6.10
CA LYS C 50 35.39 -42.23 6.14
C LYS C 50 35.87 -42.37 7.58
N ALA C 51 35.52 -41.41 8.44
CA ALA C 51 35.84 -41.55 9.85
C ALA C 51 35.19 -42.80 10.44
N VAL C 52 34.00 -43.15 9.97
CA VAL C 52 33.40 -44.42 10.37
C VAL C 52 34.24 -45.59 9.88
N GLY C 53 34.68 -45.53 8.63
CA GLY C 53 35.36 -46.64 7.98
C GLY C 53 34.75 -47.06 6.67
N VAL C 54 33.73 -46.36 6.17
CA VAL C 54 33.10 -46.71 4.91
C VAL C 54 34.04 -46.33 3.77
N THR C 55 34.34 -47.29 2.90
CA THR C 55 35.24 -47.06 1.78
C THR C 55 34.52 -46.88 0.45
N GLU C 56 33.26 -47.32 0.36
CA GLU C 56 32.50 -47.28 -0.88
C GLU C 56 31.26 -46.41 -0.70
N VAL C 57 31.13 -45.39 -1.54
CA VAL C 57 29.99 -44.48 -1.51
C VAL C 57 29.33 -44.49 -2.89
N ILE C 58 28.01 -44.60 -2.90
CA ILE C 58 27.22 -44.67 -4.12
C ILE C 58 26.43 -43.38 -4.23
N LEU C 59 26.63 -42.66 -5.32
CA LEU C 59 26.02 -41.35 -5.52
C LEU C 59 24.89 -41.47 -6.53
N ALA C 60 23.70 -41.03 -6.13
CA ALA C 60 22.51 -41.11 -6.98
C ALA C 60 22.40 -39.81 -7.76
N VAL C 61 23.06 -39.76 -8.92
CA VAL C 61 23.23 -38.53 -9.68
C VAL C 61 22.11 -38.44 -10.70
N ALA C 62 21.24 -37.44 -10.56
CA ALA C 62 20.23 -37.12 -11.55
C ALA C 62 20.37 -35.70 -12.07
N TYR C 63 20.54 -34.72 -11.19
CA TYR C 63 20.77 -33.34 -11.59
C TYR C 63 22.23 -33.15 -11.93
N ARG C 64 22.50 -32.58 -13.12
CA ARG C 64 23.84 -32.43 -13.66
C ARG C 64 24.57 -33.77 -13.63
N PRO C 65 24.19 -34.73 -14.50
CA PRO C 65 24.75 -36.09 -14.40
C PRO C 65 26.26 -36.13 -14.47
N GLU C 66 26.83 -35.60 -15.56
CA GLU C 66 28.27 -35.65 -15.79
C GLU C 66 28.92 -34.29 -15.88
N ALA C 67 28.16 -33.23 -16.15
CA ALA C 67 28.77 -31.91 -16.32
C ALA C 67 29.42 -31.42 -15.03
N MET C 68 28.77 -31.65 -13.89
CA MET C 68 29.22 -31.08 -12.63
C MET C 68 29.65 -32.13 -11.62
N LYS C 69 28.82 -33.14 -11.35
CA LYS C 69 29.10 -34.06 -10.25
C LYS C 69 30.36 -34.88 -10.51
N GLU C 70 30.45 -35.51 -11.69
CA GLU C 70 31.60 -36.38 -11.96
C GLU C 70 32.89 -35.57 -12.06
N GLN C 71 32.84 -34.41 -12.71
CA GLN C 71 34.05 -33.62 -12.88
C GLN C 71 34.53 -33.05 -11.54
N MET C 72 33.63 -32.45 -10.77
CA MET C 72 34.02 -31.81 -9.52
C MET C 72 34.29 -32.81 -8.40
N ASP C 73 33.88 -34.07 -8.56
CA ASP C 73 34.17 -35.07 -7.54
C ASP C 73 35.54 -35.69 -7.79
N GLU C 74 36.56 -34.86 -7.94
CA GLU C 74 37.94 -35.33 -7.91
C GLU C 74 38.42 -35.57 -6.49
N TRP C 75 37.58 -35.29 -5.50
CA TRP C 75 37.90 -35.59 -4.11
C TRP C 75 38.11 -37.08 -3.89
N SER C 76 37.65 -37.93 -4.81
CA SER C 76 37.96 -39.34 -4.73
C SER C 76 39.45 -39.60 -4.77
N ARG C 77 40.22 -38.73 -5.43
CA ARG C 77 41.67 -38.82 -5.36
C ARG C 77 42.16 -38.62 -3.93
N LYS C 78 41.56 -37.67 -3.22
CA LYS C 78 41.84 -37.45 -1.81
C LYS C 78 40.92 -38.34 -0.96
N LEU C 79 41.00 -38.18 0.35
CA LEU C 79 40.06 -38.77 1.30
C LEU C 79 40.14 -40.29 1.34
N GLY C 80 40.97 -40.88 0.48
CA GLY C 80 41.09 -42.33 0.43
C GLY C 80 39.80 -43.06 0.19
N VAL C 81 38.86 -42.46 -0.54
CA VAL C 81 37.54 -43.04 -0.76
C VAL C 81 37.23 -43.03 -2.26
N SER C 82 36.36 -43.94 -2.68
CA SER C 82 35.98 -44.09 -4.07
C SER C 82 34.47 -44.05 -4.21
N PHE C 83 33.99 -43.44 -5.29
CA PHE C 83 32.57 -43.32 -5.57
C PHE C 83 32.23 -44.11 -6.83
N VAL C 84 31.06 -44.76 -6.81
CA VAL C 84 30.70 -45.67 -7.88
C VAL C 84 30.28 -44.91 -9.13
N PHE C 85 29.44 -43.89 -8.98
CA PHE C 85 28.88 -43.14 -10.10
C PHE C 85 28.17 -44.04 -11.11
N SER C 86 27.37 -44.99 -10.64
CA SER C 86 26.61 -45.87 -11.52
C SER C 86 25.10 -45.68 -11.35
N VAL C 87 24.67 -44.49 -10.93
CA VAL C 87 23.26 -44.25 -10.66
C VAL C 87 22.81 -43.03 -11.48
N GLU C 88 23.44 -42.81 -12.63
CA GLU C 88 22.95 -41.78 -13.55
C GLU C 88 21.55 -42.17 -14.02
N GLU C 89 20.64 -41.20 -14.02
CA GLU C 89 19.23 -41.52 -14.20
C GLU C 89 18.46 -40.25 -14.52
N GLU C 90 17.18 -40.45 -14.84
CA GLU C 90 16.18 -39.38 -14.85
C GLU C 90 15.72 -39.14 -13.41
N PRO C 91 14.79 -38.20 -13.19
CA PRO C 91 14.19 -38.10 -11.85
C PRO C 91 13.40 -39.35 -11.47
N LEU C 92 13.90 -40.09 -10.48
CA LEU C 92 13.19 -41.24 -9.90
C LEU C 92 12.79 -41.00 -8.45
N GLY C 93 12.71 -39.74 -8.02
CA GLY C 93 12.30 -39.47 -6.67
C GLY C 93 13.35 -39.82 -5.64
N THR C 94 12.93 -39.81 -4.37
CA THR C 94 13.85 -40.04 -3.27
C THR C 94 14.19 -41.52 -3.10
N ALA C 95 13.25 -42.42 -3.38
CA ALA C 95 13.44 -43.85 -3.11
C ALA C 95 13.81 -44.66 -4.35
N GLY C 96 13.52 -44.17 -5.56
CA GLY C 96 13.84 -44.85 -6.78
C GLY C 96 15.30 -45.18 -7.01
N PRO C 97 16.24 -44.29 -6.67
CA PRO C 97 17.66 -44.62 -6.88
C PRO C 97 18.11 -45.88 -6.18
N LEU C 98 17.55 -46.21 -5.02
CA LEU C 98 17.89 -47.48 -4.37
C LEU C 98 17.44 -48.67 -5.23
N ALA C 99 16.25 -48.57 -5.82
CA ALA C 99 15.80 -49.63 -6.73
C ALA C 99 16.70 -49.72 -7.95
N LEU C 100 17.18 -48.58 -8.46
CA LEU C 100 18.08 -48.60 -9.60
C LEU C 100 19.42 -49.23 -9.23
N ALA C 101 19.93 -48.94 -8.04
CA ALA C 101 21.26 -49.36 -7.60
C ALA C 101 21.25 -50.68 -6.84
N ARG C 102 20.10 -51.35 -6.77
CA ARG C 102 20.06 -52.68 -6.15
C ARG C 102 21.11 -53.62 -6.76
N ASP C 103 21.39 -53.47 -8.05
CA ASP C 103 22.36 -54.34 -8.70
C ASP C 103 23.78 -54.07 -8.21
N ILE C 104 24.17 -52.80 -8.15
CA ILE C 104 25.53 -52.48 -7.72
C ILE C 104 25.69 -52.71 -6.22
N LEU C 105 24.60 -52.62 -5.45
CA LEU C 105 24.66 -52.94 -4.03
C LEU C 105 24.92 -54.42 -3.78
N MET C 106 24.69 -55.27 -4.79
CA MET C 106 24.97 -56.70 -4.80
C MET C 106 24.12 -57.50 -3.84
N GLN C 107 23.22 -56.85 -3.08
CA GLN C 107 22.36 -57.53 -2.11
C GLN C 107 23.16 -58.37 -1.13
N ASP C 108 24.29 -57.82 -0.68
CA ASP C 108 25.14 -58.52 0.27
C ASP C 108 24.49 -58.56 1.66
N ASP C 109 25.04 -59.40 2.53
CA ASP C 109 24.50 -59.53 3.87
C ASP C 109 24.68 -58.26 4.69
N LYS C 110 25.82 -57.58 4.51
CA LYS C 110 26.10 -56.39 5.30
C LYS C 110 25.10 -55.29 4.99
N PRO C 111 24.59 -54.59 6.02
CA PRO C 111 23.71 -53.45 5.78
C PRO C 111 24.45 -52.32 5.09
N PHE C 112 23.70 -51.31 4.69
CA PHE C 112 24.26 -50.16 3.99
C PHE C 112 23.67 -48.87 4.53
N PHE C 113 24.45 -47.80 4.45
CA PHE C 113 24.02 -46.49 4.91
C PHE C 113 23.27 -45.75 3.81
N VAL C 114 22.41 -44.82 4.22
CA VAL C 114 21.71 -43.92 3.32
C VAL C 114 21.76 -42.52 3.92
N LEU C 115 22.07 -41.53 3.10
CA LEU C 115 22.19 -40.17 3.59
C LEU C 115 21.59 -39.19 2.59
N ASN C 116 21.09 -38.08 3.11
CA ASN C 116 20.75 -36.92 2.32
C ASN C 116 21.92 -35.95 2.32
N SER C 117 22.11 -35.25 1.20
CA SER C 117 23.22 -34.34 1.02
C SER C 117 22.94 -32.95 1.57
N ASP C 118 21.92 -32.80 2.42
CA ASP C 118 21.53 -31.51 2.94
C ASP C 118 21.56 -31.42 4.46
N VAL C 119 21.96 -32.48 5.15
CA VAL C 119 21.92 -32.51 6.61
C VAL C 119 23.33 -32.29 7.15
N THR C 120 23.42 -31.50 8.22
CA THR C 120 24.66 -31.31 8.95
C THR C 120 24.40 -31.53 10.43
N CYS C 121 25.34 -32.21 11.09
CA CYS C 121 25.22 -32.56 12.50
C CYS C 121 26.59 -33.01 12.98
N THR C 122 26.65 -33.48 14.23
CA THR C 122 27.86 -34.10 14.74
C THR C 122 28.14 -35.45 14.08
N PHE C 123 27.18 -35.98 13.31
CA PHE C 123 27.26 -37.26 12.64
C PHE C 123 27.62 -38.37 13.61
N PRO C 124 26.78 -38.68 14.60
CA PRO C 124 27.05 -39.86 15.43
C PRO C 124 26.71 -41.12 14.66
N MET C 125 27.75 -41.82 14.21
CA MET C 125 27.57 -43.01 13.39
C MET C 125 27.80 -44.29 14.17
N GLN C 126 27.81 -44.20 15.50
CA GLN C 126 27.79 -45.40 16.34
C GLN C 126 26.48 -46.15 16.26
N GLU C 127 25.52 -45.68 15.44
CA GLU C 127 24.33 -46.47 15.12
C GLU C 127 24.65 -47.71 14.30
N LEU C 128 25.89 -47.82 13.79
CA LEU C 128 26.32 -49.05 13.16
C LEU C 128 26.39 -50.18 14.19
N LEU C 129 27.23 -50.03 15.20
CA LEU C 129 27.37 -51.05 16.24
C LEU C 129 26.11 -51.14 17.10
N ASP C 130 25.48 -50.00 17.37
CA ASP C 130 24.26 -49.97 18.16
C ASP C 130 23.05 -50.29 17.30
N PHE C 131 21.92 -50.52 17.96
CA PHE C 131 20.61 -50.73 17.34
C PHE C 131 20.56 -51.93 16.41
N HIS C 132 21.49 -52.88 16.55
CA HIS C 132 21.41 -54.12 15.79
C HIS C 132 20.39 -55.10 16.35
N LYS C 133 19.64 -54.71 17.37
CA LYS C 133 18.72 -55.62 18.05
C LYS C 133 17.47 -55.86 17.23
N ALA C 134 17.57 -56.73 16.22
CA ALA C 134 16.44 -57.21 15.43
C ALA C 134 15.63 -56.06 14.82
N HIS C 135 16.30 -55.32 13.93
CA HIS C 135 15.67 -54.23 13.21
C HIS C 135 15.81 -54.45 11.71
N GLY C 136 14.73 -54.19 10.97
CA GLY C 136 14.85 -54.08 9.53
C GLY C 136 15.74 -52.93 9.13
N GLY C 137 15.60 -51.80 9.81
CA GLY C 137 16.55 -50.71 9.75
C GLY C 137 17.06 -50.40 11.13
N GLU C 138 18.38 -50.51 11.34
CA GLU C 138 18.97 -50.47 12.67
C GLU C 138 18.91 -49.04 13.19
N GLY C 139 17.75 -48.67 13.70
CA GLY C 139 17.50 -47.28 14.04
C GLY C 139 17.55 -46.39 12.81
N THR C 140 16.94 -46.85 11.72
CA THR C 140 17.13 -46.20 10.42
C THR C 140 16.57 -44.79 10.41
N ILE C 141 15.38 -44.59 10.96
CA ILE C 141 14.72 -43.27 10.90
C ILE C 141 15.29 -42.47 12.06
N MET C 142 16.47 -41.91 11.83
CA MET C 142 17.13 -41.07 12.83
C MET C 142 16.35 -39.76 12.99
N VAL C 143 16.15 -39.36 14.24
CA VAL C 143 15.27 -38.25 14.55
C VAL C 143 16.00 -37.23 15.41
N SER C 144 15.59 -35.97 15.29
CA SER C 144 16.19 -34.86 16.00
C SER C 144 15.09 -34.04 16.67
N GLN C 145 15.42 -33.44 17.80
CA GLN C 145 14.46 -32.66 18.57
C GLN C 145 14.43 -31.23 18.07
N VAL C 146 13.28 -30.79 17.55
CA VAL C 146 13.10 -29.44 17.07
C VAL C 146 11.81 -28.89 17.66
N THR C 147 11.90 -27.73 18.33
CA THR C 147 10.72 -27.12 18.92
C THR C 147 9.81 -26.48 17.87
N GLN C 148 10.29 -26.31 16.64
CA GLN C 148 9.52 -25.73 15.55
C GLN C 148 8.96 -26.80 14.63
N TRP C 149 8.55 -27.94 15.19
CA TRP C 149 8.12 -29.07 14.38
C TRP C 149 6.86 -28.81 13.58
N GLU C 150 6.12 -27.74 13.90
CA GLU C 150 4.93 -27.39 13.12
C GLU C 150 5.31 -27.05 11.68
N LYS C 151 6.25 -26.12 11.51
CA LYS C 151 6.63 -25.70 10.16
C LYS C 151 7.46 -26.76 9.45
N TYR C 152 8.28 -27.51 10.19
CA TYR C 152 9.03 -28.61 9.57
C TYR C 152 8.07 -29.67 9.02
N GLY C 153 7.03 -29.99 9.78
CA GLY C 153 5.91 -30.75 9.26
C GLY C 153 6.12 -32.23 9.01
N VAL C 154 7.21 -32.79 9.54
CA VAL C 154 7.47 -34.22 9.46
C VAL C 154 7.78 -34.69 10.88
N VAL C 155 6.75 -35.13 11.60
CA VAL C 155 6.88 -35.54 12.99
C VAL C 155 6.88 -37.06 13.06
N VAL C 156 7.87 -37.61 13.76
CA VAL C 156 8.01 -39.05 13.92
C VAL C 156 7.61 -39.40 15.35
N TYR C 157 6.63 -40.30 15.49
CA TYR C 157 6.14 -40.71 16.80
C TYR C 157 6.99 -41.88 17.28
N SER C 158 8.00 -41.57 18.07
CA SER C 158 8.93 -42.60 18.56
C SER C 158 8.65 -42.90 20.03
N PRO C 159 8.12 -44.07 20.35
CA PRO C 159 7.90 -44.44 21.75
C PRO C 159 9.17 -45.03 22.35
N GLN C 160 9.04 -45.49 23.60
CA GLN C 160 10.19 -46.12 24.27
C GLN C 160 10.58 -47.43 23.61
N ASN C 161 9.64 -48.08 22.91
CA ASN C 161 9.96 -49.27 22.14
C ASN C 161 10.60 -48.93 20.79
N TYR C 162 10.60 -47.66 20.41
CA TYR C 162 11.17 -47.15 19.16
C TYR C 162 10.45 -47.65 17.93
N GLN C 163 9.24 -48.20 18.07
CA GLN C 163 8.48 -48.68 16.92
C GLN C 163 7.65 -47.53 16.36
N ILE C 164 7.93 -47.15 15.12
CA ILE C 164 7.28 -45.98 14.52
C ILE C 164 5.81 -46.31 14.27
N GLU C 165 4.93 -45.63 15.00
CA GLU C 165 3.50 -45.86 14.82
C GLU C 165 3.00 -45.28 13.51
N ARG C 166 3.39 -44.05 13.20
CA ARG C 166 2.87 -43.37 12.02
C ARG C 166 3.72 -42.12 11.76
N PHE C 167 3.53 -41.55 10.57
CA PHE C 167 4.10 -40.27 10.20
C PHE C 167 2.97 -39.25 10.04
N VAL C 168 3.10 -38.11 10.70
CA VAL C 168 2.06 -37.08 10.69
C VAL C 168 2.64 -35.79 10.12
N GLU C 169 1.93 -35.21 9.18
CA GLU C 169 2.32 -33.94 8.55
C GLU C 169 1.50 -32.81 9.16
N LYS C 170 2.19 -31.86 9.77
CA LYS C 170 1.56 -30.73 10.46
C LYS C 170 0.53 -31.21 11.49
N PRO C 171 0.95 -31.94 12.51
CA PRO C 171 -0.02 -32.44 13.50
C PRO C 171 -0.49 -31.34 14.44
N SER C 172 -1.80 -31.31 14.67
CA SER C 172 -2.37 -30.32 15.57
C SER C 172 -2.08 -30.64 17.04
N ARG C 173 -2.17 -31.92 17.40
CA ARG C 173 -1.92 -32.35 18.77
C ARG C 173 -0.44 -32.62 18.97
N PHE C 174 0.01 -32.43 20.22
CA PHE C 174 1.42 -32.64 20.56
C PHE C 174 1.74 -34.13 20.61
N LEU C 175 1.81 -34.77 19.44
CA LEU C 175 2.19 -36.18 19.38
C LEU C 175 3.65 -36.37 19.76
N GLY C 176 4.51 -35.49 19.28
CA GLY C 176 5.93 -35.57 19.60
C GLY C 176 6.67 -34.41 18.98
N ASP C 177 7.94 -34.28 19.37
CA ASP C 177 8.79 -33.21 18.86
C ASP C 177 9.87 -33.70 17.91
N ARG C 178 10.13 -35.01 17.86
CA ARG C 178 11.17 -35.54 17.00
C ARG C 178 10.77 -35.41 15.53
N ILE C 179 11.74 -35.07 14.69
CA ILE C 179 11.52 -34.99 13.25
C ILE C 179 12.62 -35.80 12.55
N ASN C 180 12.33 -36.17 11.30
CA ASN C 180 13.28 -36.96 10.53
C ASN C 180 14.58 -36.19 10.30
N ALA C 181 15.70 -36.89 10.41
CA ALA C 181 17.02 -36.27 10.33
C ALA C 181 17.77 -36.59 9.06
N GLY C 182 17.23 -37.42 8.18
CA GLY C 182 17.82 -37.65 6.88
C GLY C 182 18.98 -38.62 6.84
N ILE C 183 19.28 -39.32 7.94
CA ILE C 183 20.34 -40.32 7.97
C ILE C 183 19.70 -41.66 8.31
N TYR C 184 20.02 -42.69 7.53
CA TYR C 184 19.33 -43.97 7.60
C TYR C 184 20.36 -45.09 7.49
N ILE C 185 20.00 -46.26 8.01
CA ILE C 185 20.79 -47.47 7.82
C ILE C 185 19.82 -48.62 7.55
N PHE C 186 20.03 -49.33 6.45
CA PHE C 186 19.09 -50.33 5.98
C PHE C 186 19.76 -51.68 5.81
N ASN C 187 19.04 -52.73 6.17
CA ASN C 187 19.38 -54.07 5.69
C ASN C 187 18.98 -54.17 4.22
N LYS C 188 19.80 -54.88 3.44
CA LYS C 188 19.63 -54.88 1.99
C LYS C 188 18.31 -55.50 1.53
N SER C 189 17.62 -56.22 2.42
CA SER C 189 16.32 -56.78 2.06
C SER C 189 15.32 -55.70 1.65
N ILE C 190 15.51 -54.47 2.13
CA ILE C 190 14.63 -53.37 1.74
C ILE C 190 14.64 -53.16 0.23
N LEU C 191 15.68 -53.60 -0.46
CA LEU C 191 15.71 -53.45 -1.91
C LEU C 191 14.58 -54.20 -2.57
N ASP C 192 14.03 -55.23 -1.91
CA ASP C 192 12.87 -55.93 -2.44
C ASP C 192 11.62 -55.08 -2.35
N ARG C 193 11.50 -54.26 -1.30
CA ARG C 193 10.30 -53.47 -1.10
C ARG C 193 10.21 -52.32 -2.09
N ILE C 194 11.33 -51.72 -2.44
CA ILE C 194 11.31 -50.54 -3.30
C ILE C 194 11.04 -50.95 -4.74
N PRO C 195 10.03 -50.39 -5.39
CA PRO C 195 9.73 -50.78 -6.77
C PRO C 195 10.58 -50.02 -7.76
N PRO C 196 10.89 -50.62 -8.91
CA PRO C 196 11.69 -49.91 -9.92
C PRO C 196 10.90 -48.80 -10.61
N ARG C 197 10.65 -47.71 -9.89
CA ARG C 197 9.91 -46.58 -10.43
C ARG C 197 10.14 -45.38 -9.54
N ARG C 198 9.55 -44.25 -9.93
CA ARG C 198 9.64 -43.05 -9.13
C ARG C 198 8.84 -43.21 -7.84
N ALA C 199 9.50 -42.98 -6.71
CA ALA C 199 8.84 -43.14 -5.41
C ALA C 199 9.52 -42.23 -4.40
N SER C 200 8.96 -42.11 -3.22
CA SER C 200 9.58 -41.33 -2.17
C SER C 200 9.75 -41.95 -0.80
N ILE C 201 10.92 -42.44 -0.41
CA ILE C 201 11.15 -42.90 0.95
C ILE C 201 10.91 -41.58 1.61
N GLU C 202 10.14 -41.56 2.69
CA GLU C 202 9.46 -40.40 3.32
C GLU C 202 7.99 -40.18 3.00
N LYS C 203 7.41 -40.92 2.06
CA LYS C 203 5.98 -40.80 1.72
C LYS C 203 5.41 -42.09 1.15
N GLU C 204 6.26 -43.00 0.72
CA GLU C 204 5.80 -44.30 0.22
C GLU C 204 6.37 -45.47 1.01
N ILE C 205 7.70 -45.58 1.09
CA ILE C 205 8.32 -46.74 1.73
C ILE C 205 8.19 -46.65 3.25
N PHE C 206 8.46 -45.47 3.80
CA PHE C 206 8.48 -45.33 5.26
C PHE C 206 7.13 -45.57 5.93
N PRO C 207 6.01 -45.06 5.43
CA PRO C 207 4.72 -45.46 6.04
C PRO C 207 4.49 -46.96 6.03
N ALA C 208 4.87 -47.64 4.94
CA ALA C 208 4.72 -49.09 4.89
C ALA C 208 5.61 -49.78 5.93
N MET C 209 6.85 -49.32 6.07
CA MET C 209 7.75 -49.91 7.06
C MET C 209 7.23 -49.67 8.48
N ALA C 210 6.68 -48.47 8.74
CA ALA C 210 6.11 -48.19 10.05
C ALA C 210 4.90 -49.07 10.33
N ALA C 211 4.06 -49.29 9.32
CA ALA C 211 2.91 -50.17 9.48
C ALA C 211 3.35 -51.60 9.77
N GLU C 212 4.37 -52.08 9.07
CA GLU C 212 4.87 -53.43 9.29
C GLU C 212 5.67 -53.57 10.59
N GLY C 213 6.00 -52.46 11.25
CA GLY C 213 6.75 -52.53 12.49
C GLY C 213 8.22 -52.82 12.35
N GLN C 214 8.79 -52.62 11.16
CA GLN C 214 10.21 -52.81 10.93
C GLN C 214 10.99 -51.51 10.92
N LEU C 215 10.36 -50.40 11.31
CA LEU C 215 11.00 -49.09 11.29
C LEU C 215 11.29 -48.67 12.73
N TYR C 216 12.55 -48.35 13.01
CA TYR C 216 12.99 -48.00 14.36
C TYR C 216 13.68 -46.65 14.35
N ALA C 217 13.38 -45.83 15.35
CA ALA C 217 13.91 -44.48 15.44
C ALA C 217 15.21 -44.45 16.23
N PHE C 218 16.10 -43.53 15.85
CA PHE C 218 17.37 -43.31 16.53
C PHE C 218 17.40 -41.86 16.99
N ASN C 219 17.62 -41.65 18.29
CA ASN C 219 17.63 -40.32 18.86
C ASN C 219 18.97 -39.63 18.61
N LEU C 220 18.91 -38.35 18.24
CA LEU C 220 20.11 -37.55 17.96
C LEU C 220 20.33 -36.60 19.13
N GLU C 221 21.43 -36.83 19.86
CA GLU C 221 21.72 -35.99 21.03
C GLU C 221 22.30 -34.63 20.63
N GLY C 222 23.15 -34.61 19.60
CA GLY C 222 23.82 -33.38 19.21
C GLY C 222 22.96 -32.48 18.36
N PHE C 223 23.59 -31.39 17.89
CA PHE C 223 22.92 -30.45 17.02
C PHE C 223 22.65 -31.07 15.65
N TRP C 224 21.64 -30.54 14.96
CA TRP C 224 21.28 -31.01 13.64
C TRP C 224 20.58 -29.89 12.89
N MET C 225 20.82 -29.82 11.59
CA MET C 225 20.12 -28.86 10.76
C MET C 225 20.18 -29.29 9.30
N ASP C 226 19.05 -29.18 8.61
CA ASP C 226 19.03 -29.31 7.16
C ASP C 226 19.29 -27.94 6.54
N VAL C 227 20.32 -27.88 5.70
CA VAL C 227 20.82 -26.60 5.20
C VAL C 227 20.40 -26.40 3.76
N GLY C 228 19.27 -27.00 3.38
CA GLY C 228 18.73 -26.84 2.04
C GLY C 228 18.02 -25.52 1.78
N GLN C 229 17.91 -24.66 2.79
CA GLN C 229 17.33 -23.34 2.63
C GLN C 229 18.32 -22.28 3.09
N PRO C 230 18.30 -21.08 2.49
CA PRO C 230 19.27 -20.06 2.88
C PRO C 230 19.20 -19.66 4.35
N LYS C 231 18.00 -19.51 4.91
CA LYS C 231 17.89 -19.22 6.34
C LYS C 231 18.42 -20.37 7.16
N ASP C 232 18.02 -21.59 6.81
CA ASP C 232 18.57 -22.77 7.47
C ASP C 232 20.05 -22.92 7.19
N TYR C 233 20.52 -22.49 6.01
CA TYR C 233 21.94 -22.49 5.72
C TYR C 233 22.71 -21.62 6.72
N ILE C 234 22.22 -20.39 6.94
CA ILE C 234 22.88 -19.47 7.86
C ILE C 234 22.85 -20.01 9.29
N LEU C 235 21.68 -20.51 9.70
CA LEU C 235 21.56 -21.00 11.09
C LEU C 235 22.41 -22.24 11.30
N GLY C 236 22.48 -23.13 10.29
CA GLY C 236 23.36 -24.28 10.38
C GLY C 236 24.83 -23.91 10.40
N MET C 237 25.21 -22.88 9.65
CA MET C 237 26.58 -22.37 9.76
C MET C 237 26.87 -21.89 11.17
N THR C 238 25.92 -21.16 11.76
CA THR C 238 26.09 -20.68 13.13
C THR C 238 26.25 -21.85 14.10
N LYS C 239 25.45 -22.91 13.93
CA LYS C 239 25.55 -24.06 14.82
C LYS C 239 26.80 -24.88 14.57
N PHE C 240 27.32 -24.87 13.34
CA PHE C 240 28.36 -25.82 12.93
C PHE C 240 29.78 -25.28 13.12
N ILE C 241 30.01 -24.00 12.83
CA ILE C 241 31.37 -23.46 12.85
C ILE C 241 32.07 -23.66 14.19
N PRO C 242 31.40 -23.43 15.34
CA PRO C 242 32.09 -23.66 16.62
C PRO C 242 32.63 -25.07 16.79
N SER C 243 31.95 -26.08 16.23
CA SER C 243 32.46 -27.43 16.30
C SER C 243 33.72 -27.59 15.45
N LEU C 244 33.79 -26.90 14.33
CA LEU C 244 34.87 -27.08 13.36
C LEU C 244 36.04 -26.14 13.54
N VAL C 245 35.96 -25.16 14.46
CA VAL C 245 37.07 -24.23 14.62
C VAL C 245 38.35 -24.95 15.02
N HIS C 246 38.26 -25.88 15.97
CA HIS C 246 39.46 -26.60 16.38
C HIS C 246 39.83 -27.72 15.42
N GLY C 247 38.88 -28.17 14.59
CA GLY C 247 39.18 -29.22 13.64
C GLY C 247 40.12 -28.80 12.54
N ASN C 248 39.97 -27.58 12.05
CA ASN C 248 40.72 -27.08 10.90
C ASN C 248 41.64 -25.93 11.30
N ARG C 249 42.45 -25.50 10.34
CA ARG C 249 43.40 -24.41 10.53
C ARG C 249 42.84 -23.07 10.08
N GLU C 250 41.51 -22.92 10.04
CA GLU C 250 40.89 -21.69 9.59
C GLU C 250 40.09 -21.04 10.71
N THR C 256 43.16 -15.71 21.03
CA THR C 256 42.09 -15.09 21.80
C THR C 256 40.72 -15.46 21.21
N GLU C 257 39.84 -14.46 21.10
CA GLU C 257 38.53 -14.64 20.48
C GLU C 257 38.70 -14.55 18.96
N ALA C 258 39.32 -15.59 18.40
CA ALA C 258 39.69 -15.56 17.00
C ALA C 258 39.89 -16.97 16.48
N VAL C 259 39.88 -17.09 15.15
CA VAL C 259 40.16 -18.33 14.44
C VAL C 259 41.28 -18.13 13.43
N GLU C 260 41.16 -17.11 12.57
CA GLU C 260 42.20 -16.71 11.63
C GLU C 260 42.28 -15.20 11.73
N HIS C 261 43.17 -14.70 12.60
CA HIS C 261 43.14 -13.32 13.03
C HIS C 261 44.28 -12.47 12.47
N GLN C 262 45.24 -13.09 11.77
CA GLN C 262 46.39 -12.36 11.23
C GLN C 262 46.65 -12.72 9.78
N ARG C 263 45.60 -13.11 9.06
CA ARG C 263 45.77 -13.55 7.67
C ARG C 263 46.21 -12.39 6.77
N GLY C 264 45.50 -11.27 6.82
CA GLY C 264 45.85 -10.14 5.98
C GLY C 264 45.82 -8.81 6.71
N GLY C 265 46.97 -8.14 6.77
CA GLY C 265 47.03 -6.86 7.45
C GLY C 265 46.63 -6.98 8.91
N ARG C 266 45.67 -6.16 9.33
CA ARG C 266 45.14 -6.17 10.68
C ARG C 266 43.62 -6.14 10.60
N PHE C 267 42.97 -7.13 11.21
CA PHE C 267 41.51 -7.17 11.22
C PHE C 267 41.05 -7.87 12.50
N THR C 268 39.78 -7.65 12.82
CA THR C 268 39.20 -8.09 14.08
C THR C 268 38.20 -9.21 13.83
N VAL C 269 38.19 -10.20 14.73
CA VAL C 269 37.25 -11.32 14.69
C VAL C 269 36.48 -11.31 16.00
N ILE C 270 35.15 -11.40 15.90
CA ILE C 270 34.29 -11.28 17.08
C ILE C 270 33.80 -12.66 17.50
N GLY C 271 34.50 -13.71 17.09
CA GLY C 271 34.13 -15.04 17.53
C GLY C 271 34.68 -16.10 16.58
N ALA C 272 33.85 -17.11 16.35
CA ALA C 272 34.23 -18.18 15.44
C ALA C 272 34.00 -17.76 14.00
N SER C 273 34.90 -18.20 13.12
CA SER C 273 34.80 -17.94 11.70
C SER C 273 35.65 -18.96 10.96
N LEU C 274 35.64 -18.88 9.63
CA LEU C 274 36.41 -19.80 8.79
C LEU C 274 36.95 -18.98 7.61
N ILE C 275 38.22 -18.62 7.68
CA ILE C 275 38.88 -17.83 6.64
C ILE C 275 39.92 -18.70 5.97
N ASP C 276 39.79 -18.87 4.66
CA ASP C 276 40.72 -19.70 3.92
C ASP C 276 42.11 -19.07 3.92
N PRO C 277 43.16 -19.89 3.97
CA PRO C 277 44.53 -19.33 3.95
C PRO C 277 44.82 -18.47 2.74
N SER C 278 44.23 -18.76 1.59
CA SER C 278 44.51 -18.01 0.37
C SER C 278 43.69 -16.72 0.27
N ALA C 279 42.72 -16.51 1.14
CA ALA C 279 41.93 -15.28 1.12
C ALA C 279 42.72 -14.14 1.75
N LYS C 280 42.62 -12.96 1.14
CA LYS C 280 43.23 -11.74 1.67
C LYS C 280 42.15 -10.91 2.34
N ILE C 281 42.31 -10.64 3.63
CA ILE C 281 41.26 -9.95 4.38
C ILE C 281 41.72 -8.55 4.75
N GLY C 282 41.51 -7.59 3.85
CA GLY C 282 41.52 -6.15 4.03
C GLY C 282 42.59 -5.63 4.97
N ASP C 283 42.23 -4.57 5.69
CA ASP C 283 43.02 -3.96 6.74
C ASP C 283 42.08 -3.14 7.60
N GLY C 284 41.84 -3.62 8.83
CA GLY C 284 40.83 -3.02 9.68
C GLY C 284 39.45 -3.61 9.54
N ALA C 285 39.28 -4.65 8.72
CA ALA C 285 37.99 -5.30 8.56
C ALA C 285 37.58 -6.00 9.85
N VAL C 286 36.30 -6.37 9.92
CA VAL C 286 35.73 -7.02 11.09
C VAL C 286 35.01 -8.28 10.62
N ILE C 287 35.68 -9.43 10.73
CA ILE C 287 35.10 -10.71 10.35
C ILE C 287 34.30 -11.21 11.56
N GLY C 288 32.98 -11.11 11.47
CA GLY C 288 32.13 -11.34 12.62
C GLY C 288 31.99 -12.81 12.99
N PRO C 289 31.09 -13.10 13.93
CA PRO C 289 30.95 -14.46 14.42
C PRO C 289 30.24 -15.34 13.40
N TYR C 290 30.75 -16.56 13.22
CA TYR C 290 30.17 -17.55 12.31
C TYR C 290 30.09 -17.01 10.88
N ALA C 291 31.26 -16.68 10.34
CA ALA C 291 31.38 -16.20 8.97
C ALA C 291 32.38 -17.06 8.22
N SER C 292 32.10 -17.33 6.95
CA SER C 292 32.94 -18.17 6.11
C SER C 292 33.45 -17.37 4.94
N ILE C 293 34.78 -17.40 4.73
CA ILE C 293 35.42 -16.72 3.62
C ILE C 293 36.08 -17.78 2.75
N GLY C 294 35.73 -17.81 1.47
CA GLY C 294 36.22 -18.81 0.56
C GLY C 294 37.65 -18.57 0.12
N ALA C 295 38.16 -19.50 -0.66
CA ALA C 295 39.53 -19.41 -1.16
C ALA C 295 39.65 -18.33 -2.23
N ASN C 296 40.81 -17.67 -2.25
CA ASN C 296 41.14 -16.64 -3.23
C ASN C 296 40.21 -15.44 -3.14
N CYS C 297 39.36 -15.40 -2.12
CA CYS C 297 38.48 -14.26 -1.91
C CYS C 297 39.27 -13.03 -1.48
N VAL C 298 38.75 -11.86 -1.82
CA VAL C 298 39.35 -10.59 -1.45
C VAL C 298 38.32 -9.78 -0.68
N ILE C 299 38.72 -9.26 0.47
CA ILE C 299 37.85 -8.49 1.35
C ILE C 299 38.42 -7.09 1.49
N GLY C 300 37.56 -6.08 1.43
CA GLY C 300 37.99 -4.70 1.48
C GLY C 300 38.50 -4.30 2.85
N GLU C 301 38.87 -3.02 2.96
CA GLU C 301 39.57 -2.53 4.14
C GLU C 301 38.71 -2.61 5.39
N SER C 302 37.49 -2.08 5.35
CA SER C 302 36.67 -1.95 6.55
C SER C 302 35.34 -2.67 6.37
N CYS C 303 35.39 -3.89 5.85
CA CYS C 303 34.18 -4.68 5.69
C CYS C 303 33.71 -5.24 7.03
N ARG C 304 32.45 -5.68 7.05
CA ARG C 304 31.83 -6.30 8.21
C ARG C 304 31.11 -7.55 7.75
N ILE C 305 31.73 -8.70 7.95
CA ILE C 305 31.15 -9.99 7.56
C ILE C 305 30.52 -10.55 8.85
N ASP C 306 29.25 -10.21 9.06
CA ASP C 306 28.61 -10.49 10.34
C ASP C 306 28.29 -11.97 10.48
N ASN C 307 27.44 -12.50 9.60
CA ASN C 307 27.08 -13.91 9.60
C ASN C 307 27.01 -14.43 8.17
N ALA C 308 27.81 -13.85 7.28
CA ALA C 308 27.72 -14.11 5.86
C ALA C 308 28.70 -15.22 5.45
N ALA C 309 28.40 -15.83 4.31
CA ALA C 309 29.28 -16.80 3.68
C ALA C 309 29.77 -16.22 2.36
N ILE C 310 31.08 -16.14 2.19
CA ILE C 310 31.70 -15.63 0.97
C ILE C 310 32.34 -16.81 0.25
N LEU C 311 31.88 -17.08 -0.97
CA LEU C 311 32.22 -18.30 -1.69
C LEU C 311 33.24 -17.99 -2.78
N GLU C 312 34.31 -18.79 -2.82
CA GLU C 312 35.31 -18.77 -3.88
C GLU C 312 35.80 -17.37 -4.24
N ASN C 313 36.06 -17.13 -5.53
CA ASN C 313 36.73 -15.92 -6.00
C ASN C 313 35.77 -14.72 -5.99
N SER C 314 35.30 -14.38 -4.80
CA SER C 314 34.42 -13.23 -4.61
C SER C 314 35.22 -12.06 -4.07
N LYS C 315 34.90 -10.86 -4.57
CA LYS C 315 35.59 -9.63 -4.16
C LYS C 315 34.59 -8.70 -3.51
N VAL C 316 34.95 -8.17 -2.34
CA VAL C 316 34.09 -7.28 -1.57
C VAL C 316 34.85 -5.98 -1.34
N GLY C 317 34.20 -4.86 -1.67
CA GLY C 317 34.86 -3.57 -1.57
C GLY C 317 34.87 -3.02 -0.16
N LYS C 318 35.63 -1.94 0.01
CA LYS C 318 35.86 -1.35 1.33
C LYS C 318 34.59 -0.71 1.87
N GLY C 319 34.24 -1.04 3.12
CA GLY C 319 33.07 -0.49 3.77
C GLY C 319 31.80 -1.31 3.62
N THR C 320 31.82 -2.37 2.81
CA THR C 320 30.64 -3.19 2.63
C THR C 320 30.30 -3.95 3.90
N MET C 321 29.00 -4.13 4.15
CA MET C 321 28.52 -4.92 5.27
C MET C 321 27.54 -5.96 4.74
N VAL C 322 27.96 -7.22 4.72
CA VAL C 322 27.08 -8.33 4.36
C VAL C 322 26.83 -9.16 5.61
N SER C 323 25.57 -9.28 6.00
CA SER C 323 25.19 -9.93 7.25
C SER C 323 24.10 -10.96 6.98
N ARG C 324 24.32 -12.18 7.49
CA ARG C 324 23.34 -13.27 7.38
C ARG C 324 22.96 -13.53 5.93
N SER C 325 23.90 -13.32 5.02
CA SER C 325 23.64 -13.42 3.59
C SER C 325 24.70 -14.28 2.93
N ILE C 326 24.35 -14.85 1.78
CA ILE C 326 25.25 -15.68 1.00
C ILE C 326 25.54 -14.98 -0.32
N VAL C 327 26.81 -14.95 -0.71
CA VAL C 327 27.24 -14.43 -1.99
C VAL C 327 27.80 -15.58 -2.81
N GLY C 328 27.68 -15.47 -4.13
CA GLY C 328 28.04 -16.55 -5.02
C GLY C 328 29.53 -16.79 -5.12
N TRP C 329 29.91 -17.45 -6.21
CA TRP C 329 31.29 -17.92 -6.35
C TRP C 329 32.20 -16.83 -6.89
N ASN C 330 31.77 -16.13 -7.94
CA ASN C 330 32.60 -15.17 -8.63
C ASN C 330 31.98 -13.78 -8.61
N ASN C 331 31.49 -13.36 -7.45
CA ASN C 331 30.87 -12.05 -7.32
C ASN C 331 31.91 -10.94 -7.33
N ARG C 332 31.43 -9.72 -7.60
CA ARG C 332 32.23 -8.50 -7.44
C ARG C 332 31.33 -7.49 -6.73
N ILE C 333 31.34 -7.52 -5.41
CA ILE C 333 30.51 -6.63 -4.61
C ILE C 333 31.12 -5.24 -4.59
N GLY C 334 30.27 -4.23 -4.57
CA GLY C 334 30.72 -2.85 -4.55
C GLY C 334 31.41 -2.51 -3.24
N SER C 335 31.67 -1.21 -3.08
CA SER C 335 32.42 -0.73 -1.93
C SER C 335 31.55 -0.58 -0.69
N TRP C 336 30.52 0.26 -0.77
CA TRP C 336 29.76 0.66 0.42
C TRP C 336 28.36 0.05 0.44
N CYS C 337 28.25 -1.23 0.10
CA CYS C 337 26.96 -1.90 0.03
C CYS C 337 26.56 -2.49 1.39
N HIS C 338 25.25 -2.72 1.53
CA HIS C 338 24.69 -3.51 2.62
C HIS C 338 23.88 -4.66 2.05
N ILE C 339 24.36 -5.88 2.25
CA ILE C 339 23.61 -7.08 1.87
C ILE C 339 23.09 -7.72 3.14
N LYS C 340 21.86 -7.37 3.52
CA LYS C 340 21.33 -7.70 4.82
C LYS C 340 20.24 -8.77 4.73
N ASP C 341 19.64 -9.08 5.88
CA ASP C 341 18.57 -10.07 6.04
C ASP C 341 19.08 -11.39 5.45
N ILE C 342 18.24 -12.18 4.79
CA ILE C 342 18.67 -13.42 4.15
C ILE C 342 18.69 -13.17 2.65
N SER C 343 19.85 -12.78 2.13
CA SER C 343 20.01 -12.45 0.72
C SER C 343 20.99 -13.42 0.11
N VAL C 344 20.64 -13.96 -1.05
CA VAL C 344 21.46 -14.95 -1.75
C VAL C 344 21.82 -14.38 -3.11
N LEU C 345 23.11 -14.40 -3.44
CA LEU C 345 23.61 -13.88 -4.70
C LEU C 345 24.09 -15.02 -5.58
N GLY C 346 23.87 -14.89 -6.89
CA GLY C 346 24.18 -15.94 -7.83
C GLY C 346 25.66 -16.02 -8.15
N ASP C 347 25.96 -16.79 -9.20
CA ASP C 347 27.34 -17.17 -9.48
C ASP C 347 28.21 -15.97 -9.83
N ASP C 348 27.70 -15.04 -10.64
CA ASP C 348 28.51 -13.96 -11.18
C ASP C 348 27.82 -12.61 -11.03
N VAL C 349 27.15 -12.41 -9.90
CA VAL C 349 26.47 -11.14 -9.65
C VAL C 349 27.48 -10.06 -9.31
N GLU C 350 27.30 -8.87 -9.88
CA GLU C 350 28.11 -7.70 -9.58
C GLU C 350 27.21 -6.60 -9.04
N VAL C 351 27.59 -6.02 -7.91
CA VAL C 351 26.80 -5.00 -7.22
C VAL C 351 27.56 -3.68 -7.26
N LYS C 352 26.88 -2.63 -7.69
CA LYS C 352 27.49 -1.30 -7.73
C LYS C 352 27.60 -0.72 -6.33
N ASP C 353 28.42 0.32 -6.21
CA ASP C 353 28.69 0.92 -4.91
C ASP C 353 27.43 1.58 -4.34
N GLY C 354 27.24 1.43 -3.05
CA GLY C 354 26.13 2.07 -2.35
C GLY C 354 24.80 1.34 -2.44
N VAL C 355 24.74 0.18 -3.07
CA VAL C 355 23.49 -0.53 -3.27
C VAL C 355 23.14 -1.30 -2.00
N ILE C 356 21.87 -1.24 -1.61
CA ILE C 356 21.38 -1.91 -0.40
C ILE C 356 20.41 -3.00 -0.84
N LEU C 357 20.73 -4.24 -0.50
CA LEU C 357 19.89 -5.40 -0.79
C LEU C 357 19.43 -6.00 0.52
N ILE C 358 18.17 -5.81 0.86
CA ILE C 358 17.59 -6.30 2.10
C ILE C 358 16.90 -7.61 1.75
N GLY C 359 17.63 -8.71 1.87
CA GLY C 359 17.04 -10.03 1.66
C GLY C 359 16.53 -10.29 0.27
N THR C 360 17.28 -9.90 -0.75
CA THR C 360 16.90 -10.11 -2.14
C THR C 360 17.79 -11.16 -2.77
N LYS C 361 17.18 -12.06 -3.54
CA LYS C 361 17.88 -13.14 -4.20
C LYS C 361 18.16 -12.75 -5.65
N VAL C 362 19.43 -12.73 -6.04
CA VAL C 362 19.85 -12.33 -7.36
C VAL C 362 20.29 -13.55 -8.14
N LEU C 363 19.70 -13.75 -9.31
CA LEU C 363 20.04 -14.89 -10.15
C LEU C 363 21.42 -14.69 -10.76
N PRO C 364 22.06 -15.78 -11.21
CA PRO C 364 23.45 -15.66 -11.67
C PRO C 364 23.59 -14.75 -12.88
N ASN C 365 24.78 -14.13 -12.99
CA ASN C 365 25.17 -13.32 -14.14
C ASN C 365 24.29 -12.07 -14.26
N LYS C 366 24.06 -11.40 -13.15
CA LYS C 366 23.29 -10.15 -13.12
C LYS C 366 24.18 -9.01 -12.64
N ASP C 367 23.72 -7.79 -12.93
CA ASP C 367 24.34 -6.57 -12.42
C ASP C 367 23.28 -5.79 -11.65
N VAL C 368 23.56 -5.51 -10.38
CA VAL C 368 22.63 -4.81 -9.50
C VAL C 368 23.12 -3.40 -9.30
N GLY C 369 22.25 -2.43 -9.58
CA GLY C 369 22.61 -1.02 -9.42
C GLY C 369 21.53 -0.21 -8.76
N GLU C 370 20.49 -0.89 -8.28
CA GLU C 370 19.36 -0.23 -7.64
C GLU C 370 19.16 -0.77 -6.24
N HIS C 371 18.72 0.10 -5.33
CA HIS C 371 18.43 -0.32 -3.98
C HIS C 371 17.14 -1.14 -3.95
N ARG C 372 17.14 -2.19 -3.12
CA ARG C 372 15.97 -3.03 -2.93
C ARG C 372 15.78 -3.22 -1.43
N PHE C 373 14.82 -2.49 -0.86
CA PHE C 373 14.60 -2.46 0.57
C PHE C 373 13.60 -3.51 1.05
N GLU C 374 13.03 -4.29 0.13
CA GLU C 374 12.06 -5.32 0.49
C GLU C 374 12.52 -6.66 -0.09
N PRO C 375 12.20 -7.76 0.59
CA PRO C 375 12.55 -9.08 0.06
C PRO C 375 11.95 -9.29 -1.32
N GLY C 376 12.73 -9.92 -2.19
CA GLY C 376 12.29 -10.13 -3.55
C GLY C 376 13.34 -10.88 -4.34
N ILE C 377 13.11 -10.97 -5.65
CA ILE C 377 13.98 -11.68 -6.56
C ILE C 377 14.38 -10.75 -7.69
N ILE C 378 15.67 -10.73 -8.02
CA ILE C 378 16.18 -9.97 -9.15
C ILE C 378 16.37 -10.94 -10.30
N MET C 379 15.61 -10.75 -11.37
CA MET C 379 15.64 -11.66 -12.51
C MET C 379 16.94 -11.53 -13.28
N MET D 9 12.26 19.60 56.64
CA MET D 9 12.34 18.65 55.54
C MET D 9 12.44 19.38 54.21
N ARG D 10 13.13 18.78 53.25
CA ARG D 10 13.29 19.40 51.93
C ARG D 10 13.13 18.33 50.85
N ALA D 11 12.86 18.81 49.64
CA ALA D 11 12.64 17.93 48.51
C ALA D 11 13.55 18.33 47.36
N VAL D 12 13.76 17.39 46.44
CA VAL D 12 14.52 17.62 45.21
C VAL D 12 13.68 17.09 44.05
N ILE D 13 13.36 17.96 43.10
CA ILE D 13 12.56 17.58 41.94
C ILE D 13 13.46 17.60 40.72
N LEU D 14 13.51 16.48 40.00
CA LEU D 14 14.33 16.36 38.80
C LEU D 14 13.60 17.05 37.65
N VAL D 15 13.93 18.31 37.40
CA VAL D 15 13.22 19.15 36.45
C VAL D 15 14.00 19.31 35.15
N GLY D 16 15.12 18.60 35.00
CA GLY D 16 15.87 18.62 33.76
C GLY D 16 15.19 17.81 32.68
N GLY D 17 16.00 17.23 31.82
CA GLY D 17 15.52 16.35 30.76
C GLY D 17 14.97 17.13 29.58
N PHE D 18 15.08 16.49 28.42
CA PHE D 18 14.71 17.12 27.16
C PHE D 18 13.23 16.97 26.82
N GLY D 19 12.48 16.18 27.58
CA GLY D 19 11.07 15.97 27.25
C GLY D 19 10.84 15.37 25.89
N THR D 20 11.59 14.30 25.56
CA THR D 20 11.56 13.75 24.21
C THR D 20 10.20 13.19 23.84
N ARG D 21 9.51 12.53 24.76
CA ARG D 21 8.23 11.93 24.42
C ARG D 21 7.13 12.99 24.29
N LEU D 22 7.17 14.04 25.08
CA LEU D 22 6.29 15.20 24.88
C LEU D 22 6.95 16.25 24.00
N ARG D 23 7.49 15.81 22.86
CA ARG D 23 8.37 16.70 22.09
C ARG D 23 7.64 17.91 21.50
N PRO D 24 6.49 17.77 20.84
CA PRO D 24 5.87 18.96 20.24
C PRO D 24 5.58 20.07 21.23
N LEU D 25 5.30 19.73 22.49
CA LEU D 25 5.05 20.75 23.50
C LEU D 25 6.32 21.16 24.26
N THR D 26 7.31 20.28 24.34
CA THR D 26 8.53 20.59 25.08
C THR D 26 9.59 21.27 24.23
N LEU D 27 9.31 21.56 22.97
CA LEU D 27 10.20 22.40 22.18
C LEU D 27 10.07 23.88 22.53
N THR D 28 9.01 24.24 23.26
CA THR D 28 8.79 25.61 23.70
C THR D 28 9.08 25.80 25.18
N THR D 29 8.53 24.94 26.03
CA THR D 29 8.72 25.02 27.47
C THR D 29 9.27 23.70 28.00
N PRO D 30 9.99 23.72 29.11
CA PRO D 30 10.47 22.47 29.70
C PRO D 30 9.31 21.58 30.14
N LYS D 31 9.60 20.28 30.22
CA LYS D 31 8.58 19.32 30.62
C LYS D 31 7.89 19.64 31.95
N PRO D 32 8.59 20.06 33.01
CA PRO D 32 7.87 20.41 34.24
C PRO D 32 6.86 21.53 34.08
N LEU D 33 7.10 22.46 33.15
CA LEU D 33 6.24 23.62 32.99
C LEU D 33 5.12 23.41 31.98
N VAL D 34 5.03 22.23 31.37
CA VAL D 34 3.93 21.94 30.45
C VAL D 34 2.65 21.86 31.26
N PRO D 35 1.65 22.67 30.96
CA PRO D 35 0.44 22.70 31.80
C PRO D 35 -0.31 21.38 31.74
N PHE D 36 -0.54 20.80 32.91
CA PHE D 36 -1.41 19.64 33.07
C PHE D 36 -2.68 20.11 33.75
N CYS D 37 -3.83 19.80 33.14
CA CYS D 37 -5.12 20.41 33.51
C CYS D 37 -4.96 21.91 33.32
N ASN D 38 -4.96 22.72 34.38
CA ASN D 38 -4.78 24.16 34.27
C ASN D 38 -3.58 24.68 35.03
N LYS D 39 -2.63 23.81 35.36
CA LYS D 39 -1.45 24.19 36.10
C LYS D 39 -0.26 23.39 35.60
N PRO D 40 0.97 23.89 35.79
CA PRO D 40 2.14 23.08 35.49
C PRO D 40 2.23 21.86 36.40
N MET D 41 2.84 20.80 35.87
CA MET D 41 2.97 19.54 36.60
C MET D 41 3.76 19.74 37.89
N ILE D 42 4.90 20.44 37.78
CA ILE D 42 5.73 20.73 38.94
C ILE D 42 4.95 21.54 39.95
N ILE D 43 3.97 22.33 39.51
CA ILE D 43 3.17 23.10 40.46
C ILE D 43 2.27 22.19 41.27
N HIS D 44 1.69 21.16 40.65
CA HIS D 44 0.94 20.17 41.41
C HIS D 44 1.82 19.49 42.44
N GLN D 45 3.02 19.08 42.02
CA GLN D 45 3.92 18.41 42.97
C GLN D 45 4.33 19.34 44.11
N ILE D 46 4.59 20.61 43.80
CA ILE D 46 4.99 21.56 44.82
C ILE D 46 3.83 21.84 45.78
N GLU D 47 2.61 21.88 45.26
CA GLU D 47 1.46 22.06 46.14
C GLU D 47 1.32 20.87 47.09
N ALA D 48 1.52 19.65 46.59
CA ALA D 48 1.49 18.48 47.47
C ALA D 48 2.59 18.59 48.54
N LEU D 49 3.79 18.99 48.13
CA LEU D 49 4.90 19.09 49.08
C LEU D 49 4.64 20.15 50.12
N LYS D 50 4.04 21.28 49.72
CA LYS D 50 3.68 22.31 50.68
C LYS D 50 2.61 21.82 51.65
N ALA D 51 1.63 21.07 51.14
CA ALA D 51 0.65 20.44 52.02
C ALA D 51 1.32 19.51 53.02
N VAL D 52 2.43 18.88 52.63
CA VAL D 52 3.21 18.10 53.59
C VAL D 52 3.78 19.00 54.68
N GLY D 53 4.36 20.13 54.29
CA GLY D 53 5.07 20.99 55.21
C GLY D 53 6.47 21.28 54.71
N VAL D 54 6.77 20.84 53.50
CA VAL D 54 8.10 21.06 52.92
C VAL D 54 8.21 22.52 52.48
N THR D 55 9.27 23.18 52.92
CA THR D 55 9.49 24.59 52.59
C THR D 55 10.60 24.78 51.57
N GLU D 56 11.55 23.86 51.47
CA GLU D 56 12.68 23.98 50.56
C GLU D 56 12.57 22.93 49.47
N VAL D 57 12.55 23.38 48.22
CA VAL D 57 12.54 22.52 47.05
C VAL D 57 13.74 22.86 46.19
N ILE D 58 14.50 21.84 45.79
CA ILE D 58 15.70 22.00 44.99
C ILE D 58 15.41 21.46 43.61
N LEU D 59 15.55 22.32 42.59
CA LEU D 59 15.21 21.98 41.22
C LEU D 59 16.49 21.71 40.44
N ALA D 60 16.57 20.52 39.83
CA ALA D 60 17.74 20.13 39.04
C ALA D 60 17.52 20.64 37.61
N VAL D 61 17.95 21.87 37.37
CA VAL D 61 17.64 22.58 36.13
C VAL D 61 18.79 22.36 35.15
N ALA D 62 18.50 21.62 34.07
CA ALA D 62 19.43 21.45 32.97
C ALA D 62 18.87 21.95 31.65
N TYR D 63 17.65 21.57 31.30
CA TYR D 63 16.99 22.05 30.10
C TYR D 63 16.45 23.45 30.34
N ARG D 64 16.74 24.38 29.43
CA ARG D 64 16.40 25.79 29.57
C ARG D 64 16.88 26.30 30.91
N PRO D 65 18.19 26.48 31.11
CA PRO D 65 18.71 26.84 32.44
C PRO D 65 18.05 28.06 33.05
N GLU D 66 18.11 29.20 32.35
CA GLU D 66 17.57 30.44 32.88
C GLU D 66 16.49 31.06 32.01
N ALA D 67 16.37 30.66 30.73
CA ALA D 67 15.38 31.26 29.85
C ALA D 67 13.96 31.00 30.34
N MET D 68 13.69 29.78 30.80
CA MET D 68 12.34 29.38 31.15
C MET D 68 12.17 29.08 32.64
N LYS D 69 12.98 28.18 33.20
CA LYS D 69 12.69 27.67 34.54
C LYS D 69 12.77 28.76 35.60
N GLU D 70 13.83 29.57 35.57
CA GLU D 70 13.98 30.59 36.61
C GLU D 70 12.94 31.70 36.46
N GLN D 71 12.68 32.13 35.22
CA GLN D 71 11.75 33.22 35.00
C GLN D 71 10.31 32.77 35.25
N MET D 72 9.93 31.60 34.72
CA MET D 72 8.54 31.17 34.82
C MET D 72 8.19 30.72 36.23
N ASP D 73 9.18 30.34 37.04
CA ASP D 73 8.92 29.92 38.42
C ASP D 73 8.83 31.13 39.34
N GLU D 74 7.96 32.06 38.94
CA GLU D 74 7.53 33.13 39.83
C GLU D 74 6.55 32.63 40.87
N TRP D 75 6.09 31.39 40.74
CA TRP D 75 5.24 30.75 41.73
C TRP D 75 5.86 30.73 43.12
N SER D 76 7.17 30.98 43.23
CA SER D 76 7.81 31.09 44.54
C SER D 76 7.22 32.25 45.33
N ARG D 77 6.77 33.31 44.65
CA ARG D 77 6.07 34.38 45.35
C ARG D 77 4.77 33.87 45.96
N LYS D 78 4.06 33.00 45.24
CA LYS D 78 2.88 32.34 45.77
C LYS D 78 3.29 31.06 46.49
N LEU D 79 2.31 30.30 46.96
CA LEU D 79 2.49 28.96 47.49
C LEU D 79 3.31 28.95 48.79
N GLY D 80 3.80 30.11 49.21
CA GLY D 80 4.60 30.20 50.42
C GLY D 80 5.82 29.29 50.43
N VAL D 81 6.42 29.03 49.26
CA VAL D 81 7.53 28.10 49.14
C VAL D 81 8.65 28.78 48.38
N SER D 82 9.88 28.32 48.61
CA SER D 82 11.07 28.87 47.99
C SER D 82 11.87 27.76 47.31
N PHE D 83 12.42 28.08 46.13
CA PHE D 83 13.21 27.14 45.36
C PHE D 83 14.67 27.60 45.32
N VAL D 84 15.59 26.65 45.42
CA VAL D 84 17.01 27.01 45.55
C VAL D 84 17.58 27.48 44.22
N PHE D 85 17.29 26.76 43.13
CA PHE D 85 17.86 27.04 41.81
C PHE D 85 19.39 27.06 41.85
N SER D 86 19.99 26.03 42.44
CA SER D 86 21.44 25.93 42.49
C SER D 86 21.95 24.64 41.85
N VAL D 87 21.21 24.10 40.89
CA VAL D 87 21.60 22.86 40.24
C VAL D 87 21.65 23.08 38.73
N GLU D 88 21.94 24.31 38.32
CA GLU D 88 22.20 24.55 36.91
C GLU D 88 23.43 23.76 36.48
N GLU D 89 23.31 23.06 35.35
CA GLU D 89 24.32 22.08 34.99
C GLU D 89 24.20 21.73 33.51
N GLU D 90 25.20 21.01 33.02
CA GLU D 90 25.11 20.26 31.78
C GLU D 90 24.38 18.94 32.06
N PRO D 91 23.86 18.28 31.01
CA PRO D 91 23.12 17.02 31.24
C PRO D 91 23.91 16.01 32.06
N LEU D 92 23.42 15.70 33.26
CA LEU D 92 24.09 14.81 34.19
C LEU D 92 23.26 13.57 34.51
N GLY D 93 22.33 13.20 33.64
CA GLY D 93 21.53 12.03 33.89
C GLY D 93 20.51 12.23 35.00
N THR D 94 19.97 11.11 35.46
CA THR D 94 18.92 11.14 36.48
C THR D 94 19.49 11.17 37.90
N ALA D 95 20.69 10.64 38.10
CA ALA D 95 21.26 10.53 39.45
C ALA D 95 22.33 11.58 39.73
N GLY D 96 23.01 12.09 38.70
CA GLY D 96 24.05 13.08 38.86
C GLY D 96 23.65 14.37 39.54
N PRO D 97 22.45 14.91 39.28
CA PRO D 97 22.04 16.14 39.98
C PRO D 97 22.06 16.02 41.49
N LEU D 98 21.76 14.85 42.04
CA LEU D 98 21.88 14.67 43.49
C LEU D 98 23.32 14.84 43.95
N ALA D 99 24.27 14.28 43.19
CA ALA D 99 25.68 14.47 43.52
C ALA D 99 26.07 15.94 43.43
N LEU D 100 25.55 16.65 42.42
CA LEU D 100 25.87 18.07 42.28
C LEU D 100 25.29 18.88 43.43
N ALA D 101 24.07 18.55 43.87
CA ALA D 101 23.39 19.28 44.93
C ALA D 101 23.70 18.76 46.32
N ARG D 102 24.61 17.79 46.43
CA ARG D 102 25.07 17.34 47.74
C ARG D 102 25.50 18.50 48.62
N ASP D 103 26.20 19.48 48.05
CA ASP D 103 26.69 20.60 48.86
C ASP D 103 25.55 21.42 49.43
N ILE D 104 24.53 21.71 48.62
CA ILE D 104 23.43 22.54 49.09
C ILE D 104 22.50 21.73 50.00
N LEU D 105 22.50 20.40 49.87
CA LEU D 105 21.73 19.57 50.78
C LEU D 105 22.32 19.54 52.18
N MET D 106 23.58 19.94 52.33
CA MET D 106 24.30 20.10 53.59
C MET D 106 24.54 18.78 54.33
N GLN D 107 24.08 17.65 53.79
CA GLN D 107 24.24 16.34 54.42
C GLN D 107 23.70 16.34 55.85
N ASP D 108 22.55 16.98 56.04
CA ASP D 108 21.93 17.03 57.35
C ASP D 108 21.36 15.66 57.74
N ASP D 109 21.03 15.52 59.02
CA ASP D 109 20.51 14.26 59.53
C ASP D 109 19.14 13.94 58.93
N LYS D 110 18.31 14.96 58.73
CA LYS D 110 16.96 14.73 58.23
C LYS D 110 17.01 14.17 56.81
N PRO D 111 16.11 13.24 56.46
CA PRO D 111 16.07 12.74 55.09
C PRO D 111 15.52 13.78 54.12
N PHE D 112 15.43 13.44 52.84
CA PHE D 112 14.94 14.37 51.84
C PHE D 112 14.12 13.62 50.79
N PHE D 113 13.17 14.33 50.19
CA PHE D 113 12.32 13.76 49.15
C PHE D 113 13.00 13.90 47.78
N VAL D 114 12.59 13.02 46.87
CA VAL D 114 13.02 13.08 45.47
C VAL D 114 11.79 12.81 44.61
N LEU D 115 11.59 13.63 43.58
CA LEU D 115 10.41 13.49 42.73
C LEU D 115 10.77 13.69 41.27
N ASN D 116 9.98 13.08 40.40
CA ASN D 116 10.02 13.35 38.97
C ASN D 116 8.87 14.28 38.61
N SER D 117 9.09 15.11 37.58
CA SER D 117 8.10 16.07 37.14
C SER D 117 7.12 15.48 36.14
N ASP D 118 7.04 14.16 36.04
CA ASP D 118 6.20 13.49 35.06
C ASP D 118 5.10 12.63 35.68
N VAL D 119 5.01 12.58 37.00
CA VAL D 119 4.10 11.67 37.69
C VAL D 119 2.95 12.46 38.31
N THR D 120 1.74 11.92 38.18
CA THR D 120 0.57 12.46 38.82
C THR D 120 -0.13 11.35 39.60
N CYS D 121 -0.62 11.68 40.78
CA CYS D 121 -1.28 10.71 41.66
C CYS D 121 -1.98 11.48 42.76
N THR D 122 -2.57 10.74 43.70
CA THR D 122 -3.10 11.35 44.91
C THR D 122 -2.00 11.88 45.83
N PHE D 123 -0.75 11.54 45.54
CA PHE D 123 0.42 11.93 46.30
C PHE D 123 0.28 11.53 47.77
N PRO D 124 0.24 10.22 48.09
CA PRO D 124 0.25 9.82 49.49
C PRO D 124 1.63 10.02 50.08
N MET D 125 1.78 11.08 50.86
CA MET D 125 3.08 11.46 51.41
C MET D 125 3.22 11.10 52.88
N GLN D 126 2.30 10.28 53.41
CA GLN D 126 2.47 9.71 54.74
C GLN D 126 3.58 8.68 54.79
N GLU D 127 4.33 8.49 53.70
CA GLU D 127 5.54 7.69 53.72
C GLU D 127 6.67 8.36 54.48
N LEU D 128 6.51 9.63 54.85
CA LEU D 128 7.46 10.28 55.75
C LEU D 128 7.38 9.67 57.14
N LEU D 129 6.22 9.78 57.79
CA LEU D 129 6.05 9.23 59.13
C LEU D 129 6.11 7.71 59.11
N ASP D 130 5.59 7.09 58.06
CA ASP D 130 5.64 5.64 57.92
C ASP D 130 6.96 5.20 57.30
N PHE D 131 7.20 3.90 57.35
CA PHE D 131 8.36 3.25 56.72
C PHE D 131 9.69 3.76 57.25
N HIS D 132 9.71 4.34 58.45
CA HIS D 132 10.97 4.70 59.10
C HIS D 132 11.67 3.50 59.73
N LYS D 133 11.11 2.30 59.60
CA LYS D 133 11.65 1.13 60.27
C LYS D 133 12.93 0.62 59.61
N ALA D 134 14.05 1.28 59.89
CA ALA D 134 15.39 0.83 59.51
C ALA D 134 15.50 0.62 58.00
N HIS D 135 15.35 1.73 57.27
CA HIS D 135 15.48 1.74 55.82
C HIS D 135 16.54 2.75 55.40
N GLY D 136 17.38 2.35 54.45
CA GLY D 136 18.23 3.33 53.78
C GLY D 136 17.40 4.34 53.02
N GLY D 137 16.35 3.88 52.36
CA GLY D 137 15.32 4.74 51.82
C GLY D 137 13.97 4.34 52.38
N GLU D 138 13.29 5.25 53.06
CA GLU D 138 12.10 4.91 53.83
C GLU D 138 10.95 4.59 52.87
N GLY D 139 10.96 3.38 52.35
CA GLY D 139 10.06 3.02 51.27
C GLY D 139 10.31 3.85 50.04
N THR D 140 11.60 4.05 49.71
CA THR D 140 11.95 5.03 48.68
C THR D 140 11.44 4.62 47.30
N ILE D 141 11.56 3.36 46.93
CA ILE D 141 11.13 2.96 45.59
C ILE D 141 9.62 2.74 45.63
N MET D 142 8.87 3.83 45.48
CA MET D 142 7.41 3.76 45.52
C MET D 142 6.90 3.07 44.27
N VAL D 143 5.95 2.16 44.45
CA VAL D 143 5.51 1.29 43.36
C VAL D 143 4.00 1.35 43.23
N SER D 144 3.53 1.23 41.99
CA SER D 144 2.12 1.24 41.67
C SER D 144 1.76 0.02 40.85
N GLN D 145 0.54 -0.46 41.03
CA GLN D 145 0.07 -1.67 40.36
C GLN D 145 -0.49 -1.30 38.98
N VAL D 146 0.14 -1.82 37.93
CA VAL D 146 -0.28 -1.56 36.56
C VAL D 146 -0.37 -2.90 35.84
N THR D 147 -1.52 -3.18 35.23
CA THR D 147 -1.70 -4.42 34.49
C THR D 147 -0.92 -4.44 33.18
N GLN D 148 -0.43 -3.28 32.72
CA GLN D 148 0.34 -3.16 31.50
C GLN D 148 1.84 -3.09 31.79
N TRP D 149 2.30 -3.85 32.79
CA TRP D 149 3.70 -3.75 33.23
C TRP D 149 4.67 -4.19 32.14
N GLU D 150 4.22 -5.02 31.20
CA GLU D 150 5.11 -5.50 30.15
C GLU D 150 5.61 -4.35 29.28
N LYS D 151 4.70 -3.51 28.80
CA LYS D 151 5.11 -2.40 27.95
C LYS D 151 5.76 -1.29 28.74
N TYR D 152 5.38 -1.11 30.01
CA TYR D 152 6.06 -0.15 30.86
C TYR D 152 7.52 -0.55 31.08
N GLY D 153 7.76 -1.84 31.29
CA GLY D 153 9.10 -2.39 31.24
C GLY D 153 9.98 -2.15 32.44
N VAL D 154 9.45 -1.64 33.55
CA VAL D 154 10.21 -1.47 34.78
C VAL D 154 9.40 -2.14 35.88
N VAL D 155 9.67 -3.40 36.14
CA VAL D 155 8.93 -4.19 37.14
C VAL D 155 9.78 -4.31 38.39
N VAL D 156 9.19 -3.99 39.54
CA VAL D 156 9.86 -4.05 40.83
C VAL D 156 9.33 -5.25 41.58
N TYR D 157 10.23 -6.14 42.00
CA TYR D 157 9.87 -7.36 42.71
C TYR D 157 9.84 -7.04 44.21
N SER D 158 8.66 -6.71 44.72
CA SER D 158 8.51 -6.33 46.12
C SER D 158 7.85 -7.46 46.89
N PRO D 159 8.57 -8.15 47.77
CA PRO D 159 7.96 -9.19 48.59
C PRO D 159 7.31 -8.58 49.84
N GLN D 160 6.82 -9.47 50.71
CA GLN D 160 6.20 -9.01 51.95
C GLN D 160 7.21 -8.35 52.87
N ASN D 161 8.49 -8.69 52.72
CA ASN D 161 9.55 -8.01 53.48
C ASN D 161 9.92 -6.67 52.88
N TYR D 162 9.43 -6.36 51.68
CA TYR D 162 9.67 -5.12 50.95
C TYR D 162 11.12 -4.93 50.54
N GLN D 163 11.94 -5.98 50.58
CA GLN D 163 13.32 -5.89 50.17
C GLN D 163 13.41 -6.16 48.67
N ILE D 164 13.90 -5.18 47.92
CA ILE D 164 13.92 -5.27 46.46
C ILE D 164 14.97 -6.30 46.05
N GLU D 165 14.53 -7.40 45.46
CA GLU D 165 15.46 -8.43 45.01
C GLU D 165 16.22 -7.97 43.77
N ARG D 166 15.51 -7.42 42.79
CA ARG D 166 16.11 -7.04 41.52
C ARG D 166 15.15 -6.17 40.74
N PHE D 167 15.67 -5.54 39.69
CA PHE D 167 14.88 -4.80 38.71
C PHE D 167 14.95 -5.54 37.38
N VAL D 168 13.79 -5.81 36.79
CA VAL D 168 13.70 -6.58 35.55
C VAL D 168 13.04 -5.72 34.49
N GLU D 169 13.63 -5.70 33.29
CA GLU D 169 13.11 -4.95 32.16
C GLU D 169 12.44 -5.92 31.20
N LYS D 170 11.15 -5.70 30.93
CA LYS D 170 10.35 -6.57 30.08
C LYS D 170 10.44 -8.04 30.54
N PRO D 171 9.96 -8.36 31.74
CA PRO D 171 10.08 -9.74 32.22
C PRO D 171 9.08 -10.65 31.53
N SER D 172 9.58 -11.82 31.10
CA SER D 172 8.71 -12.80 30.46
C SER D 172 7.81 -13.49 31.48
N ARG D 173 8.35 -13.85 32.63
CA ARG D 173 7.58 -14.50 33.68
C ARG D 173 6.91 -13.46 34.56
N PHE D 174 5.75 -13.84 35.12
CA PHE D 174 4.99 -12.93 35.97
C PHE D 174 5.65 -12.79 37.34
N LEU D 175 6.78 -12.07 37.38
CA LEU D 175 7.45 -11.82 38.65
C LEU D 175 6.62 -10.92 39.54
N GLY D 176 6.01 -9.88 38.95
CA GLY D 176 5.19 -8.96 39.71
C GLY D 176 4.56 -7.93 38.80
N ASP D 177 3.59 -7.21 39.36
CA ASP D 177 2.88 -6.18 38.63
C ASP D 177 3.27 -4.77 39.02
N ARG D 178 3.91 -4.59 40.17
CA ARG D 178 4.28 -3.26 40.62
C ARG D 178 5.38 -2.67 39.74
N ILE D 179 5.25 -1.37 39.44
CA ILE D 179 6.22 -0.64 38.65
C ILE D 179 6.61 0.62 39.41
N ASN D 180 7.74 1.20 39.01
CA ASN D 180 8.25 2.41 39.67
C ASN D 180 7.26 3.56 39.51
N ALA D 181 7.13 4.35 40.58
CA ALA D 181 6.19 5.46 40.61
C ALA D 181 6.87 6.82 40.56
N GLY D 182 8.20 6.88 40.61
CA GLY D 182 8.90 8.14 40.46
C GLY D 182 8.95 9.02 41.67
N ILE D 183 8.51 8.55 42.84
CA ILE D 183 8.58 9.29 44.09
C ILE D 183 9.46 8.52 45.05
N TYR D 184 10.40 9.21 45.68
CA TYR D 184 11.45 8.57 46.47
C TYR D 184 11.67 9.39 47.73
N ILE D 185 12.21 8.74 48.76
CA ILE D 185 12.63 9.43 49.98
C ILE D 185 13.92 8.79 50.47
N PHE D 186 14.98 9.59 50.58
CA PHE D 186 16.32 9.08 50.83
C PHE D 186 16.89 9.68 52.12
N ASN D 187 17.61 8.86 52.87
CA ASN D 187 18.53 9.39 53.86
C ASN D 187 19.75 9.95 53.15
N LYS D 188 20.30 11.04 53.69
CA LYS D 188 21.33 11.79 52.97
C LYS D 188 22.61 11.00 52.77
N SER D 189 22.79 9.88 53.46
CA SER D 189 23.96 9.04 53.24
C SER D 189 24.08 8.57 51.79
N ILE D 190 22.96 8.51 51.07
CA ILE D 190 22.99 8.12 49.66
C ILE D 190 23.86 9.07 48.85
N LEU D 191 24.06 10.31 49.31
CA LEU D 191 24.91 11.23 48.58
C LEU D 191 26.33 10.71 48.47
N ASP D 192 26.75 9.84 49.40
CA ASP D 192 28.08 9.23 49.29
C ASP D 192 28.13 8.22 48.16
N ARG D 193 27.02 7.50 47.94
CA ARG D 193 27.01 6.46 46.91
C ARG D 193 27.01 7.05 45.52
N ILE D 194 26.34 8.18 45.32
CA ILE D 194 26.19 8.74 43.97
C ILE D 194 27.51 9.40 43.56
N PRO D 195 28.07 9.02 42.41
CA PRO D 195 29.33 9.62 41.97
C PRO D 195 29.08 10.97 41.32
N PRO D 196 30.07 11.86 41.30
CA PRO D 196 29.90 13.17 40.64
C PRO D 196 30.13 13.10 39.14
N ARG D 197 29.19 12.45 38.45
CA ARG D 197 29.26 12.27 37.01
C ARG D 197 27.86 11.92 36.52
N ARG D 198 27.74 11.76 35.21
CA ARG D 198 26.47 11.37 34.62
C ARG D 198 26.13 9.94 35.02
N ALA D 199 24.94 9.75 35.58
CA ALA D 199 24.51 8.44 36.04
C ALA D 199 22.99 8.37 35.99
N SER D 200 22.39 7.21 36.16
CA SER D 200 20.95 7.09 36.26
C SER D 200 20.51 6.44 37.56
N ILE D 201 19.58 7.01 38.32
CA ILE D 201 19.12 6.36 39.53
C ILE D 201 18.47 5.07 39.18
N GLU D 202 17.70 5.04 38.11
CA GLU D 202 17.01 3.83 37.71
C GLU D 202 17.90 2.68 37.32
N LYS D 203 19.00 2.92 36.62
CA LYS D 203 19.87 1.83 36.13
C LYS D 203 21.28 1.70 36.72
N GLU D 204 21.67 2.60 37.61
CA GLU D 204 22.96 2.49 38.26
C GLU D 204 22.86 2.42 39.78
N ILE D 205 22.23 3.41 40.42
CA ILE D 205 22.18 3.44 41.87
C ILE D 205 21.19 2.41 42.40
N PHE D 206 20.02 2.31 41.79
CA PHE D 206 18.97 1.43 42.32
C PHE D 206 19.33 -0.04 42.29
N PRO D 207 19.90 -0.61 41.22
CA PRO D 207 20.36 -2.01 41.31
C PRO D 207 21.36 -2.24 42.43
N ALA D 208 22.28 -1.29 42.65
CA ALA D 208 23.24 -1.42 43.74
C ALA D 208 22.54 -1.41 45.09
N MET D 209 21.56 -0.52 45.27
CA MET D 209 20.82 -0.48 46.53
C MET D 209 20.02 -1.76 46.74
N ALA D 210 19.42 -2.29 45.67
CA ALA D 210 18.66 -3.53 45.79
C ALA D 210 19.56 -4.70 46.16
N ALA D 211 20.76 -4.77 45.56
CA ALA D 211 21.71 -5.80 45.93
C ALA D 211 22.16 -5.65 47.37
N GLU D 212 22.41 -4.41 47.81
CA GLU D 212 22.85 -4.16 49.17
C GLU D 212 21.74 -4.40 50.18
N GLY D 213 20.48 -4.46 49.74
CA GLY D 213 19.38 -4.70 50.66
C GLY D 213 18.89 -3.47 51.40
N GLN D 214 19.27 -2.28 50.96
CA GLN D 214 18.82 -1.03 51.58
C GLN D 214 17.69 -0.36 50.82
N LEU D 215 17.09 -1.05 49.86
CA LEU D 215 16.03 -0.49 49.04
C LEU D 215 14.70 -1.13 49.43
N TYR D 216 13.72 -0.31 49.80
CA TYR D 216 12.43 -0.78 50.26
C TYR D 216 11.31 -0.17 49.44
N ALA D 217 10.32 -0.99 49.09
CA ALA D 217 9.22 -0.56 48.24
C ALA D 217 8.05 -0.06 49.06
N PHE D 218 7.39 0.98 48.56
CA PHE D 218 6.19 1.53 49.16
C PHE D 218 5.05 1.38 48.17
N ASN D 219 3.97 0.71 48.59
CA ASN D 219 2.85 0.47 47.71
C ASN D 219 1.99 1.73 47.57
N LEU D 220 1.37 1.88 46.40
CA LEU D 220 0.53 3.03 46.08
C LEU D 220 -0.90 2.55 45.91
N GLU D 221 -1.78 2.93 46.84
CA GLU D 221 -3.17 2.49 46.79
C GLU D 221 -3.97 3.26 45.76
N GLY D 222 -3.72 4.57 45.63
CA GLY D 222 -4.50 5.41 44.75
C GLY D 222 -4.07 5.30 43.31
N PHE D 223 -4.69 6.14 42.48
CA PHE D 223 -4.37 6.18 41.06
C PHE D 223 -2.98 6.79 40.85
N TRP D 224 -2.38 6.46 39.70
CA TRP D 224 -1.05 6.95 39.37
C TRP D 224 -0.91 6.95 37.86
N MET D 225 -0.18 7.93 37.33
CA MET D 225 0.07 7.99 35.90
C MET D 225 1.34 8.78 35.62
N ASP D 226 2.23 8.19 34.83
CA ASP D 226 3.37 8.91 34.28
C ASP D 226 2.93 9.58 32.99
N VAL D 227 2.78 10.90 33.02
CA VAL D 227 2.11 11.65 31.97
C VAL D 227 3.13 12.29 31.02
N GLY D 228 4.31 11.70 30.92
CA GLY D 228 5.33 12.19 30.00
C GLY D 228 5.09 11.90 28.54
N GLN D 229 3.98 11.24 28.20
CA GLN D 229 3.60 10.96 26.84
C GLN D 229 2.20 11.49 26.56
N PRO D 230 1.91 11.92 25.33
CA PRO D 230 0.58 12.46 25.05
C PRO D 230 -0.57 11.51 25.33
N LYS D 231 -0.41 10.23 24.99
CA LYS D 231 -1.43 9.23 25.33
C LYS D 231 -1.58 9.12 26.84
N ASP D 232 -0.46 8.98 27.54
CA ASP D 232 -0.49 8.96 29.00
C ASP D 232 -0.94 10.30 29.56
N TYR D 233 -0.62 11.41 28.89
CA TYR D 233 -1.12 12.71 29.31
C TYR D 233 -2.64 12.72 29.32
N ILE D 234 -3.25 12.28 28.22
CA ILE D 234 -4.72 12.30 28.12
C ILE D 234 -5.34 11.36 29.15
N LEU D 235 -4.81 10.13 29.25
CA LEU D 235 -5.40 9.17 30.16
C LEU D 235 -5.23 9.58 31.62
N GLY D 236 -4.07 10.14 31.98
CA GLY D 236 -3.87 10.66 33.32
C GLY D 236 -4.74 11.85 33.63
N MET D 237 -4.99 12.72 32.63
CA MET D 237 -5.94 13.80 32.83
C MET D 237 -7.33 13.27 33.10
N THR D 238 -7.73 12.22 32.37
CA THR D 238 -9.01 11.57 32.62
C THR D 238 -9.08 11.01 34.03
N LYS D 239 -7.99 10.40 34.51
CA LYS D 239 -7.97 9.87 35.86
C LYS D 239 -7.96 10.97 36.91
N PHE D 240 -7.35 12.12 36.59
CA PHE D 240 -7.03 13.12 37.60
C PHE D 240 -8.16 14.12 37.81
N ILE D 241 -8.83 14.56 36.74
CA ILE D 241 -9.83 15.62 36.85
C ILE D 241 -10.92 15.29 37.87
N PRO D 242 -11.45 14.06 37.93
CA PRO D 242 -12.44 13.75 38.98
C PRO D 242 -11.95 13.99 40.39
N SER D 243 -10.65 13.84 40.65
CA SER D 243 -10.12 14.14 41.97
C SER D 243 -10.14 15.64 42.24
N LEU D 244 -9.84 16.45 41.23
CA LEU D 244 -9.63 17.88 41.41
C LEU D 244 -10.88 18.72 41.17
N VAL D 245 -12.00 18.12 40.75
CA VAL D 245 -13.19 18.92 40.45
C VAL D 245 -13.66 19.68 41.67
N HIS D 246 -13.72 19.03 42.83
CA HIS D 246 -14.18 19.69 44.04
C HIS D 246 -13.09 20.55 44.67
N GLY D 247 -11.83 20.29 44.33
CA GLY D 247 -10.74 21.06 44.91
C GLY D 247 -10.71 22.50 44.44
N ASN D 248 -11.01 22.73 43.15
CA ASN D 248 -10.90 24.05 42.55
C ASN D 248 -12.27 24.58 42.17
N ARG D 249 -12.29 25.84 41.71
CA ARG D 249 -13.51 26.50 41.26
C ARG D 249 -13.71 26.39 39.76
N GLU D 250 -13.17 25.36 39.13
CA GLU D 250 -13.27 25.21 37.68
C GLU D 250 -13.98 23.90 37.33
N THR D 256 -25.23 20.34 38.70
CA THR D 256 -25.61 19.02 38.22
C THR D 256 -24.38 18.23 37.77
N GLU D 257 -24.46 17.64 36.58
CA GLU D 257 -23.34 16.93 35.99
C GLU D 257 -22.43 17.94 35.30
N ALA D 258 -21.75 18.74 36.11
CA ALA D 258 -21.02 19.88 35.59
C ALA D 258 -19.93 20.30 36.56
N VAL D 259 -19.01 21.11 36.03
CA VAL D 259 -18.02 21.82 36.82
C VAL D 259 -18.08 23.33 36.59
N GLU D 260 -18.22 23.75 35.34
CA GLU D 260 -18.36 25.15 34.97
C GLU D 260 -19.38 25.18 33.84
N HIS D 261 -20.65 25.41 34.19
CA HIS D 261 -21.76 25.23 33.25
C HIS D 261 -22.35 26.53 32.73
N GLN D 262 -21.97 27.69 33.27
CA GLN D 262 -22.55 28.96 32.84
C GLN D 262 -21.47 30.01 32.65
N ARG D 263 -20.29 29.59 32.19
CA ARG D 263 -19.19 30.53 32.02
C ARG D 263 -19.45 31.49 30.86
N GLY D 264 -19.84 30.96 29.70
CA GLY D 264 -20.11 31.79 28.55
C GLY D 264 -21.37 31.42 27.81
N GLY D 265 -22.33 32.34 27.75
CA GLY D 265 -23.59 32.05 27.07
C GLY D 265 -24.29 30.88 27.71
N ARG D 266 -24.67 29.91 26.88
CA ARG D 266 -25.28 28.66 27.33
C ARG D 266 -24.59 27.51 26.62
N PHE D 267 -23.93 26.65 27.38
CA PHE D 267 -23.24 25.50 26.81
C PHE D 267 -23.44 24.31 27.73
N THR D 268 -23.15 23.12 27.21
CA THR D 268 -23.43 21.87 27.89
C THR D 268 -22.12 21.20 28.32
N VAL D 269 -22.14 20.60 29.51
CA VAL D 269 -21.00 19.87 30.05
C VAL D 269 -21.44 18.43 30.28
N ILE D 270 -20.67 17.48 29.74
CA ILE D 270 -21.06 16.07 29.80
C ILE D 270 -20.46 15.35 31.01
N GLY D 271 -19.57 15.99 31.75
CA GLY D 271 -18.98 15.34 32.91
C GLY D 271 -18.03 16.27 33.62
N ALA D 272 -16.95 15.69 34.14
CA ALA D 272 -15.92 16.49 34.79
C ALA D 272 -15.12 17.25 33.75
N SER D 273 -14.70 18.46 34.10
CA SER D 273 -13.89 19.29 33.23
C SER D 273 -13.21 20.36 34.08
N LEU D 274 -12.42 21.21 33.43
CA LEU D 274 -11.72 22.29 34.11
C LEU D 274 -11.67 23.48 33.14
N ILE D 275 -12.58 24.43 33.34
CA ILE D 275 -12.68 25.62 32.50
C ILE D 275 -12.23 26.81 33.32
N ASP D 276 -11.21 27.51 32.83
CA ASP D 276 -10.68 28.66 33.55
C ASP D 276 -11.71 29.78 33.60
N PRO D 277 -11.75 30.55 34.69
CA PRO D 277 -12.72 31.65 34.77
C PRO D 277 -12.59 32.67 33.65
N SER D 278 -11.39 32.90 33.14
CA SER D 278 -11.16 33.90 32.11
C SER D 278 -11.43 33.41 30.70
N ALA D 279 -11.71 32.11 30.53
CA ALA D 279 -12.01 31.57 29.22
C ALA D 279 -13.48 31.84 28.86
N LYS D 280 -13.71 32.19 27.60
CA LYS D 280 -15.06 32.39 27.08
C LYS D 280 -15.46 31.16 26.28
N ILE D 281 -16.52 30.48 26.72
CA ILE D 281 -16.91 29.23 26.08
C ILE D 281 -18.19 29.41 25.29
N GLY D 282 -18.05 29.84 24.03
CA GLY D 282 -18.99 29.80 22.93
C GLY D 282 -20.43 30.09 23.31
N ASP D 283 -21.33 29.40 22.61
CA ASP D 283 -22.77 29.41 22.88
C ASP D 283 -23.38 28.16 22.30
N GLY D 284 -23.77 27.21 23.14
CA GLY D 284 -24.19 25.91 22.67
C GLY D 284 -23.08 24.89 22.52
N ALA D 285 -21.86 25.20 22.95
CA ALA D 285 -20.76 24.27 22.88
C ALA D 285 -20.97 23.11 23.85
N VAL D 286 -20.25 22.03 23.62
CA VAL D 286 -20.37 20.81 24.41
C VAL D 286 -18.98 20.47 24.95
N ILE D 287 -18.69 20.91 26.17
CA ILE D 287 -17.42 20.62 26.84
C ILE D 287 -17.54 19.23 27.44
N GLY D 288 -16.87 18.26 26.84
CA GLY D 288 -17.07 16.87 27.19
C GLY D 288 -16.43 16.46 28.50
N PRO D 289 -16.42 15.16 28.78
CA PRO D 289 -15.90 14.67 30.04
C PRO D 289 -14.37 14.71 30.06
N TYR D 290 -13.81 15.19 31.17
CA TYR D 290 -12.37 15.25 31.38
C TYR D 290 -11.70 16.12 30.29
N ALA D 291 -12.10 17.39 30.27
CA ALA D 291 -11.57 18.37 29.33
C ALA D 291 -11.02 19.55 30.09
N SER D 292 -9.92 20.12 29.60
CA SER D 292 -9.27 21.25 30.22
C SER D 292 -9.24 22.42 29.26
N ILE D 293 -9.68 23.59 29.73
CA ILE D 293 -9.66 24.82 28.95
C ILE D 293 -8.78 25.82 29.68
N GLY D 294 -7.76 26.32 28.99
CA GLY D 294 -6.81 27.23 29.60
C GLY D 294 -7.35 28.63 29.75
N ALA D 295 -6.54 29.48 30.37
CA ALA D 295 -6.93 30.87 30.60
C ALA D 295 -6.92 31.66 29.29
N ASN D 296 -7.87 32.60 29.19
CA ASN D 296 -7.99 33.51 28.06
C ASN D 296 -8.33 32.78 26.76
N CYS D 297 -8.55 31.47 26.84
CA CYS D 297 -8.95 30.70 25.67
C CYS D 297 -10.34 31.09 25.21
N VAL D 298 -10.55 31.04 23.90
CA VAL D 298 -11.83 31.34 23.29
C VAL D 298 -12.31 30.10 22.54
N ILE D 299 -13.56 29.71 22.80
CA ILE D 299 -14.16 28.51 22.22
C ILE D 299 -15.34 28.93 21.35
N GLY D 300 -15.47 28.30 20.20
CA GLY D 300 -16.52 28.66 19.26
C GLY D 300 -17.90 28.24 19.74
N GLU D 301 -18.88 28.52 18.89
CA GLU D 301 -20.28 28.35 19.28
C GLU D 301 -20.63 26.90 19.57
N SER D 302 -20.34 26.01 18.63
CA SER D 302 -20.81 24.62 18.70
C SER D 302 -19.62 23.66 18.71
N CYS D 303 -18.62 23.96 19.52
CA CYS D 303 -17.48 23.08 19.63
C CYS D 303 -17.81 21.85 20.47
N ARG D 304 -16.97 20.83 20.33
CA ARG D 304 -17.07 19.59 21.09
C ARG D 304 -15.70 19.28 21.68
N ILE D 305 -15.50 19.64 22.94
CA ILE D 305 -14.22 19.47 23.60
C ILE D 305 -14.34 18.15 24.36
N ASP D 306 -14.09 17.04 23.67
CA ASP D 306 -14.43 15.71 24.17
C ASP D 306 -13.50 15.29 25.30
N ASN D 307 -12.22 15.15 24.99
CA ASN D 307 -11.19 14.77 25.97
C ASN D 307 -9.91 15.56 25.72
N ALA D 308 -10.05 16.76 25.17
CA ALA D 308 -8.91 17.56 24.75
C ALA D 308 -8.48 18.51 25.85
N ALA D 309 -7.24 18.97 25.73
CA ALA D 309 -6.69 20.01 26.60
C ALA D 309 -6.39 21.22 25.75
N ILE D 310 -6.98 22.36 26.10
CA ILE D 310 -6.75 23.62 25.40
C ILE D 310 -5.90 24.50 26.30
N LEU D 311 -4.71 24.87 25.81
CA LEU D 311 -3.70 25.52 26.63
C LEU D 311 -3.64 27.01 26.31
N GLU D 312 -3.63 27.84 27.36
CA GLU D 312 -3.44 29.28 27.26
C GLU D 312 -4.28 29.96 26.19
N ASN D 313 -3.69 30.94 25.49
CA ASN D 313 -4.44 31.83 24.60
C ASN D 313 -4.71 31.16 23.25
N SER D 314 -5.40 30.03 23.32
CA SER D 314 -5.78 29.29 22.12
C SER D 314 -7.21 29.64 21.73
N LYS D 315 -7.44 29.76 20.42
CA LYS D 315 -8.77 30.09 19.89
C LYS D 315 -9.26 28.94 19.02
N VAL D 316 -10.51 28.54 19.23
CA VAL D 316 -11.12 27.44 18.51
C VAL D 316 -12.39 27.95 17.83
N GLY D 317 -12.51 27.68 16.53
CA GLY D 317 -13.64 28.19 15.78
C GLY D 317 -14.91 27.38 15.98
N LYS D 318 -16.02 27.92 15.47
CA LYS D 318 -17.32 27.31 15.67
C LYS D 318 -17.44 26.00 14.89
N GLY D 319 -17.89 24.96 15.58
CA GLY D 319 -18.08 23.65 14.97
C GLY D 319 -16.89 22.72 15.07
N THR D 320 -15.75 23.19 15.57
CA THR D 320 -14.58 22.35 15.67
C THR D 320 -14.80 21.25 16.72
N MET D 321 -14.26 20.07 16.45
CA MET D 321 -14.34 18.94 17.36
C MET D 321 -12.94 18.40 17.59
N VAL D 322 -12.36 18.71 18.74
CA VAL D 322 -11.06 18.17 19.14
C VAL D 322 -11.30 17.17 20.27
N SER D 323 -10.82 15.94 20.09
CA SER D 323 -11.08 14.85 21.01
C SER D 323 -9.79 14.12 21.31
N ARG D 324 -9.51 13.92 22.60
CA ARG D 324 -8.33 13.17 23.06
C ARG D 324 -7.04 13.75 22.51
N SER D 325 -7.02 15.06 22.25
CA SER D 325 -5.89 15.71 21.62
C SER D 325 -5.46 16.91 22.43
N ILE D 326 -4.23 17.34 22.22
CA ILE D 326 -3.66 18.49 22.92
C ILE D 326 -3.37 19.58 21.90
N VAL D 327 -3.82 20.80 22.19
CA VAL D 327 -3.48 21.95 21.37
C VAL D 327 -2.56 22.84 22.17
N GLY D 328 -1.72 23.61 21.46
CA GLY D 328 -0.65 24.34 22.09
C GLY D 328 -1.12 25.58 22.83
N TRP D 329 -0.20 26.52 23.00
CA TRP D 329 -0.45 27.67 23.85
C TRP D 329 -1.18 28.79 23.11
N ASN D 330 -0.70 29.14 21.93
CA ASN D 330 -1.23 30.28 21.18
C ASN D 330 -1.76 29.84 19.82
N ASN D 331 -2.51 28.75 19.79
CA ASN D 331 -3.04 28.24 18.55
C ASN D 331 -4.20 29.10 18.05
N ARG D 332 -4.50 28.94 16.75
CA ARG D 332 -5.69 29.53 16.13
C ARG D 332 -6.31 28.44 15.28
N ILE D 333 -7.18 27.64 15.89
CA ILE D 333 -7.81 26.52 15.20
C ILE D 333 -8.94 27.04 14.32
N GLY D 334 -9.12 26.42 13.17
CA GLY D 334 -10.16 26.82 12.24
C GLY D 334 -11.55 26.56 12.80
N SER D 335 -12.53 26.72 11.92
CA SER D 335 -13.92 26.65 12.35
C SER D 335 -14.41 25.22 12.46
N TRP D 336 -14.43 24.48 11.35
CA TRP D 336 -15.07 23.17 11.28
C TRP D 336 -14.05 22.03 11.28
N CYS D 337 -12.99 22.14 12.06
CA CYS D 337 -11.93 21.14 12.05
C CYS D 337 -12.31 19.94 12.93
N HIS D 338 -11.55 18.86 12.76
CA HIS D 338 -11.61 17.68 13.63
C HIS D 338 -10.18 17.25 13.95
N ILE D 339 -9.79 17.43 15.21
CA ILE D 339 -8.47 17.05 15.70
C ILE D 339 -8.71 15.84 16.59
N LYS D 340 -8.57 14.65 16.00
CA LYS D 340 -8.95 13.40 16.66
C LYS D 340 -7.72 12.61 17.08
N ASP D 341 -7.97 11.42 17.61
CA ASP D 341 -6.95 10.49 18.09
C ASP D 341 -6.05 11.22 19.08
N ILE D 342 -4.78 10.81 19.18
CA ILE D 342 -3.82 11.45 20.06
C ILE D 342 -2.99 12.39 19.18
N SER D 343 -3.46 13.62 19.06
CA SER D 343 -2.81 14.63 18.23
C SER D 343 -2.32 15.76 19.12
N VAL D 344 -1.08 16.19 18.89
CA VAL D 344 -0.46 17.25 19.69
C VAL D 344 -0.09 18.39 18.75
N LEU D 345 -0.45 19.61 19.15
CA LEU D 345 -0.16 20.80 18.36
C LEU D 345 0.85 21.67 19.10
N GLY D 346 1.70 22.34 18.34
CA GLY D 346 2.80 23.12 18.89
C GLY D 346 2.34 24.46 19.42
N ASP D 347 3.33 25.32 19.69
CA ASP D 347 3.08 26.56 20.41
C ASP D 347 2.18 27.51 19.62
N ASP D 348 2.39 27.63 18.32
CA ASP D 348 1.72 28.67 17.54
C ASP D 348 1.14 28.10 16.25
N VAL D 349 0.63 26.86 16.31
CA VAL D 349 0.07 26.23 15.13
C VAL D 349 -1.28 26.85 14.80
N GLU D 350 -1.49 27.17 13.53
CA GLU D 350 -2.77 27.67 13.02
C GLU D 350 -3.31 26.67 12.02
N VAL D 351 -4.59 26.31 12.18
CA VAL D 351 -5.24 25.30 11.35
C VAL D 351 -6.36 25.98 10.56
N LYS D 352 -6.40 25.73 9.26
CA LYS D 352 -7.43 26.31 8.41
C LYS D 352 -8.75 25.56 8.59
N ASP D 353 -9.82 26.17 8.10
CA ASP D 353 -11.15 25.60 8.27
C ASP D 353 -11.30 24.29 7.50
N GLY D 354 -11.98 23.33 8.12
CA GLY D 354 -12.27 22.06 7.49
C GLY D 354 -11.15 21.05 7.51
N VAL D 355 -10.04 21.35 8.16
CA VAL D 355 -8.88 20.45 8.17
C VAL D 355 -9.11 19.35 9.20
N ILE D 356 -8.75 18.13 8.84
CA ILE D 356 -8.91 16.96 9.71
C ILE D 356 -7.52 16.42 10.04
N LEU D 357 -7.19 16.39 11.33
CA LEU D 357 -5.91 15.89 11.81
C LEU D 357 -6.18 14.67 12.70
N ILE D 358 -5.87 13.49 12.19
CA ILE D 358 -6.10 12.24 12.92
C ILE D 358 -4.78 11.85 13.55
N GLY D 359 -4.55 12.30 14.78
CA GLY D 359 -3.37 11.91 15.53
C GLY D 359 -2.06 12.36 14.91
N THR D 360 -2.00 13.58 14.43
CA THR D 360 -0.79 14.13 13.83
C THR D 360 -0.17 15.18 14.74
N LYS D 361 1.13 15.07 14.95
CA LYS D 361 1.87 16.00 15.80
C LYS D 361 2.44 17.12 14.94
N VAL D 362 2.08 18.36 15.26
CA VAL D 362 2.48 19.52 14.48
C VAL D 362 3.50 20.31 15.30
N LEU D 363 4.65 20.58 14.69
CA LEU D 363 5.71 21.32 15.36
C LEU D 363 5.30 22.79 15.49
N PRO D 364 5.94 23.53 16.41
CA PRO D 364 5.50 24.90 16.68
C PRO D 364 5.66 25.80 15.46
N ASN D 365 4.81 26.84 15.41
CA ASN D 365 4.89 27.88 14.39
C ASN D 365 4.66 27.33 12.99
N LYS D 366 3.65 26.47 12.86
CA LYS D 366 3.26 25.92 11.57
C LYS D 366 1.86 26.39 11.19
N ASP D 367 1.57 26.27 9.90
CA ASP D 367 0.23 26.50 9.36
C ASP D 367 -0.22 25.23 8.67
N VAL D 368 -1.35 24.68 9.10
CA VAL D 368 -1.87 23.42 8.58
C VAL D 368 -3.07 23.75 7.69
N GLY D 369 -3.03 23.25 6.45
CA GLY D 369 -4.11 23.49 5.52
C GLY D 369 -4.49 22.26 4.72
N GLU D 370 -3.90 21.12 5.08
CA GLU D 370 -4.14 19.87 4.37
C GLU D 370 -4.70 18.84 5.34
N HIS D 371 -5.59 17.99 4.83
CA HIS D 371 -6.14 16.91 5.64
C HIS D 371 -5.10 15.82 5.84
N ARG D 372 -4.95 15.37 7.08
CA ARG D 372 -4.04 14.28 7.42
C ARG D 372 -4.85 13.20 8.15
N PHE D 373 -5.15 12.11 7.45
CA PHE D 373 -6.01 11.07 7.97
C PHE D 373 -5.25 9.94 8.66
N GLU D 374 -3.93 10.02 8.74
CA GLU D 374 -3.12 9.01 9.38
C GLU D 374 -2.15 9.64 10.35
N PRO D 375 -1.75 8.93 11.41
CA PRO D 375 -0.78 9.49 12.35
C PRO D 375 0.52 9.86 11.65
N GLY D 376 1.10 10.98 12.08
CA GLY D 376 2.31 11.45 11.46
C GLY D 376 2.79 12.72 12.14
N ILE D 377 3.82 13.32 11.55
CA ILE D 377 4.45 14.53 12.08
C ILE D 377 4.43 15.58 10.98
N ILE D 378 4.04 16.80 11.34
CA ILE D 378 4.09 17.93 10.44
C ILE D 378 5.29 18.79 10.83
N MET D 379 6.28 18.85 9.95
CA MET D 379 7.51 19.57 10.23
C MET D 379 7.29 21.07 10.14
N MET E 9 -54.52 -24.29 13.72
CA MET E 9 -53.31 -23.56 14.11
C MET E 9 -52.77 -22.77 12.93
N ARG E 10 -52.19 -21.60 13.21
CA ARG E 10 -51.71 -20.70 12.17
C ARG E 10 -50.30 -20.23 12.50
N ALA E 11 -49.62 -19.74 11.48
CA ALA E 11 -48.26 -19.25 11.60
C ALA E 11 -48.18 -17.81 11.13
N VAL E 12 -47.13 -17.12 11.56
CA VAL E 12 -46.82 -15.77 11.12
C VAL E 12 -45.35 -15.73 10.73
N ILE E 13 -45.07 -15.34 9.49
CA ILE E 13 -43.71 -15.26 8.98
C ILE E 13 -43.37 -13.79 8.77
N LEU E 14 -42.25 -13.36 9.37
CA LEU E 14 -41.81 -11.97 9.26
C LEU E 14 -41.12 -11.80 7.91
N VAL E 15 -41.87 -11.34 6.92
CA VAL E 15 -41.40 -11.26 5.54
C VAL E 15 -41.03 -9.85 5.14
N GLY E 16 -41.00 -8.93 6.09
CA GLY E 16 -40.56 -7.57 5.83
C GLY E 16 -39.05 -7.48 5.72
N GLY E 17 -38.52 -6.37 6.20
CA GLY E 17 -37.09 -6.16 6.27
C GLY E 17 -36.50 -5.81 4.91
N PHE E 18 -35.43 -5.02 4.96
CA PHE E 18 -34.79 -4.50 3.76
C PHE E 18 -33.75 -5.43 3.16
N GLY E 19 -33.41 -6.53 3.84
CA GLY E 19 -32.41 -7.43 3.30
C GLY E 19 -31.06 -6.81 3.10
N THR E 20 -30.57 -6.07 4.10
CA THR E 20 -29.36 -5.28 3.94
C THR E 20 -28.12 -6.15 3.68
N ARG E 21 -28.01 -7.29 4.36
CA ARG E 21 -26.82 -8.11 4.18
C ARG E 21 -26.81 -8.84 2.84
N LEU E 22 -27.98 -9.26 2.35
CA LEU E 22 -28.09 -9.79 1.00
C LEU E 22 -28.45 -8.69 0.01
N ARG E 23 -27.73 -7.58 0.06
CA ARG E 23 -28.15 -6.37 -0.64
C ARG E 23 -28.12 -6.50 -2.17
N PRO E 24 -27.07 -7.05 -2.79
CA PRO E 24 -27.07 -7.10 -4.26
C PRO E 24 -28.24 -7.88 -4.84
N LEU E 25 -28.77 -8.85 -4.10
CA LEU E 25 -29.91 -9.63 -4.57
C LEU E 25 -31.24 -9.09 -4.07
N THR E 26 -31.25 -8.40 -2.94
CA THR E 26 -32.51 -7.90 -2.37
C THR E 26 -32.88 -6.52 -2.89
N LEU E 27 -32.11 -5.95 -3.80
CA LEU E 27 -32.52 -4.72 -4.47
C LEU E 27 -33.54 -4.99 -5.57
N THR E 28 -33.73 -6.24 -5.96
CA THR E 28 -34.70 -6.63 -6.97
C THR E 28 -35.91 -7.35 -6.39
N THR E 29 -35.69 -8.32 -5.52
CA THR E 29 -36.76 -9.06 -4.86
C THR E 29 -36.57 -9.03 -3.35
N PRO E 30 -37.66 -9.14 -2.59
CA PRO E 30 -37.52 -9.16 -1.13
C PRO E 30 -36.73 -10.38 -0.66
N LYS E 31 -36.18 -10.27 0.55
CA LYS E 31 -35.40 -11.35 1.12
C LYS E 31 -36.13 -12.69 1.18
N PRO E 32 -37.41 -12.77 1.56
CA PRO E 32 -38.09 -14.08 1.54
C PRO E 32 -38.15 -14.71 0.16
N LEU E 33 -38.19 -13.91 -0.90
CA LEU E 33 -38.36 -14.44 -2.25
C LEU E 33 -37.05 -14.68 -2.97
N VAL E 34 -35.92 -14.43 -2.33
CA VAL E 34 -34.62 -14.74 -2.94
C VAL E 34 -34.50 -16.26 -3.03
N PRO E 35 -34.29 -16.83 -4.22
CA PRO E 35 -34.27 -18.28 -4.35
C PRO E 35 -33.10 -18.90 -3.58
N PHE E 36 -33.43 -19.84 -2.71
CA PHE E 36 -32.45 -20.67 -2.02
C PHE E 36 -32.56 -22.08 -2.60
N CYS E 37 -31.42 -22.62 -3.04
CA CYS E 37 -31.40 -23.84 -3.85
C CYS E 37 -32.22 -23.55 -5.10
N ASN E 38 -33.41 -24.15 -5.27
CA ASN E 38 -34.25 -23.87 -6.43
C ASN E 38 -35.64 -23.40 -6.03
N LYS E 39 -35.81 -22.91 -4.81
CA LYS E 39 -37.09 -22.41 -4.34
C LYS E 39 -36.85 -21.17 -3.47
N PRO E 40 -37.86 -20.32 -3.34
CA PRO E 40 -37.76 -19.22 -2.38
C PRO E 40 -37.67 -19.74 -0.96
N MET E 41 -37.00 -18.96 -0.10
CA MET E 41 -36.79 -19.33 1.30
C MET E 41 -38.14 -19.53 2.00
N ILE E 42 -39.04 -18.57 1.81
CA ILE E 42 -40.37 -18.66 2.40
C ILE E 42 -41.10 -19.88 1.90
N ILE E 43 -40.79 -20.35 0.69
CA ILE E 43 -41.45 -21.55 0.17
C ILE E 43 -40.99 -22.78 0.94
N HIS E 44 -39.70 -22.87 1.26
CA HIS E 44 -39.23 -23.95 2.12
C HIS E 44 -39.94 -23.92 3.46
N GLN E 45 -40.03 -22.73 4.07
CA GLN E 45 -40.68 -22.64 5.38
C GLN E 45 -42.16 -23.00 5.30
N ILE E 46 -42.85 -22.57 4.23
CA ILE E 46 -44.27 -22.86 4.09
C ILE E 46 -44.49 -24.36 3.84
N GLU E 47 -43.58 -24.99 3.08
CA GLU E 47 -43.69 -26.43 2.88
C GLU E 47 -43.52 -27.17 4.20
N ALA E 48 -42.57 -26.74 5.03
CA ALA E 48 -42.43 -27.34 6.35
C ALA E 48 -43.69 -27.16 7.18
N LEU E 49 -44.25 -25.94 7.18
CA LEU E 49 -45.45 -25.67 7.98
C LEU E 49 -46.62 -26.50 7.50
N LYS E 50 -46.78 -26.65 6.17
CA LYS E 50 -47.83 -27.51 5.64
C LYS E 50 -47.62 -28.96 6.04
N ALA E 51 -46.36 -29.41 6.05
CA ALA E 51 -46.07 -30.75 6.57
C ALA E 51 -46.53 -30.89 8.02
N VAL E 52 -46.38 -29.82 8.81
CA VAL E 52 -46.94 -29.85 10.17
C VAL E 52 -48.45 -29.97 10.13
N GLY E 53 -49.09 -29.19 9.25
CA GLY E 53 -50.54 -29.11 9.20
C GLY E 53 -51.08 -27.70 9.27
N VAL E 54 -50.24 -26.68 9.26
CA VAL E 54 -50.71 -25.30 9.33
C VAL E 54 -51.30 -24.90 7.98
N THR E 55 -52.54 -24.40 8.01
CA THR E 55 -53.23 -23.99 6.80
C THR E 55 -53.25 -22.48 6.60
N GLU E 56 -53.10 -21.71 7.67
CA GLU E 56 -53.15 -20.25 7.61
C GLU E 56 -51.78 -19.68 7.94
N VAL E 57 -51.21 -18.92 7.01
CA VAL E 57 -49.93 -18.24 7.21
C VAL E 57 -50.16 -16.76 7.02
N ILE E 58 -49.66 -15.96 7.96
CA ILE E 58 -49.81 -14.52 7.95
C ILE E 58 -48.45 -13.91 7.66
N LEU E 59 -48.37 -13.14 6.57
CA LEU E 59 -47.12 -12.57 6.12
C LEU E 59 -47.08 -11.09 6.47
N ALA E 60 -46.05 -10.68 7.22
CA ALA E 60 -45.89 -9.29 7.64
C ALA E 60 -45.09 -8.56 6.58
N VAL E 61 -45.80 -7.99 5.61
CA VAL E 61 -45.18 -7.43 4.42
C VAL E 61 -44.98 -5.93 4.61
N ALA E 62 -43.72 -5.50 4.63
CA ALA E 62 -43.37 -4.09 4.65
C ALA E 62 -42.53 -3.69 3.43
N TYR E 63 -41.50 -4.47 3.11
CA TYR E 63 -40.69 -4.22 1.93
C TYR E 63 -41.38 -4.80 0.71
N ARG E 64 -41.52 -3.97 -0.33
CA ARG E 64 -42.27 -4.32 -1.53
C ARG E 64 -43.66 -4.82 -1.16
N PRO E 65 -44.56 -3.94 -0.72
CA PRO E 65 -45.87 -4.39 -0.21
C PRO E 65 -46.64 -5.26 -1.17
N GLU E 66 -46.90 -4.75 -2.38
CA GLU E 66 -47.67 -5.48 -3.37
C GLU E 66 -46.95 -5.66 -4.70
N ALA E 67 -45.87 -4.92 -4.95
CA ALA E 67 -45.16 -5.07 -6.22
C ALA E 67 -44.57 -6.46 -6.36
N MET E 68 -44.01 -7.01 -5.29
CA MET E 68 -43.32 -8.29 -5.34
C MET E 68 -44.02 -9.36 -4.50
N LYS E 69 -44.24 -9.11 -3.21
CA LYS E 69 -44.73 -10.17 -2.32
C LYS E 69 -46.12 -10.64 -2.73
N GLU E 70 -47.02 -9.71 -3.05
CA GLU E 70 -48.38 -10.10 -3.38
C GLU E 70 -48.46 -10.81 -4.73
N GLN E 71 -47.77 -10.27 -5.74
CA GLN E 71 -47.85 -10.86 -7.08
C GLN E 71 -47.12 -12.20 -7.14
N MET E 72 -45.89 -12.26 -6.61
CA MET E 72 -45.08 -13.46 -6.74
C MET E 72 -45.58 -14.61 -5.86
N ASP E 73 -46.37 -14.31 -4.83
CA ASP E 73 -46.90 -15.38 -3.99
C ASP E 73 -48.16 -15.98 -4.60
N GLU E 74 -48.06 -16.41 -5.86
CA GLU E 74 -49.08 -17.26 -6.47
C GLU E 74 -48.96 -18.70 -5.99
N TRP E 75 -47.94 -19.00 -5.18
CA TRP E 75 -47.78 -20.32 -4.59
C TRP E 75 -48.97 -20.69 -3.71
N SER E 76 -49.77 -19.72 -3.30
CA SER E 76 -51.00 -20.01 -2.57
C SER E 76 -51.93 -20.89 -3.40
N ARG E 77 -51.89 -20.77 -4.73
CA ARG E 77 -52.66 -21.69 -5.56
C ARG E 77 -52.15 -23.12 -5.41
N LYS E 78 -50.83 -23.29 -5.32
CA LYS E 78 -50.23 -24.57 -5.02
C LYS E 78 -50.16 -24.78 -3.51
N LEU E 79 -49.56 -25.89 -3.10
CA LEU E 79 -49.20 -26.16 -1.71
C LEU E 79 -50.41 -26.30 -0.80
N GLY E 80 -51.62 -26.09 -1.34
CA GLY E 80 -52.83 -26.19 -0.55
C GLY E 80 -52.86 -25.27 0.66
N VAL E 81 -52.22 -24.10 0.57
CA VAL E 81 -52.12 -23.18 1.69
C VAL E 81 -52.58 -21.80 1.25
N SER E 82 -53.06 -21.01 2.21
CA SER E 82 -53.57 -19.68 1.95
C SER E 82 -52.86 -18.66 2.85
N PHE E 83 -52.56 -17.50 2.29
CA PHE E 83 -51.88 -16.42 3.00
C PHE E 83 -52.85 -15.27 3.22
N VAL E 84 -52.83 -14.70 4.43
CA VAL E 84 -53.76 -13.63 4.77
C VAL E 84 -53.40 -12.35 4.04
N PHE E 85 -52.12 -11.98 4.05
CA PHE E 85 -51.63 -10.77 3.38
C PHE E 85 -52.36 -9.52 3.86
N SER E 86 -52.56 -9.43 5.18
CA SER E 86 -53.24 -8.28 5.78
C SER E 86 -52.33 -7.52 6.74
N VAL E 87 -51.03 -7.55 6.51
CA VAL E 87 -50.09 -6.89 7.41
C VAL E 87 -49.23 -5.93 6.61
N GLU E 88 -49.77 -5.38 5.52
CA GLU E 88 -49.10 -4.29 4.84
C GLU E 88 -48.98 -3.09 5.76
N GLU E 89 -47.79 -2.50 5.81
CA GLU E 89 -47.49 -1.52 6.85
C GLU E 89 -46.25 -0.72 6.45
N GLU E 90 -45.99 0.31 7.24
CA GLU E 90 -44.69 0.96 7.27
C GLU E 90 -43.76 0.16 8.18
N PRO E 91 -42.43 0.36 8.06
CA PRO E 91 -41.51 -0.42 8.90
C PRO E 91 -41.83 -0.34 10.39
N LEU E 92 -42.23 -1.47 10.97
CA LEU E 92 -42.64 -1.54 12.37
C LEU E 92 -41.73 -2.44 13.19
N GLY E 93 -40.51 -2.65 12.72
CA GLY E 93 -39.57 -3.47 13.45
C GLY E 93 -39.93 -4.95 13.41
N THR E 94 -39.22 -5.71 14.24
CA THR E 94 -39.39 -7.16 14.27
C THR E 94 -40.65 -7.57 15.03
N ALA E 95 -41.02 -6.84 16.08
CA ALA E 95 -42.13 -7.23 16.95
C ALA E 95 -43.44 -6.52 16.66
N GLY E 96 -43.39 -5.32 16.05
CA GLY E 96 -44.57 -4.56 15.73
C GLY E 96 -45.60 -5.25 14.86
N PRO E 97 -45.19 -6.00 13.83
CA PRO E 97 -46.19 -6.69 13.00
C PRO E 97 -47.11 -7.61 13.78
N LEU E 98 -46.63 -8.22 14.86
CA LEU E 98 -47.53 -9.02 15.69
C LEU E 98 -48.61 -8.16 16.33
N ALA E 99 -48.24 -6.97 16.81
CA ALA E 99 -49.23 -6.05 17.34
C ALA E 99 -50.22 -5.62 16.26
N LEU E 100 -49.73 -5.39 15.04
CA LEU E 100 -50.63 -5.01 13.95
C LEU E 100 -51.59 -6.13 13.60
N ALA E 101 -51.11 -7.37 13.58
CA ALA E 101 -51.91 -8.52 13.20
C ALA E 101 -52.67 -9.13 14.37
N ARG E 102 -52.59 -8.51 15.55
CA ARG E 102 -53.42 -8.89 16.69
C ARG E 102 -54.87 -9.19 16.28
N ASP E 103 -55.46 -8.31 15.49
CA ASP E 103 -56.88 -8.46 15.14
C ASP E 103 -57.12 -9.69 14.27
N ILE E 104 -56.30 -9.87 13.23
CA ILE E 104 -56.52 -11.01 12.33
C ILE E 104 -56.19 -12.32 13.04
N LEU E 105 -55.28 -12.29 14.01
CA LEU E 105 -55.02 -13.48 14.81
C LEU E 105 -56.19 -13.87 15.68
N MET E 106 -57.13 -12.94 15.92
CA MET E 106 -58.39 -13.14 16.62
C MET E 106 -58.21 -13.44 18.10
N GLN E 107 -56.98 -13.52 18.61
CA GLN E 107 -56.71 -13.83 20.01
C GLN E 107 -57.40 -15.12 20.44
N ASP E 108 -57.35 -16.13 19.57
CA ASP E 108 -57.93 -17.41 19.86
C ASP E 108 -57.11 -18.16 20.91
N ASP E 109 -57.67 -19.26 21.40
CA ASP E 109 -56.99 -20.04 22.43
C ASP E 109 -55.77 -20.77 21.87
N LYS E 110 -55.84 -21.22 20.62
CA LYS E 110 -54.76 -22.01 20.05
C LYS E 110 -53.49 -21.16 19.87
N PRO E 111 -52.34 -21.64 20.31
CA PRO E 111 -51.08 -20.93 20.05
C PRO E 111 -50.86 -20.71 18.56
N PHE E 112 -49.85 -19.90 18.24
CA PHE E 112 -49.50 -19.60 16.87
C PHE E 112 -47.99 -19.63 16.70
N PHE E 113 -47.56 -19.98 15.49
CA PHE E 113 -46.14 -20.03 15.16
C PHE E 113 -45.64 -18.67 14.71
N VAL E 114 -44.34 -18.45 14.87
CA VAL E 114 -43.66 -17.26 14.37
C VAL E 114 -42.34 -17.70 13.76
N LEU E 115 -42.04 -17.22 12.56
CA LEU E 115 -40.83 -17.62 11.86
C LEU E 115 -40.18 -16.43 11.18
N ASN E 116 -38.88 -16.53 10.97
CA ASN E 116 -38.13 -15.61 10.14
C ASN E 116 -37.86 -16.24 8.79
N SER E 117 -37.80 -15.40 7.75
CA SER E 117 -37.56 -15.87 6.40
C SER E 117 -36.08 -16.00 6.07
N ASP E 118 -35.23 -16.13 7.09
CA ASP E 118 -33.79 -16.21 6.91
C ASP E 118 -33.18 -17.52 7.36
N VAL E 119 -33.93 -18.39 8.02
CA VAL E 119 -33.39 -19.58 8.67
C VAL E 119 -33.73 -20.82 7.83
N THR E 120 -32.76 -21.72 7.73
CA THR E 120 -32.98 -23.04 7.12
C THR E 120 -32.45 -24.10 8.07
N CYS E 121 -33.20 -25.19 8.17
CA CYS E 121 -32.87 -26.29 9.07
C CYS E 121 -33.70 -27.50 8.66
N THR E 122 -33.60 -28.57 9.46
CA THR E 122 -34.48 -29.72 9.27
C THR E 122 -35.92 -29.40 9.65
N PHE E 123 -36.16 -28.25 10.28
CA PHE E 123 -37.47 -27.80 10.73
C PHE E 123 -38.14 -28.84 11.63
N PRO E 124 -37.57 -29.15 12.80
CA PRO E 124 -38.28 -30.02 13.73
C PRO E 124 -39.43 -29.25 14.40
N MET E 125 -40.65 -29.52 13.95
CA MET E 125 -41.82 -28.82 14.44
C MET E 125 -42.64 -29.65 15.41
N GLN E 126 -42.07 -30.73 15.93
CA GLN E 126 -42.68 -31.47 17.03
C GLN E 126 -42.67 -30.67 18.33
N GLU E 127 -42.15 -29.44 18.33
CA GLU E 127 -42.31 -28.53 19.46
C GLU E 127 -43.76 -28.09 19.64
N LEU E 128 -44.63 -28.38 18.66
CA LEU E 128 -46.06 -28.18 18.84
C LEU E 128 -46.58 -29.08 19.97
N LEU E 129 -46.47 -30.40 19.78
CA LEU E 129 -46.96 -31.33 20.78
C LEU E 129 -46.07 -31.31 22.02
N ASP E 130 -44.76 -31.13 21.85
CA ASP E 130 -43.84 -31.06 22.97
C ASP E 130 -43.84 -29.67 23.59
N PHE E 131 -43.23 -29.57 24.77
CA PHE E 131 -43.01 -28.33 25.49
C PHE E 131 -44.29 -27.59 25.84
N HIS E 132 -45.43 -28.29 25.89
CA HIS E 132 -46.67 -27.69 26.38
C HIS E 132 -46.72 -27.58 27.89
N LYS E 133 -45.64 -27.96 28.59
CA LYS E 133 -45.66 -28.00 30.05
C LYS E 133 -45.56 -26.62 30.67
N ALA E 134 -46.69 -25.89 30.68
CA ALA E 134 -46.82 -24.61 31.38
C ALA E 134 -45.77 -23.60 30.91
N HIS E 135 -45.86 -23.24 29.64
CA HIS E 135 -44.99 -22.24 29.04
C HIS E 135 -45.81 -21.13 28.43
N GLY E 136 -45.38 -19.88 28.65
CA GLY E 136 -45.92 -18.78 27.87
C GLY E 136 -45.61 -18.95 26.39
N GLY E 137 -44.40 -19.41 26.07
CA GLY E 137 -44.05 -19.87 24.75
C GLY E 137 -43.48 -21.26 24.82
N GLU E 138 -44.09 -22.21 24.11
CA GLU E 138 -43.79 -23.63 24.27
C GLU E 138 -42.42 -23.93 23.66
N GLY E 139 -41.38 -23.65 24.43
CA GLY E 139 -40.04 -23.68 23.88
C GLY E 139 -39.86 -22.63 22.80
N THR E 140 -40.39 -21.43 23.04
CA THR E 140 -40.48 -20.43 21.99
C THR E 140 -39.11 -19.97 21.51
N ILE E 141 -38.17 -19.73 22.42
CA ILE E 141 -36.85 -19.28 21.97
C ILE E 141 -36.04 -20.50 21.56
N MET E 142 -36.24 -20.94 20.32
CA MET E 142 -35.56 -22.11 19.81
C MET E 142 -34.09 -21.78 19.57
N VAL E 143 -33.20 -22.66 20.04
CA VAL E 143 -31.78 -22.37 20.07
C VAL E 143 -31.01 -23.47 19.35
N SER E 144 -29.87 -23.09 18.78
CA SER E 144 -29.00 -24.00 18.06
C SER E 144 -27.57 -23.81 18.54
N GLN E 145 -26.82 -24.92 18.54
CA GLN E 145 -25.45 -24.92 19.02
C GLN E 145 -24.51 -24.45 17.91
N VAL E 146 -23.79 -23.36 18.16
CA VAL E 146 -22.83 -22.82 17.20
C VAL E 146 -21.53 -22.54 17.93
N THR E 147 -20.43 -23.08 17.41
CA THR E 147 -19.12 -22.87 18.03
C THR E 147 -18.59 -21.45 17.79
N GLN E 148 -19.20 -20.69 16.89
CA GLN E 148 -18.79 -19.33 16.57
C GLN E 148 -19.74 -18.31 17.18
N TRP E 149 -20.22 -18.54 18.40
CA TRP E 149 -21.23 -17.69 19.00
C TRP E 149 -20.73 -16.28 19.28
N GLU E 150 -19.41 -16.06 19.29
CA GLU E 150 -18.87 -14.73 19.53
C GLU E 150 -19.29 -13.76 18.43
N LYS E 151 -19.08 -14.16 17.16
CA LYS E 151 -19.41 -13.27 16.05
C LYS E 151 -20.91 -13.22 15.81
N TYR E 152 -21.62 -14.33 16.07
CA TYR E 152 -23.07 -14.30 15.96
C TYR E 152 -23.68 -13.34 16.98
N GLY E 153 -23.16 -13.35 18.21
CA GLY E 153 -23.42 -12.29 19.15
C GLY E 153 -24.76 -12.30 19.84
N VAL E 154 -25.55 -13.38 19.71
CA VAL E 154 -26.83 -13.51 20.41
C VAL E 154 -26.78 -14.85 21.12
N VAL E 155 -26.31 -14.87 22.36
CA VAL E 155 -26.14 -16.09 23.13
C VAL E 155 -27.29 -16.23 24.11
N VAL E 156 -27.93 -17.40 24.10
CA VAL E 156 -29.06 -17.68 24.97
C VAL E 156 -28.59 -18.62 26.08
N TYR E 157 -28.79 -18.20 27.33
CA TYR E 157 -28.38 -18.99 28.48
C TYR E 157 -29.53 -19.93 28.86
N SER E 158 -29.47 -21.16 28.36
CA SER E 158 -30.52 -22.14 28.59
C SER E 158 -30.06 -23.17 29.60
N PRO E 159 -30.60 -23.18 30.81
CA PRO E 159 -30.23 -24.19 31.80
C PRO E 159 -31.08 -25.45 31.61
N GLN E 160 -30.89 -26.41 32.52
CA GLN E 160 -31.68 -27.64 32.46
C GLN E 160 -33.16 -27.39 32.72
N ASN E 161 -33.49 -26.31 33.43
CA ASN E 161 -34.88 -25.92 33.61
C ASN E 161 -35.44 -25.18 32.40
N TYR E 162 -34.59 -24.81 31.45
CA TYR E 162 -34.94 -24.11 30.21
C TYR E 162 -35.47 -22.71 30.44
N GLN E 163 -35.30 -22.16 31.65
CA GLN E 163 -35.74 -20.79 31.93
C GLN E 163 -34.64 -19.81 31.54
N ILE E 164 -34.95 -18.94 30.58
CA ILE E 164 -33.94 -18.03 30.04
C ILE E 164 -33.60 -16.99 31.09
N GLU E 165 -32.34 -17.01 31.56
CA GLU E 165 -31.91 -16.04 32.55
C GLU E 165 -31.72 -14.65 31.93
N ARG E 166 -31.07 -14.59 30.77
CA ARG E 166 -30.75 -13.30 30.15
C ARG E 166 -30.29 -13.55 28.72
N PHE E 167 -30.23 -12.46 27.96
CA PHE E 167 -29.64 -12.44 26.63
C PHE E 167 -28.36 -11.61 26.69
N VAL E 168 -27.26 -12.17 26.19
CA VAL E 168 -25.95 -11.52 26.24
C VAL E 168 -25.45 -11.34 24.82
N GLU E 169 -25.00 -10.11 24.51
CA GLU E 169 -24.44 -9.78 23.21
C GLU E 169 -22.93 -9.75 23.31
N LYS E 170 -22.27 -10.61 22.53
CA LYS E 170 -20.81 -10.75 22.56
C LYS E 170 -20.29 -11.00 23.97
N PRO E 171 -20.67 -12.12 24.59
CA PRO E 171 -20.21 -12.38 25.97
C PRO E 171 -18.75 -12.78 26.01
N SER E 172 -18.01 -12.19 26.95
CA SER E 172 -16.61 -12.53 27.11
C SER E 172 -16.43 -13.90 27.76
N ARG E 173 -17.24 -14.21 28.77
CA ARG E 173 -17.18 -15.49 29.46
C ARG E 173 -18.03 -16.53 28.75
N PHE E 174 -17.62 -17.79 28.86
CA PHE E 174 -18.33 -18.88 28.21
C PHE E 174 -19.64 -19.18 28.95
N LEU E 175 -20.62 -18.30 28.80
CA LEU E 175 -21.92 -18.53 29.41
C LEU E 175 -22.65 -19.69 28.73
N GLY E 176 -22.57 -19.76 27.41
CA GLY E 176 -23.22 -20.83 26.67
C GLY E 176 -22.89 -20.72 25.19
N ASP E 177 -23.28 -21.76 24.45
CA ASP E 177 -23.05 -21.80 23.02
C ASP E 177 -24.32 -21.69 22.19
N ARG E 178 -25.48 -21.91 22.79
CA ARG E 178 -26.73 -21.84 22.04
C ARG E 178 -27.04 -20.41 21.61
N ILE E 179 -27.55 -20.27 20.39
CA ILE E 179 -27.96 -18.98 19.85
C ILE E 179 -29.38 -19.10 19.32
N ASN E 180 -30.01 -17.94 19.13
CA ASN E 180 -31.38 -17.91 18.60
C ASN E 180 -31.45 -18.54 17.23
N ALA E 181 -32.49 -19.34 17.01
CA ALA E 181 -32.69 -20.05 15.74
C ALA E 181 -33.80 -19.42 14.89
N GLY E 182 -34.42 -18.36 15.36
CA GLY E 182 -35.39 -17.64 14.56
C GLY E 182 -36.76 -18.27 14.43
N ILE E 183 -37.04 -19.34 15.17
CA ILE E 183 -38.34 -20.00 15.13
C ILE E 183 -38.93 -19.96 16.54
N TYR E 184 -40.17 -19.50 16.66
CA TYR E 184 -40.82 -19.33 17.95
C TYR E 184 -42.25 -19.85 17.86
N ILE E 185 -42.80 -20.19 19.03
CA ILE E 185 -44.21 -20.55 19.14
C ILE E 185 -44.77 -19.83 20.36
N PHE E 186 -45.85 -19.08 20.17
CA PHE E 186 -46.37 -18.19 21.21
C PHE E 186 -47.81 -18.53 21.54
N ASN E 187 -48.14 -18.46 22.83
CA ASN E 187 -49.53 -18.32 23.23
C ASN E 187 -50.00 -16.91 22.93
N LYS E 188 -51.26 -16.78 22.53
CA LYS E 188 -51.75 -15.50 22.03
C LYS E 188 -51.79 -14.42 23.09
N SER E 189 -51.62 -14.76 24.37
CA SER E 189 -51.57 -13.75 25.42
C SER E 189 -50.44 -12.77 25.19
N ILE E 190 -49.38 -13.19 24.48
CA ILE E 190 -48.27 -12.30 24.18
C ILE E 190 -48.73 -11.08 23.38
N LEU E 191 -49.87 -11.19 22.68
CA LEU E 191 -50.38 -10.04 21.94
C LEU E 191 -50.68 -8.86 22.86
N ASP E 192 -50.91 -9.12 24.15
CA ASP E 192 -51.11 -8.03 25.09
C ASP E 192 -49.80 -7.34 25.44
N ARG E 193 -48.68 -8.08 25.42
CA ARG E 193 -47.40 -7.49 25.82
C ARG E 193 -46.83 -6.59 24.73
N ILE E 194 -47.03 -6.95 23.48
CA ILE E 194 -46.43 -6.22 22.36
C ILE E 194 -47.19 -4.92 22.15
N PRO E 195 -46.52 -3.77 22.18
CA PRO E 195 -47.22 -2.50 21.97
C PRO E 195 -47.38 -2.19 20.49
N PRO E 196 -48.40 -1.42 20.12
CA PRO E 196 -48.60 -1.06 18.70
C PRO E 196 -47.67 0.06 18.24
N ARG E 197 -46.39 -0.28 18.10
CA ARG E 197 -45.36 0.67 17.69
C ARG E 197 -44.16 -0.13 17.21
N ARG E 198 -43.15 0.59 16.73
CA ARG E 198 -41.91 -0.04 16.30
C ARG E 198 -41.20 -0.66 17.49
N ALA E 199 -40.89 -1.95 17.40
CA ALA E 199 -40.22 -2.66 18.48
C ALA E 199 -39.44 -3.82 17.91
N SER E 200 -38.57 -4.45 18.70
CA SER E 200 -37.86 -5.64 18.27
C SER E 200 -38.09 -6.82 19.19
N ILE E 201 -38.56 -7.95 18.70
CA ILE E 201 -38.79 -9.14 19.51
C ILE E 201 -37.49 -9.57 20.12
N GLU E 202 -36.39 -9.49 19.41
CA GLU E 202 -35.09 -9.81 19.98
C GLU E 202 -34.60 -8.91 21.09
N LYS E 203 -34.78 -7.60 21.00
CA LYS E 203 -34.21 -6.68 22.01
C LYS E 203 -35.20 -5.96 22.93
N GLU E 204 -36.49 -6.17 22.75
CA GLU E 204 -37.48 -5.55 23.62
C GLU E 204 -38.38 -6.56 24.31
N ILE E 205 -39.01 -7.46 23.56
CA ILE E 205 -40.00 -8.36 24.14
C ILE E 205 -39.32 -9.56 24.80
N PHE E 206 -38.35 -10.15 24.11
CA PHE E 206 -37.70 -11.35 24.64
C PHE E 206 -36.96 -11.12 25.96
N PRO E 207 -36.19 -10.03 26.15
CA PRO E 207 -35.65 -9.78 27.50
C PRO E 207 -36.73 -9.67 28.56
N ALA E 208 -37.86 -9.05 28.23
CA ALA E 208 -38.95 -8.94 29.20
C ALA E 208 -39.51 -10.31 29.56
N MET E 209 -39.69 -11.19 28.57
CA MET E 209 -40.17 -12.53 28.87
C MET E 209 -39.14 -13.32 29.68
N ALA E 210 -37.85 -13.14 29.37
CA ALA E 210 -36.82 -13.82 30.14
C ALA E 210 -36.82 -13.36 31.59
N ALA E 211 -36.97 -12.05 31.82
CA ALA E 211 -37.07 -11.55 33.19
C ALA E 211 -38.30 -12.09 33.89
N GLU E 212 -39.44 -12.13 33.18
CA GLU E 212 -40.67 -12.63 33.78
C GLU E 212 -40.65 -14.14 33.99
N GLY E 213 -39.72 -14.85 33.36
CA GLY E 213 -39.65 -16.29 33.52
C GLY E 213 -40.62 -17.08 32.68
N GLN E 214 -41.23 -16.46 31.67
CA GLN E 214 -42.16 -17.13 30.78
C GLN E 214 -41.51 -17.53 29.45
N LEU E 215 -40.19 -17.43 29.36
CA LEU E 215 -39.46 -17.70 28.13
C LEU E 215 -38.69 -19.01 28.29
N TYR E 216 -38.96 -19.97 27.40
CA TYR E 216 -38.36 -21.30 27.48
C TYR E 216 -37.65 -21.64 26.18
N ALA E 217 -36.48 -22.26 26.31
CA ALA E 217 -35.65 -22.58 25.17
C ALA E 217 -35.91 -23.99 24.65
N PHE E 218 -35.86 -24.14 23.33
CA PHE E 218 -35.99 -25.43 22.67
C PHE E 218 -34.71 -25.73 21.92
N ASN E 219 -34.07 -26.85 22.24
CA ASN E 219 -32.82 -27.21 21.60
C ASN E 219 -33.07 -27.77 20.20
N LEU E 220 -32.12 -27.51 19.30
CA LEU E 220 -32.20 -27.95 17.91
C LEU E 220 -31.10 -28.96 17.66
N GLU E 221 -31.49 -30.22 17.44
CA GLU E 221 -30.52 -31.29 17.26
C GLU E 221 -29.91 -31.26 15.86
N GLY E 222 -30.70 -30.96 14.84
CA GLY E 222 -30.24 -31.00 13.47
C GLY E 222 -29.43 -29.78 13.08
N PHE E 223 -29.08 -29.72 11.80
CA PHE E 223 -28.35 -28.59 11.27
C PHE E 223 -29.24 -27.35 11.24
N TRP E 224 -28.59 -26.19 11.30
CA TRP E 224 -29.29 -24.91 11.25
C TRP E 224 -28.36 -23.86 10.67
N MET E 225 -28.93 -22.93 9.91
CA MET E 225 -28.13 -21.82 9.39
C MET E 225 -29.06 -20.70 8.95
N ASP E 226 -28.73 -19.48 9.37
CA ASP E 226 -29.34 -18.32 8.74
C ASP E 226 -28.63 -18.01 7.43
N VAL E 227 -29.41 -17.63 6.42
CA VAL E 227 -28.87 -17.44 5.09
C VAL E 227 -29.07 -15.98 4.67
N GLY E 228 -29.05 -15.08 5.64
CA GLY E 228 -29.18 -13.66 5.36
C GLY E 228 -27.93 -13.00 4.82
N GLN E 229 -26.81 -13.70 4.83
CA GLN E 229 -25.55 -13.19 4.31
C GLN E 229 -25.03 -14.12 3.22
N PRO E 230 -24.32 -13.57 2.22
CA PRO E 230 -23.85 -14.43 1.12
C PRO E 230 -22.94 -15.57 1.57
N LYS E 231 -22.03 -15.32 2.51
CA LYS E 231 -21.20 -16.39 3.04
C LYS E 231 -22.04 -17.43 3.76
N ASP E 232 -22.95 -16.96 4.62
CA ASP E 232 -23.89 -17.86 5.28
C ASP E 232 -24.82 -18.51 4.28
N TYR E 233 -25.20 -17.79 3.21
CA TYR E 233 -26.01 -18.39 2.16
C TYR E 233 -25.31 -19.59 1.54
N ILE E 234 -24.04 -19.42 1.17
CA ILE E 234 -23.30 -20.50 0.52
C ILE E 234 -23.13 -21.67 1.48
N LEU E 235 -22.72 -21.39 2.72
CA LEU E 235 -22.45 -22.48 3.65
C LEU E 235 -23.73 -23.20 4.05
N GLY E 236 -24.85 -22.47 4.21
CA GLY E 236 -26.12 -23.11 4.46
C GLY E 236 -26.62 -23.93 3.30
N MET E 237 -26.35 -23.47 2.07
CA MET E 237 -26.68 -24.28 0.90
C MET E 237 -25.88 -25.59 0.91
N THR E 238 -24.59 -25.50 1.27
CA THR E 238 -23.76 -26.69 1.39
C THR E 238 -24.33 -27.65 2.44
N LYS E 239 -24.78 -27.11 3.57
CA LYS E 239 -25.37 -27.97 4.60
C LYS E 239 -26.71 -28.55 4.16
N PHE E 240 -27.47 -27.80 3.36
CA PHE E 240 -28.87 -28.13 3.11
C PHE E 240 -29.05 -29.11 1.95
N ILE E 241 -28.30 -28.94 0.87
CA ILE E 241 -28.53 -29.72 -0.34
C ILE E 241 -28.51 -31.24 -0.09
N PRO E 242 -27.56 -31.78 0.69
CA PRO E 242 -27.58 -33.24 0.93
C PRO E 242 -28.89 -33.75 1.52
N SER E 243 -29.55 -32.96 2.35
CA SER E 243 -30.84 -33.38 2.88
C SER E 243 -31.90 -33.44 1.77
N LEU E 244 -31.83 -32.51 0.82
CA LEU E 244 -32.87 -32.35 -0.18
C LEU E 244 -32.63 -33.16 -1.46
N VAL E 245 -31.46 -33.79 -1.61
CA VAL E 245 -31.19 -34.51 -2.86
C VAL E 245 -32.20 -35.64 -3.07
N HIS E 246 -32.51 -36.40 -2.03
CA HIS E 246 -33.46 -37.49 -2.18
C HIS E 246 -34.91 -37.00 -2.16
N GLY E 247 -35.15 -35.80 -1.61
CA GLY E 247 -36.51 -35.28 -1.58
C GLY E 247 -37.04 -34.92 -2.96
N ASN E 248 -36.19 -34.35 -3.81
CA ASN E 248 -36.60 -33.82 -5.10
C ASN E 248 -36.01 -34.66 -6.24
N ARG E 249 -36.44 -34.32 -7.45
CA ARG E 249 -35.97 -34.98 -8.67
C ARG E 249 -34.82 -34.23 -9.33
N GLU E 250 -34.07 -33.44 -8.57
CA GLU E 250 -32.98 -32.66 -9.12
C GLU E 250 -31.64 -33.06 -8.50
N THR E 256 -25.05 -42.66 -9.60
CA THR E 256 -23.80 -42.78 -8.86
C THR E 256 -23.62 -41.60 -7.91
N GLU E 257 -22.46 -40.95 -8.00
CA GLU E 257 -22.16 -39.78 -7.19
C GLU E 257 -22.70 -38.53 -7.89
N ALA E 258 -24.03 -38.46 -7.94
CA ALA E 258 -24.70 -37.42 -8.71
C ALA E 258 -26.14 -37.28 -8.24
N VAL E 259 -26.79 -36.22 -8.73
CA VAL E 259 -28.20 -35.99 -8.49
C VAL E 259 -28.91 -35.84 -9.83
N GLU E 260 -28.26 -35.14 -10.76
CA GLU E 260 -28.77 -34.91 -12.12
C GLU E 260 -27.57 -35.00 -13.04
N HIS E 261 -27.34 -36.18 -13.62
CA HIS E 261 -26.10 -36.48 -14.31
C HIS E 261 -26.24 -36.59 -15.82
N GLN E 262 -27.46 -36.59 -16.36
CA GLN E 262 -27.67 -36.75 -17.80
C GLN E 262 -28.67 -35.74 -18.33
N ARG E 263 -28.71 -34.54 -17.74
CA ARG E 263 -29.68 -33.54 -18.17
C ARG E 263 -29.35 -32.99 -19.55
N GLY E 264 -28.10 -32.59 -19.76
CA GLY E 264 -27.71 -32.04 -21.05
C GLY E 264 -26.37 -32.55 -21.56
N GLY E 265 -26.39 -33.23 -22.69
CA GLY E 265 -25.15 -33.76 -23.27
C GLY E 265 -24.48 -34.71 -22.30
N ARG E 266 -23.20 -34.48 -22.06
CA ARG E 266 -22.42 -35.24 -21.09
C ARG E 266 -21.71 -34.27 -20.16
N PHE E 267 -21.88 -34.45 -18.85
CA PHE E 267 -21.21 -33.62 -17.87
C PHE E 267 -21.03 -34.42 -16.60
N THR E 268 -20.13 -33.94 -15.74
CA THR E 268 -19.72 -34.65 -14.55
C THR E 268 -20.21 -33.92 -13.31
N VAL E 269 -20.66 -34.70 -12.32
CA VAL E 269 -21.11 -34.17 -11.04
C VAL E 269 -20.23 -34.78 -9.95
N ILE E 270 -19.66 -33.92 -9.10
CA ILE E 270 -18.73 -34.39 -8.08
C ILE E 270 -19.40 -34.67 -6.74
N GLY E 271 -20.64 -34.23 -6.55
CA GLY E 271 -21.32 -34.46 -5.30
C GLY E 271 -22.80 -34.15 -5.41
N ALA E 272 -23.36 -33.66 -4.32
CA ALA E 272 -24.75 -33.24 -4.31
C ALA E 272 -24.90 -31.94 -5.10
N SER E 273 -26.04 -31.80 -5.75
CA SER E 273 -26.35 -30.59 -6.51
C SER E 273 -27.87 -30.51 -6.69
N LEU E 274 -28.31 -29.47 -7.40
CA LEU E 274 -29.72 -29.29 -7.72
C LEU E 274 -29.81 -28.61 -9.08
N ILE E 275 -30.03 -29.40 -10.12
CA ILE E 275 -30.12 -28.91 -11.49
C ILE E 275 -31.58 -29.01 -11.93
N ASP E 276 -32.15 -27.87 -12.32
CA ASP E 276 -33.55 -27.84 -12.72
C ASP E 276 -33.73 -28.64 -14.02
N PRO E 277 -34.88 -29.31 -14.18
CA PRO E 277 -35.12 -30.06 -15.43
C PRO E 277 -35.03 -29.21 -16.68
N SER E 278 -35.41 -27.93 -16.62
CA SER E 278 -35.42 -27.07 -17.79
C SER E 278 -34.06 -26.45 -18.09
N ALA E 279 -33.07 -26.63 -17.21
CA ALA E 279 -31.75 -26.08 -17.45
C ALA E 279 -30.95 -27.00 -18.36
N LYS E 280 -30.27 -26.40 -19.34
CA LYS E 280 -29.39 -27.13 -20.25
C LYS E 280 -27.96 -26.99 -19.76
N ILE E 281 -27.32 -28.14 -19.49
CA ILE E 281 -25.99 -28.09 -18.90
C ILE E 281 -24.95 -28.60 -19.89
N GLY E 282 -24.45 -27.72 -20.74
CA GLY E 282 -23.26 -27.77 -21.56
C GLY E 282 -22.99 -29.13 -22.17
N ASP E 283 -21.69 -29.43 -22.29
CA ASP E 283 -21.20 -30.73 -22.71
C ASP E 283 -19.77 -30.87 -22.22
N GLY E 284 -19.57 -31.70 -21.20
CA GLY E 284 -18.29 -31.78 -20.54
C GLY E 284 -18.13 -30.90 -19.32
N ALA E 285 -19.18 -30.18 -18.91
CA ALA E 285 -19.10 -29.32 -17.74
C ALA E 285 -18.96 -30.16 -16.48
N VAL E 286 -18.58 -29.48 -15.39
CA VAL E 286 -18.35 -30.14 -14.10
C VAL E 286 -19.20 -29.40 -13.07
N ILE E 287 -20.39 -29.93 -12.78
CA ILE E 287 -21.27 -29.36 -11.77
C ILE E 287 -20.81 -29.89 -10.42
N GLY E 288 -20.13 -29.04 -9.65
CA GLY E 288 -19.44 -29.47 -8.45
C GLY E 288 -20.36 -29.79 -7.29
N PRO E 289 -19.78 -29.98 -6.11
CA PRO E 289 -20.58 -30.37 -4.95
C PRO E 289 -21.34 -29.18 -4.38
N TYR E 290 -22.62 -29.41 -4.09
CA TYR E 290 -23.49 -28.40 -3.47
C TYR E 290 -23.59 -27.16 -4.35
N ALA E 291 -24.08 -27.39 -5.57
CA ALA E 291 -24.31 -26.32 -6.54
C ALA E 291 -25.76 -26.36 -7.01
N SER E 292 -26.34 -25.18 -7.22
CA SER E 292 -27.72 -25.05 -7.63
C SER E 292 -27.79 -24.35 -8.98
N ILE E 293 -28.54 -24.94 -9.92
CA ILE E 293 -28.76 -24.37 -11.24
C ILE E 293 -30.24 -24.10 -11.39
N GLY E 294 -30.59 -22.85 -11.69
CA GLY E 294 -31.98 -22.45 -11.77
C GLY E 294 -32.65 -22.89 -13.05
N ALA E 295 -33.94 -22.56 -13.14
CA ALA E 295 -34.72 -22.94 -14.31
C ALA E 295 -34.34 -22.11 -15.52
N ASN E 296 -34.40 -22.74 -16.69
CA ASN E 296 -34.14 -22.09 -17.98
C ASN E 296 -32.70 -21.60 -18.09
N CYS E 297 -31.85 -21.95 -17.14
CA CYS E 297 -30.45 -21.57 -17.19
C CYS E 297 -29.72 -22.34 -18.30
N VAL E 298 -28.70 -21.71 -18.86
CA VAL E 298 -27.84 -22.31 -19.87
C VAL E 298 -26.42 -22.28 -19.36
N ILE E 299 -25.76 -23.43 -19.39
CA ILE E 299 -24.39 -23.59 -18.92
C ILE E 299 -23.51 -23.97 -20.09
N GLY E 300 -22.32 -23.37 -20.17
CA GLY E 300 -21.42 -23.60 -21.27
C GLY E 300 -20.81 -24.99 -21.26
N GLU E 301 -19.96 -25.23 -22.26
CA GLU E 301 -19.46 -26.58 -22.50
C GLU E 301 -18.61 -27.09 -21.35
N SER E 302 -17.62 -26.31 -20.91
CA SER E 302 -16.68 -26.78 -19.90
C SER E 302 -16.69 -25.88 -18.68
N CYS E 303 -17.88 -25.54 -18.20
CA CYS E 303 -17.98 -24.73 -17.00
C CYS E 303 -17.62 -25.54 -15.76
N ARG E 304 -17.43 -24.83 -14.66
CA ARG E 304 -17.12 -25.44 -13.37
C ARG E 304 -17.94 -24.72 -12.31
N ILE E 305 -19.04 -25.33 -11.88
CA ILE E 305 -19.92 -24.76 -10.87
C ILE E 305 -19.54 -25.45 -9.57
N ASP E 306 -18.58 -24.87 -8.85
CA ASP E 306 -17.99 -25.54 -7.70
C ASP E 306 -18.94 -25.54 -6.50
N ASN E 307 -19.26 -24.35 -6.00
CA ASN E 307 -20.20 -24.20 -4.89
C ASN E 307 -21.13 -23.03 -5.15
N ALA E 308 -21.44 -22.78 -6.41
CA ALA E 308 -22.18 -21.60 -6.83
C ALA E 308 -23.67 -21.90 -6.95
N ALA E 309 -24.46 -20.84 -6.84
CA ALA E 309 -25.90 -20.90 -7.07
C ALA E 309 -26.21 -20.07 -8.31
N ILE E 310 -26.78 -20.71 -9.32
CA ILE E 310 -27.12 -20.05 -10.58
C ILE E 310 -28.63 -19.87 -10.59
N LEU E 311 -29.07 -18.61 -10.69
CA LEU E 311 -30.47 -18.26 -10.48
C LEU E 311 -31.14 -17.95 -11.80
N GLU E 312 -32.29 -18.58 -12.04
CA GLU E 312 -33.18 -18.28 -13.17
C GLU E 312 -32.48 -18.21 -14.51
N ASN E 313 -32.90 -17.28 -15.36
CA ASN E 313 -32.48 -17.22 -16.76
C ASN E 313 -31.09 -16.63 -16.87
N SER E 314 -30.12 -17.36 -16.31
CA SER E 314 -28.72 -16.98 -16.35
C SER E 314 -27.99 -17.83 -17.38
N LYS E 315 -27.10 -17.19 -18.14
CA LYS E 315 -26.31 -17.87 -19.17
C LYS E 315 -24.83 -17.77 -18.82
N VAL E 316 -24.13 -18.89 -18.89
CA VAL E 316 -22.72 -18.98 -18.55
C VAL E 316 -21.98 -19.55 -19.74
N GLY E 317 -20.90 -18.87 -20.16
CA GLY E 317 -20.15 -19.27 -21.32
C GLY E 317 -19.19 -20.42 -21.05
N LYS E 318 -18.64 -20.96 -22.14
CA LYS E 318 -17.78 -22.13 -22.04
C LYS E 318 -16.46 -21.78 -21.37
N GLY E 319 -16.07 -22.59 -20.39
CA GLY E 319 -14.84 -22.40 -19.67
C GLY E 319 -14.93 -21.57 -18.41
N THR E 320 -16.08 -20.97 -18.13
CA THR E 320 -16.23 -20.15 -16.93
C THR E 320 -16.18 -21.01 -15.68
N MET E 321 -15.59 -20.47 -14.62
CA MET E 321 -15.51 -21.15 -13.33
C MET E 321 -16.04 -20.21 -12.26
N VAL E 322 -17.25 -20.51 -11.77
CA VAL E 322 -17.84 -19.76 -10.65
C VAL E 322 -17.86 -20.69 -9.44
N SER E 323 -17.26 -20.23 -8.35
CA SER E 323 -17.08 -21.05 -7.15
C SER E 323 -17.48 -20.25 -5.93
N ARG E 324 -18.35 -20.84 -5.09
CA ARG E 324 -18.77 -20.23 -3.83
C ARG E 324 -19.39 -18.85 -4.04
N SER E 325 -19.99 -18.63 -5.21
CA SER E 325 -20.51 -17.33 -5.58
C SER E 325 -21.95 -17.46 -6.05
N ILE E 326 -22.67 -16.34 -5.98
CA ILE E 326 -24.07 -16.28 -6.40
C ILE E 326 -24.19 -15.34 -7.59
N VAL E 327 -24.91 -15.80 -8.61
CA VAL E 327 -25.21 -14.95 -9.77
C VAL E 327 -26.69 -14.61 -9.72
N GLY E 328 -27.04 -13.50 -10.35
CA GLY E 328 -28.39 -12.99 -10.30
C GLY E 328 -29.36 -13.81 -11.14
N TRP E 329 -30.47 -13.16 -11.49
CA TRP E 329 -31.56 -13.86 -12.15
C TRP E 329 -31.39 -13.92 -13.66
N ASN E 330 -30.99 -12.82 -14.28
CA ASN E 330 -30.92 -12.72 -15.73
C ASN E 330 -29.52 -12.34 -16.18
N ASN E 331 -28.50 -12.93 -15.56
CA ASN E 331 -27.13 -12.59 -15.91
C ASN E 331 -26.75 -13.19 -17.26
N ARG E 332 -25.67 -12.64 -17.83
CA ARG E 332 -25.04 -13.17 -19.03
C ARG E 332 -23.53 -13.17 -18.77
N ILE E 333 -23.04 -14.26 -18.18
CA ILE E 333 -21.63 -14.37 -17.83
C ILE E 333 -20.83 -14.70 -19.08
N GLY E 334 -19.61 -14.18 -19.15
CA GLY E 334 -18.74 -14.40 -20.28
C GLY E 334 -18.29 -15.85 -20.38
N SER E 335 -17.35 -16.07 -21.30
CA SER E 335 -16.90 -17.42 -21.60
C SER E 335 -15.88 -17.92 -20.60
N TRP E 336 -14.74 -17.24 -20.47
CA TRP E 336 -13.60 -17.76 -19.71
C TRP E 336 -13.38 -16.99 -18.41
N CYS E 337 -14.45 -16.66 -17.70
CA CYS E 337 -14.36 -15.86 -16.49
C CYS E 337 -14.16 -16.73 -15.25
N HIS E 338 -13.62 -16.12 -14.21
CA HIS E 338 -13.71 -16.64 -12.84
C HIS E 338 -14.58 -15.73 -11.99
N ILE E 339 -15.47 -16.34 -11.21
CA ILE E 339 -16.22 -15.62 -10.20
C ILE E 339 -15.99 -16.37 -8.88
N LYS E 340 -14.95 -15.95 -8.14
CA LYS E 340 -14.44 -16.72 -7.03
C LYS E 340 -14.83 -16.08 -5.69
N ASP E 341 -14.31 -16.66 -4.61
CA ASP E 341 -14.59 -16.23 -3.26
C ASP E 341 -16.08 -16.10 -3.01
N ILE E 342 -16.48 -15.10 -2.22
CA ILE E 342 -17.90 -14.84 -1.99
C ILE E 342 -18.28 -13.63 -2.83
N SER E 343 -18.76 -13.87 -4.04
CA SER E 343 -19.12 -12.82 -4.99
C SER E 343 -20.60 -12.94 -5.32
N VAL E 344 -21.32 -11.82 -5.25
CA VAL E 344 -22.75 -11.78 -5.51
C VAL E 344 -23.00 -10.86 -6.69
N LEU E 345 -23.78 -11.32 -7.65
CA LEU E 345 -24.08 -10.56 -8.85
C LEU E 345 -25.56 -10.19 -8.86
N GLY E 346 -25.85 -8.99 -9.35
CA GLY E 346 -27.20 -8.46 -9.32
C GLY E 346 -28.09 -9.08 -10.39
N ASP E 347 -29.27 -8.46 -10.56
CA ASP E 347 -30.33 -9.07 -11.35
C ASP E 347 -29.93 -9.23 -12.82
N ASP E 348 -29.28 -8.22 -13.39
CA ASP E 348 -29.03 -8.20 -14.83
C ASP E 348 -27.59 -7.82 -15.14
N VAL E 349 -26.64 -8.40 -14.41
CA VAL E 349 -25.24 -8.14 -14.63
C VAL E 349 -24.75 -8.95 -15.83
N GLU E 350 -23.96 -8.31 -16.68
CA GLU E 350 -23.31 -8.99 -17.81
C GLU E 350 -21.81 -8.84 -17.67
N VAL E 351 -21.10 -9.95 -17.80
CA VAL E 351 -19.66 -10.00 -17.59
C VAL E 351 -18.99 -10.39 -18.90
N LYS E 352 -18.00 -9.60 -19.32
CA LYS E 352 -17.28 -9.87 -20.54
C LYS E 352 -16.31 -11.03 -20.36
N ASP E 353 -15.84 -11.57 -21.49
CA ASP E 353 -14.97 -12.75 -21.45
C ASP E 353 -13.64 -12.42 -20.79
N GLY E 354 -13.15 -13.37 -20.00
CA GLY E 354 -11.85 -13.24 -19.36
C GLY E 354 -11.82 -12.43 -18.08
N VAL E 355 -12.96 -11.94 -17.62
CA VAL E 355 -13.00 -11.10 -16.44
C VAL E 355 -12.94 -11.96 -15.19
N ILE E 356 -12.15 -11.53 -14.21
CA ILE E 356 -11.96 -12.26 -12.96
C ILE E 356 -12.50 -11.40 -11.83
N LEU E 357 -13.48 -11.93 -11.11
CA LEU E 357 -14.11 -11.24 -9.98
C LEU E 357 -13.86 -12.06 -8.72
N ILE E 358 -12.95 -11.58 -7.88
CA ILE E 358 -12.58 -12.26 -6.64
C ILE E 358 -13.41 -11.63 -5.53
N GLY E 359 -14.59 -12.19 -5.29
CA GLY E 359 -15.43 -11.75 -4.20
C GLY E 359 -15.93 -10.33 -4.30
N THR E 360 -16.41 -9.93 -5.48
CA THR E 360 -16.94 -8.59 -5.70
C THR E 360 -18.45 -8.63 -5.87
N LYS E 361 -19.14 -7.68 -5.25
CA LYS E 361 -20.59 -7.58 -5.33
C LYS E 361 -20.95 -6.55 -6.40
N VAL E 362 -21.71 -6.99 -7.39
CA VAL E 362 -22.08 -6.16 -8.53
C VAL E 362 -23.55 -5.80 -8.41
N LEU E 363 -23.86 -4.51 -8.50
CA LEU E 363 -25.23 -4.05 -8.42
C LEU E 363 -26.00 -4.42 -9.68
N PRO E 364 -27.33 -4.45 -9.61
CA PRO E 364 -28.12 -4.88 -10.77
C PRO E 364 -27.93 -3.97 -11.98
N ASN E 365 -28.10 -4.58 -13.16
CA ASN E 365 -28.07 -3.85 -14.44
C ASN E 365 -26.72 -3.18 -14.68
N LYS E 366 -25.65 -3.91 -14.43
CA LYS E 366 -24.29 -3.44 -14.68
C LYS E 366 -23.63 -4.29 -15.76
N ASP E 367 -22.57 -3.73 -16.33
CA ASP E 367 -21.70 -4.43 -17.27
C ASP E 367 -20.29 -4.41 -16.70
N VAL E 368 -19.70 -5.60 -16.54
CA VAL E 368 -18.37 -5.74 -15.96
C VAL E 368 -17.40 -6.11 -17.07
N GLY E 369 -16.32 -5.35 -17.19
CA GLY E 369 -15.31 -5.61 -18.19
C GLY E 369 -13.90 -5.46 -17.66
N GLU E 370 -13.77 -5.26 -16.35
CA GLU E 370 -12.48 -5.06 -15.71
C GLU E 370 -12.24 -6.15 -14.69
N HIS E 371 -10.99 -6.61 -14.60
CA HIS E 371 -10.61 -7.57 -13.58
C HIS E 371 -10.63 -6.93 -12.21
N ARG E 372 -11.15 -7.65 -11.22
CA ARG E 372 -11.20 -7.18 -9.84
C ARG E 372 -10.65 -8.30 -8.95
N PHE E 373 -9.41 -8.12 -8.48
CA PHE E 373 -8.72 -9.15 -7.73
C PHE E 373 -8.90 -9.01 -6.21
N GLU E 374 -9.62 -8.00 -5.76
CA GLU E 374 -9.85 -7.79 -4.33
C GLU E 374 -11.33 -7.61 -4.08
N PRO E 375 -11.80 -7.99 -2.89
CA PRO E 375 -13.23 -7.80 -2.56
C PRO E 375 -13.62 -6.33 -2.66
N GLY E 376 -14.83 -6.10 -3.18
CA GLY E 376 -15.31 -4.75 -3.35
C GLY E 376 -16.72 -4.76 -3.91
N ILE E 377 -17.21 -3.57 -4.24
CA ILE E 377 -18.55 -3.39 -4.78
C ILE E 377 -18.45 -2.68 -6.11
N ILE E 378 -19.11 -3.22 -7.12
CA ILE E 378 -19.24 -2.56 -8.41
C ILE E 378 -20.58 -1.85 -8.44
N MET E 379 -20.56 -0.54 -8.57
CA MET E 379 -21.78 0.25 -8.46
C MET E 379 -22.69 0.03 -9.67
N MET F 9 28.22 54.05 5.27
CA MET F 9 27.01 53.35 4.85
C MET F 9 26.82 52.08 5.68
N ARG F 10 25.57 51.76 6.00
CA ARG F 10 25.26 50.66 6.90
C ARG F 10 24.33 49.67 6.22
N ALA F 11 24.27 48.47 6.79
CA ALA F 11 23.41 47.41 6.29
C ALA F 11 22.48 46.94 7.40
N VAL F 12 21.40 46.26 6.99
CA VAL F 12 20.44 45.65 7.91
C VAL F 12 20.19 44.23 7.42
N ILE F 13 20.46 43.26 8.27
CA ILE F 13 20.27 41.84 7.95
C ILE F 13 19.08 41.33 8.75
N LEU F 14 18.12 40.72 8.05
CA LEU F 14 16.93 40.18 8.69
C LEU F 14 17.28 38.83 9.30
N VAL F 15 17.63 38.83 10.59
CA VAL F 15 18.15 37.65 11.27
C VAL F 15 17.07 36.98 12.12
N GLY F 16 15.84 37.48 12.09
CA GLY F 16 14.75 36.84 12.79
C GLY F 16 14.26 35.60 12.07
N GLY F 17 13.00 35.28 12.30
CA GLY F 17 12.35 34.16 11.64
C GLY F 17 12.60 32.85 12.36
N PHE F 18 11.64 31.95 12.19
CA PHE F 18 11.64 30.69 12.92
C PHE F 18 12.39 29.57 12.21
N GLY F 19 12.84 29.79 10.98
CA GLY F 19 13.55 28.74 10.26
C GLY F 19 12.73 27.48 10.07
N THR F 20 11.48 27.62 9.63
CA THR F 20 10.58 26.48 9.56
C THR F 20 11.06 25.41 8.59
N ARG F 21 11.61 25.81 7.44
CA ARG F 21 12.02 24.81 6.45
C ARG F 21 13.31 24.10 6.87
N LEU F 22 14.23 24.80 7.52
CA LEU F 22 15.39 24.15 8.12
C LEU F 22 15.12 23.79 9.58
N ARG F 23 14.00 23.12 9.84
CA ARG F 23 13.55 22.96 11.22
C ARG F 23 14.45 22.06 12.05
N PRO F 24 14.87 20.87 11.59
CA PRO F 24 15.66 20.00 12.49
C PRO F 24 16.94 20.65 12.98
N LEU F 25 17.50 21.59 12.23
CA LEU F 25 18.70 22.30 12.65
C LEU F 25 18.41 23.62 13.34
N THR F 26 17.28 24.27 13.04
CA THR F 26 16.95 25.55 13.65
C THR F 26 16.20 25.41 14.97
N LEU F 27 15.94 24.19 15.43
CA LEU F 27 15.40 24.01 16.77
C LEU F 27 16.47 24.22 17.84
N THR F 28 17.74 24.29 17.45
CA THR F 28 18.85 24.54 18.36
C THR F 28 19.44 25.93 18.21
N THR F 29 19.77 26.33 16.99
CA THR F 29 20.33 27.64 16.71
C THR F 29 19.47 28.37 15.69
N PRO F 30 19.48 29.70 15.71
CA PRO F 30 18.72 30.45 14.70
C PRO F 30 19.25 30.19 13.30
N LYS F 31 18.38 30.42 12.32
CA LYS F 31 18.76 30.21 10.92
C LYS F 31 20.01 30.96 10.49
N PRO F 32 20.24 32.22 10.87
CA PRO F 32 21.49 32.88 10.47
C PRO F 32 22.73 32.19 10.99
N LEU F 33 22.67 31.55 12.15
CA LEU F 33 23.86 30.95 12.76
C LEU F 33 24.07 29.49 12.37
N VAL F 34 23.22 28.93 11.52
CA VAL F 34 23.41 27.56 11.06
C VAL F 34 24.63 27.53 10.16
N PRO F 35 25.63 26.71 10.48
CA PRO F 35 26.86 26.72 9.67
C PRO F 35 26.62 26.25 8.25
N PHE F 36 26.95 27.11 7.30
CA PHE F 36 27.00 26.76 5.88
C PHE F 36 28.46 26.64 5.48
N CYS F 37 28.83 25.51 4.88
CA CYS F 37 30.23 25.13 4.67
C CYS F 37 30.85 25.06 6.06
N ASN F 38 31.82 25.92 6.40
CA ASN F 38 32.42 25.92 7.73
C ASN F 38 32.22 27.23 8.47
N LYS F 39 31.24 28.02 8.08
CA LYS F 39 30.95 29.30 8.72
C LYS F 39 29.45 29.52 8.76
N PRO F 40 28.97 30.33 9.70
CA PRO F 40 27.56 30.73 9.66
C PRO F 40 27.24 31.55 8.42
N MET F 41 25.98 31.45 7.97
CA MET F 41 25.54 32.15 6.76
C MET F 41 25.72 33.65 6.92
N ILE F 42 25.26 34.18 8.06
CA ILE F 42 25.38 35.60 8.33
C ILE F 42 26.84 36.02 8.35
N ILE F 43 27.75 35.10 8.69
CA ILE F 43 29.17 35.45 8.67
C ILE F 43 29.66 35.64 7.24
N HIS F 44 29.19 34.80 6.32
CA HIS F 44 29.51 35.01 4.91
C HIS F 44 29.00 36.36 4.44
N GLN F 45 27.76 36.70 4.78
CA GLN F 45 27.19 37.97 4.34
C GLN F 45 27.94 39.15 4.96
N ILE F 46 28.31 39.04 6.23
CA ILE F 46 29.04 40.12 6.90
C ILE F 46 30.43 40.27 6.31
N GLU F 47 31.08 39.16 5.95
CA GLU F 47 32.38 39.24 5.30
C GLU F 47 32.28 39.95 3.95
N ALA F 48 31.23 39.63 3.18
CA ALA F 48 31.03 40.34 1.92
C ALA F 48 30.80 41.83 2.15
N LEU F 49 29.97 42.18 3.14
CA LEU F 49 29.70 43.59 3.42
C LEU F 49 30.97 44.32 3.87
N LYS F 50 31.79 43.67 4.69
CA LYS F 50 33.04 44.28 5.11
C LYS F 50 33.99 44.47 3.94
N ALA F 51 34.05 43.48 3.04
CA ALA F 51 34.85 43.65 1.83
C ALA F 51 34.36 44.84 1.02
N VAL F 52 33.05 45.09 1.04
CA VAL F 52 32.52 46.28 0.41
C VAL F 52 33.01 47.53 1.11
N GLY F 53 32.99 47.52 2.44
CA GLY F 53 33.33 48.69 3.24
C GLY F 53 32.30 49.06 4.29
N VAL F 54 31.24 48.27 4.46
CA VAL F 54 30.22 48.58 5.47
C VAL F 54 30.76 48.24 6.85
N THR F 55 30.72 49.22 7.75
CA THR F 55 31.21 49.04 9.11
C THR F 55 30.09 48.80 10.12
N GLU F 56 28.85 49.18 9.78
CA GLU F 56 27.72 49.08 10.70
C GLU F 56 26.69 48.13 10.13
N VAL F 57 26.36 47.10 10.90
CA VAL F 57 25.36 46.11 10.52
C VAL F 57 24.30 46.07 11.61
N ILE F 58 23.03 46.11 11.21
CA ILE F 58 21.90 46.14 12.12
C ILE F 58 21.17 44.80 12.00
N LEU F 59 21.07 44.09 13.11
CA LEU F 59 20.49 42.74 13.13
C LEU F 59 19.10 42.81 13.74
N ALA F 60 18.11 42.30 13.02
CA ALA F 60 16.71 42.30 13.48
C ALA F 60 16.44 40.98 14.17
N VAL F 61 16.68 40.93 15.47
CA VAL F 61 16.65 39.69 16.24
C VAL F 61 15.26 39.53 16.85
N ALA F 62 14.55 38.48 16.43
CA ALA F 62 13.30 38.08 17.04
C ALA F 62 13.35 36.67 17.60
N TYR F 63 13.85 35.71 16.81
CA TYR F 63 14.03 34.34 17.27
C TYR F 63 15.31 34.23 18.08
N ARG F 64 15.22 33.61 19.26
CA ARG F 64 16.32 33.53 20.20
C ARG F 64 16.90 34.92 20.46
N PRO F 65 16.18 35.77 21.20
CA PRO F 65 16.62 37.17 21.32
C PRO F 65 18.04 37.35 21.83
N GLU F 66 18.35 36.81 23.01
CA GLU F 66 19.67 36.97 23.61
C GLU F 66 20.36 35.66 23.92
N ALA F 67 19.64 34.54 23.96
CA ALA F 67 20.26 33.27 24.30
C ALA F 67 21.31 32.86 23.26
N MET F 68 21.02 33.10 21.98
CA MET F 68 21.89 32.62 20.91
C MET F 68 22.53 33.73 20.10
N LYS F 69 21.73 34.66 19.58
CA LYS F 69 22.28 35.63 18.62
C LYS F 69 23.32 36.53 19.27
N GLU F 70 22.98 37.15 20.40
CA GLU F 70 23.91 38.08 21.04
C GLU F 70 25.15 37.36 21.55
N GLN F 71 24.98 36.18 22.13
CA GLN F 71 26.13 35.47 22.70
C GLN F 71 27.04 34.92 21.61
N MET F 72 26.47 34.27 20.59
CA MET F 72 27.29 33.66 19.56
C MET F 72 27.88 34.67 18.58
N ASP F 73 27.34 35.90 18.54
CA ASP F 73 27.91 36.91 17.66
C ASP F 73 29.06 37.62 18.34
N GLU F 74 30.03 36.85 18.84
CA GLU F 74 31.31 37.37 19.25
C GLU F 74 32.21 37.66 18.06
N TRP F 75 31.75 37.34 16.85
CA TRP F 75 32.48 37.68 15.63
C TRP F 75 32.67 39.17 15.48
N SER F 76 31.89 39.98 16.20
CA SER F 76 32.13 41.42 16.22
C SER F 76 33.53 41.76 16.71
N ARG F 77 34.09 40.92 17.58
CA ARG F 77 35.48 41.10 17.98
C ARG F 77 36.41 40.94 16.78
N LYS F 78 36.12 39.96 15.92
CA LYS F 78 36.85 39.78 14.67
C LYS F 78 36.18 40.63 13.58
N LEU F 79 36.69 40.48 12.35
CA LEU F 79 36.06 41.03 11.16
C LEU F 79 36.04 42.56 11.15
N GLY F 80 36.50 43.19 12.22
CA GLY F 80 36.50 44.64 12.30
C GLY F 80 35.15 45.29 12.09
N VAL F 81 34.07 44.63 12.52
CA VAL F 81 32.72 45.11 12.29
C VAL F 81 31.96 45.08 13.61
N SER F 82 30.93 45.93 13.71
CA SER F 82 30.13 46.07 14.90
C SER F 82 28.65 45.91 14.56
N PHE F 83 27.90 45.29 15.45
CA PHE F 83 26.47 45.06 15.28
C PHE F 83 25.70 45.85 16.33
N VAL F 84 24.60 46.47 15.91
CA VAL F 84 23.84 47.33 16.81
C VAL F 84 23.05 46.48 17.81
N PHE F 85 22.37 45.45 17.33
CA PHE F 85 21.59 44.54 18.17
C PHE F 85 20.48 45.28 18.92
N SER F 86 19.95 46.35 18.31
CA SER F 86 18.91 47.17 18.92
C SER F 86 17.57 47.02 18.20
N VAL F 87 17.31 45.86 17.62
CA VAL F 87 16.04 45.60 16.96
C VAL F 87 15.41 44.39 17.63
N GLU F 88 15.64 44.24 18.93
CA GLU F 88 14.99 43.20 19.70
C GLU F 88 13.48 43.43 19.67
N GLU F 89 12.73 42.38 19.39
CA GLU F 89 11.31 42.58 19.09
C GLU F 89 10.56 41.26 19.21
N GLU F 90 9.23 41.38 19.17
CA GLU F 90 8.35 40.26 18.89
C GLU F 90 8.29 40.05 17.38
N PRO F 91 7.66 38.96 16.91
CA PRO F 91 7.59 38.74 15.45
C PRO F 91 6.84 39.86 14.73
N LEU F 92 7.56 40.64 13.92
CA LEU F 92 6.99 41.77 13.21
C LEU F 92 7.03 41.59 11.70
N GLY F 93 7.12 40.35 11.23
CA GLY F 93 7.16 40.10 9.80
C GLY F 93 8.50 40.50 9.19
N THR F 94 8.51 40.47 7.86
CA THR F 94 9.74 40.77 7.12
C THR F 94 10.04 42.26 7.06
N ALA F 95 9.01 43.10 7.01
CA ALA F 95 9.19 44.54 6.81
C ALA F 95 9.12 45.36 8.10
N GLY F 96 8.49 44.82 9.15
CA GLY F 96 8.36 45.52 10.42
C GLY F 96 9.66 45.92 11.09
N PRO F 97 10.70 45.09 11.07
CA PRO F 97 11.96 45.49 11.71
C PRO F 97 12.54 46.80 11.18
N LEU F 98 12.35 47.11 9.90
CA LEU F 98 12.80 48.39 9.39
C LEU F 98 12.04 49.53 10.04
N ALA F 99 10.73 49.37 10.23
CA ALA F 99 9.95 50.38 10.94
C ALA F 99 10.42 50.52 12.38
N LEU F 100 10.77 49.41 13.02
CA LEU F 100 11.26 49.49 14.39
C LEU F 100 12.62 50.19 14.46
N ALA F 101 13.49 49.94 13.49
CA ALA F 101 14.86 50.44 13.49
C ALA F 101 15.01 51.75 12.75
N ARG F 102 13.91 52.37 12.32
CA ARG F 102 13.99 53.70 11.71
C ARG F 102 14.74 54.69 12.60
N ASP F 103 14.60 54.54 13.93
CA ASP F 103 15.26 55.47 14.84
C ASP F 103 16.77 55.28 14.82
N ILE F 104 17.24 54.03 14.90
CA ILE F 104 18.68 53.80 14.93
C ILE F 104 19.29 54.04 13.56
N LEU F 105 18.51 53.91 12.49
CA LEU F 105 19.01 54.24 11.16
C LEU F 105 19.24 55.74 10.99
N MET F 106 18.65 56.56 11.86
CA MET F 106 18.84 58.01 11.95
C MET F 106 18.28 58.76 10.75
N GLN F 107 17.71 58.07 9.77
CA GLN F 107 17.16 58.71 8.57
C GLN F 107 18.19 59.61 7.89
N ASP F 108 19.43 59.14 7.82
CA ASP F 108 20.51 59.89 7.18
C ASP F 108 20.32 59.89 5.66
N ASP F 109 21.07 60.78 5.00
CA ASP F 109 20.98 60.90 3.55
C ASP F 109 21.49 59.64 2.85
N LYS F 110 22.54 59.02 3.39
CA LYS F 110 23.14 57.86 2.75
C LYS F 110 22.15 56.70 2.72
N PRO F 111 22.05 55.99 1.61
CA PRO F 111 21.19 54.80 1.56
C PRO F 111 21.73 53.69 2.47
N PHE F 112 20.95 52.63 2.60
CA PHE F 112 21.32 51.51 3.46
C PHE F 112 21.01 50.19 2.77
N PHE F 113 21.79 49.18 3.09
CA PHE F 113 21.61 47.84 2.53
C PHE F 113 20.59 47.05 3.34
N VAL F 114 19.97 46.07 2.69
CA VAL F 114 19.07 45.13 3.34
C VAL F 114 19.38 43.75 2.80
N LEU F 115 19.49 42.77 3.69
CA LEU F 115 19.84 41.42 3.28
C LEU F 115 19.01 40.39 4.04
N ASN F 116 18.77 39.26 3.38
CA ASN F 116 18.26 38.07 4.04
C ASN F 116 19.42 37.17 4.41
N SER F 117 19.29 36.49 5.55
CA SER F 117 20.34 35.63 6.07
C SER F 117 20.31 34.23 5.48
N ASP F 118 19.65 34.04 4.34
CA ASP F 118 19.50 32.73 3.74
C ASP F 118 20.02 32.65 2.31
N VAL F 119 20.57 33.73 1.76
CA VAL F 119 20.99 33.77 0.36
C VAL F 119 22.51 33.66 0.29
N THR F 120 22.99 32.82 -0.64
CA THR F 120 24.40 32.70 -0.93
C THR F 120 24.62 32.96 -2.41
N CYS F 121 25.69 33.68 -2.72
CA CYS F 121 26.01 34.06 -4.10
C CYS F 121 27.44 34.60 -4.10
N THR F 122 27.87 35.09 -5.27
CA THR F 122 29.13 35.81 -5.37
C THR F 122 29.07 37.17 -4.68
N PHE F 123 27.88 37.61 -4.28
CA PHE F 123 27.67 38.91 -3.65
C PHE F 123 28.25 40.05 -4.48
N PRO F 124 27.75 40.26 -5.71
CA PRO F 124 28.17 41.46 -6.44
C PRO F 124 27.50 42.68 -5.86
N MET F 125 28.26 43.47 -5.10
CA MET F 125 27.73 44.63 -4.42
C MET F 125 28.14 45.93 -5.09
N GLN F 126 28.60 45.87 -6.34
CA GLN F 126 28.80 47.07 -7.14
C GLN F 126 27.49 47.76 -7.50
N GLU F 127 26.36 47.25 -7.01
CA GLU F 127 25.09 47.96 -7.08
C GLU F 127 25.09 49.20 -6.21
N LEU F 128 26.09 49.37 -5.34
CA LEU F 128 26.24 50.62 -4.61
C LEU F 128 26.58 51.75 -5.56
N LEU F 129 27.72 51.65 -6.25
CA LEU F 129 28.12 52.70 -7.19
C LEU F 129 27.22 52.72 -8.41
N ASP F 130 26.76 51.57 -8.86
CA ASP F 130 25.85 51.49 -10.00
C ASP F 130 24.41 51.72 -9.56
N PHE F 131 23.54 51.89 -10.55
CA PHE F 131 22.10 52.00 -10.38
C PHE F 131 21.68 53.19 -9.51
N HIS F 132 22.54 54.19 -9.34
CA HIS F 132 22.15 55.41 -8.66
C HIS F 132 21.31 56.33 -9.53
N LYS F 133 20.96 55.91 -10.74
CA LYS F 133 20.25 56.78 -11.68
C LYS F 133 18.78 56.94 -11.31
N ALA F 134 18.51 57.80 -10.31
CA ALA F 134 17.16 58.21 -9.95
C ALA F 134 16.28 57.01 -9.61
N HIS F 135 16.66 56.30 -8.55
CA HIS F 135 15.90 55.17 -8.05
C HIS F 135 15.54 55.38 -6.59
N GLY F 136 14.29 55.05 -6.23
CA GLY F 136 13.96 54.95 -4.82
C GLY F 136 14.74 53.84 -4.14
N GLY F 137 14.89 52.71 -4.83
CA GLY F 137 15.83 51.67 -4.45
C GLY F 137 16.78 51.41 -5.61
N GLU F 138 18.08 51.60 -5.38
CA GLU F 138 19.06 51.60 -6.45
C GLU F 138 19.26 50.17 -6.96
N GLY F 139 18.33 49.75 -7.81
CA GLY F 139 18.28 48.35 -8.19
C GLY F 139 17.99 47.45 -7.01
N THR F 140 17.04 47.86 -6.16
CA THR F 140 16.86 47.20 -4.87
C THR F 140 16.39 45.76 -5.03
N ILE F 141 15.44 45.50 -5.93
CA ILE F 141 14.88 44.15 -6.06
C ILE F 141 15.84 43.39 -6.97
N MET F 142 16.92 42.90 -6.38
CA MET F 142 17.91 42.14 -7.10
C MET F 142 17.34 40.78 -7.47
N VAL F 143 17.56 40.38 -8.73
CA VAL F 143 16.88 39.22 -9.28
C VAL F 143 17.90 38.25 -9.87
N SER F 144 17.55 36.98 -9.87
CA SER F 144 18.40 35.90 -10.35
C SER F 144 17.62 35.02 -11.32
N GLN F 145 18.33 34.44 -12.29
CA GLN F 145 17.69 33.62 -13.31
C GLN F 145 17.59 32.18 -12.81
N VAL F 146 16.36 31.67 -12.71
CA VAL F 146 16.11 30.30 -12.30
C VAL F 146 15.11 29.68 -13.27
N THR F 147 15.48 28.55 -13.86
CA THR F 147 14.59 27.86 -14.80
C THR F 147 13.43 27.16 -14.10
N GLN F 148 13.50 27.00 -12.79
CA GLN F 148 12.46 26.36 -12.00
C GLN F 148 11.57 27.39 -11.30
N TRP F 149 11.28 28.51 -11.97
CA TRP F 149 10.57 29.60 -11.32
C TRP F 149 9.12 29.25 -11.00
N GLU F 150 8.61 28.13 -11.52
CA GLU F 150 7.26 27.70 -11.15
C GLU F 150 7.18 27.39 -9.65
N LYS F 151 8.09 26.57 -9.15
CA LYS F 151 8.03 26.16 -7.75
C LYS F 151 8.51 27.26 -6.82
N TYR F 152 9.48 28.07 -7.27
CA TYR F 152 9.93 29.20 -6.46
C TYR F 152 8.79 30.19 -6.24
N GLY F 153 8.02 30.47 -7.29
CA GLY F 153 6.75 31.16 -7.15
C GLY F 153 6.81 32.65 -6.89
N VAL F 154 7.97 33.27 -7.02
CA VAL F 154 8.11 34.72 -6.89
C VAL F 154 8.84 35.21 -8.13
N VAL F 155 8.07 35.58 -9.16
CA VAL F 155 8.63 36.01 -10.44
C VAL F 155 8.55 37.52 -10.52
N VAL F 156 9.67 38.16 -10.89
CA VAL F 156 9.75 39.60 -11.03
C VAL F 156 9.81 39.95 -12.51
N TYR F 157 8.86 40.77 -12.96
CA TYR F 157 8.79 41.17 -14.36
C TYR F 157 9.67 42.39 -14.56
N SER F 158 10.92 42.15 -14.99
CA SER F 158 11.89 43.22 -15.16
C SER F 158 12.07 43.51 -16.64
N PRO F 159 11.61 44.66 -17.14
CA PRO F 159 11.83 45.03 -18.53
C PRO F 159 13.18 45.70 -18.71
N GLN F 160 13.44 46.17 -19.93
CA GLN F 160 14.69 46.86 -20.20
C GLN F 160 14.77 48.18 -19.46
N ASN F 161 13.63 48.77 -19.11
CA ASN F 161 13.62 49.98 -18.28
C ASN F 161 13.81 49.66 -16.80
N TYR F 162 13.76 48.38 -16.43
CA TYR F 162 13.94 47.89 -15.06
C TYR F 162 12.83 48.34 -14.12
N GLN F 163 11.71 48.83 -14.65
CA GLN F 163 10.60 49.25 -13.81
C GLN F 163 9.69 48.04 -13.53
N ILE F 164 9.59 47.67 -12.26
CA ILE F 164 8.85 46.47 -11.87
C ILE F 164 7.36 46.71 -12.11
N GLU F 165 6.79 45.98 -13.08
CA GLU F 165 5.37 46.13 -13.37
C GLU F 165 4.50 45.51 -12.27
N ARG F 166 4.86 44.29 -11.84
CA ARG F 166 4.03 43.57 -10.88
C ARG F 166 4.83 42.38 -10.35
N PHE F 167 4.30 41.78 -9.29
CA PHE F 167 4.79 40.53 -8.74
C PHE F 167 3.73 39.45 -8.94
N VAL F 168 4.13 38.32 -9.51
CA VAL F 168 3.22 37.24 -9.84
C VAL F 168 3.65 35.98 -9.09
N GLU F 169 2.69 35.33 -8.45
CA GLU F 169 2.93 34.10 -7.71
C GLU F 169 2.41 32.92 -8.53
N LYS F 170 3.31 32.00 -8.88
CA LYS F 170 2.99 30.86 -9.72
C LYS F 170 2.29 31.28 -11.02
N PRO F 171 2.95 32.07 -11.87
CA PRO F 171 2.30 32.51 -13.11
C PRO F 171 2.25 31.39 -14.14
N SER F 172 1.09 31.28 -14.81
CA SER F 172 0.93 30.27 -15.84
C SER F 172 1.68 30.63 -17.11
N ARG F 173 1.64 31.90 -17.50
CA ARG F 173 2.28 32.35 -18.73
C ARG F 173 3.73 32.71 -18.45
N PHE F 174 4.57 32.57 -19.50
CA PHE F 174 5.99 32.86 -19.37
C PHE F 174 6.22 34.37 -19.32
N LEU F 175 5.88 34.98 -18.19
CA LEU F 175 6.14 36.41 -18.03
C LEU F 175 7.63 36.70 -17.90
N GLY F 176 8.35 35.85 -17.19
CA GLY F 176 9.79 36.02 -17.03
C GLY F 176 10.36 34.89 -16.21
N ASP F 177 11.69 34.85 -16.17
CA ASP F 177 12.41 33.84 -15.40
C ASP F 177 13.09 34.38 -14.16
N ARG F 178 13.25 35.69 -14.05
CA ARG F 178 13.92 36.28 -12.90
C ARG F 178 13.08 36.12 -11.63
N ILE F 179 13.76 35.84 -10.51
CA ILE F 179 13.10 35.73 -9.22
C ILE F 179 13.87 36.59 -8.23
N ASN F 180 13.19 36.94 -7.13
CA ASN F 180 13.80 37.77 -6.10
C ASN F 180 15.00 37.07 -5.48
N ALA F 181 16.06 37.82 -5.21
CA ALA F 181 17.31 37.27 -4.71
C ALA F 181 17.59 37.65 -3.26
N GLY F 182 16.72 38.45 -2.63
CA GLY F 182 16.85 38.71 -1.22
C GLY F 182 17.90 39.73 -0.81
N ILE F 183 18.49 40.45 -1.76
CA ILE F 183 19.44 41.51 -1.47
C ILE F 183 18.87 42.81 -2.01
N TYR F 184 18.87 43.85 -1.17
CA TYR F 184 18.17 45.08 -1.47
C TYR F 184 19.03 46.27 -1.05
N ILE F 185 18.80 47.41 -1.68
CA ILE F 185 19.41 48.67 -1.25
C ILE F 185 18.35 49.76 -1.32
N PHE F 186 18.15 50.46 -0.20
CA PHE F 186 17.04 51.39 -0.07
C PHE F 186 17.55 52.78 0.29
N ASN F 187 16.92 53.80 -0.29
CA ASN F 187 17.02 55.13 0.26
C ASN F 187 16.19 55.21 1.52
N LYS F 188 16.67 55.97 2.52
CA LYS F 188 16.04 55.94 3.83
C LYS F 188 14.62 56.49 3.84
N SER F 189 14.20 57.17 2.77
CA SER F 189 12.83 57.65 2.69
C SER F 189 11.82 56.51 2.77
N ILE F 190 12.21 55.29 2.40
CA ILE F 190 11.32 54.14 2.50
C ILE F 190 10.85 53.92 3.93
N LEU F 191 11.61 54.41 4.92
CA LEU F 191 11.18 54.27 6.31
C LEU F 191 9.85 54.94 6.56
N ASP F 192 9.50 55.95 5.74
CA ASP F 192 8.19 56.57 5.88
C ASP F 192 7.08 55.65 5.40
N ARG F 193 7.35 54.86 4.36
CA ARG F 193 6.32 54.00 3.79
C ARG F 193 6.00 52.83 4.71
N ILE F 194 7.00 52.30 5.40
CA ILE F 194 6.79 51.10 6.21
C ILE F 194 6.06 51.46 7.49
N PRO F 195 4.92 50.84 7.78
CA PRO F 195 4.18 51.16 9.00
C PRO F 195 4.75 50.42 10.20
N PRO F 196 4.58 50.97 11.41
CA PRO F 196 5.09 50.30 12.62
C PRO F 196 4.17 49.17 13.10
N ARG F 197 4.18 48.08 12.34
CA ARG F 197 3.36 46.91 12.63
C ARG F 197 3.92 45.74 11.87
N ARG F 198 3.30 44.58 12.05
CA ARG F 198 3.72 43.38 11.32
C ARG F 198 3.36 43.53 9.84
N ALA F 199 4.37 43.40 8.98
CA ALA F 199 4.16 43.54 7.55
C ALA F 199 5.19 42.70 6.81
N SER F 200 5.01 42.47 5.52
CA SER F 200 6.00 41.77 4.73
C SER F 200 6.55 42.60 3.59
N ILE F 201 7.86 42.76 3.48
CA ILE F 201 8.47 43.54 2.40
C ILE F 201 8.13 42.88 1.10
N GLU F 202 8.12 41.57 1.01
CA GLU F 202 7.70 40.90 -0.22
C GLU F 202 6.25 41.04 -0.65
N LYS F 203 5.29 41.03 0.27
CA LYS F 203 3.84 41.06 -0.10
C LYS F 203 3.06 42.33 0.25
N GLU F 204 3.67 43.30 0.91
CA GLU F 204 3.01 44.56 1.22
C GLU F 204 3.74 45.77 0.65
N ILE F 205 5.02 45.96 1.01
CA ILE F 205 5.74 47.15 0.58
C ILE F 205 6.10 47.07 -0.90
N PHE F 206 6.58 45.91 -1.35
CA PHE F 206 7.07 45.79 -2.72
C PHE F 206 6.00 45.96 -3.78
N PRO F 207 4.79 45.38 -3.66
CA PRO F 207 3.75 45.71 -4.66
C PRO F 207 3.46 47.20 -4.73
N ALA F 208 3.43 47.89 -3.59
CA ALA F 208 3.19 49.32 -3.59
C ALA F 208 4.31 50.07 -4.31
N MET F 209 5.56 49.69 -4.04
CA MET F 209 6.69 50.33 -4.71
C MET F 209 6.66 50.08 -6.21
N ALA F 210 6.29 48.86 -6.62
CA ALA F 210 6.19 48.56 -8.04
C ALA F 210 5.08 49.37 -8.69
N ALA F 211 3.94 49.53 -8.01
CA ALA F 211 2.86 50.34 -8.54
C ALA F 211 3.29 51.80 -8.68
N GLU F 212 4.02 52.33 -7.69
CA GLU F 212 4.49 53.71 -7.76
C GLU F 212 5.63 53.90 -8.73
N GLY F 213 6.22 52.82 -9.24
CA GLY F 213 7.32 52.94 -10.18
C GLY F 213 8.65 53.32 -9.59
N GLN F 214 8.83 53.14 -8.28
CA GLN F 214 10.09 53.42 -7.61
C GLN F 214 10.90 52.17 -7.34
N LEU F 215 10.50 51.03 -7.89
CA LEU F 215 11.16 49.75 -7.67
C LEU F 215 11.91 49.35 -8.93
N TYR F 216 13.22 49.11 -8.80
CA TYR F 216 14.07 48.80 -9.93
C TYR F 216 14.81 47.50 -9.70
N ALA F 217 14.88 46.66 -10.74
CA ALA F 217 15.49 45.35 -10.64
C ALA F 217 16.98 45.41 -10.97
N PHE F 218 17.75 44.53 -10.33
CA PHE F 218 19.17 44.38 -10.57
C PHE F 218 19.44 42.94 -10.98
N ASN F 219 20.06 42.77 -12.14
CA ASN F 219 20.33 41.43 -12.67
C ASN F 219 21.57 40.83 -12.00
N LEU F 220 21.48 39.54 -11.68
CA LEU F 220 22.56 38.81 -11.02
C LEU F 220 23.22 37.89 -12.04
N GLU F 221 24.48 38.18 -12.38
CA GLU F 221 25.18 37.37 -13.37
C GLU F 221 25.67 36.06 -12.78
N GLY F 222 26.13 36.07 -11.53
CA GLY F 222 26.73 34.90 -10.92
C GLY F 222 25.69 33.93 -10.37
N PHE F 223 26.20 32.89 -9.73
CA PHE F 223 25.33 31.89 -9.11
C PHE F 223 24.61 32.47 -7.91
N TRP F 224 23.49 31.86 -7.56
CA TRP F 224 22.68 32.29 -6.42
C TRP F 224 21.87 31.12 -5.91
N MET F 225 21.70 31.05 -4.59
CA MET F 225 20.89 30.01 -4.00
C MET F 225 20.35 30.46 -2.65
N ASP F 226 19.05 30.27 -2.45
CA ASP F 226 18.43 30.52 -1.15
C ASP F 226 18.53 29.25 -0.33
N VAL F 227 19.57 29.17 0.50
CA VAL F 227 19.86 27.98 1.29
C VAL F 227 19.05 28.08 2.58
N GLY F 228 17.78 27.71 2.49
CA GLY F 228 16.89 27.75 3.64
C GLY F 228 16.08 26.47 3.71
N GLN F 229 16.38 25.54 2.81
CA GLN F 229 15.83 24.19 2.81
C GLN F 229 16.99 23.23 2.69
N PRO F 230 16.88 22.02 3.26
CA PRO F 230 18.00 21.08 3.19
C PRO F 230 18.43 20.74 1.77
N LYS F 231 17.47 20.57 0.84
CA LYS F 231 17.82 20.32 -0.55
C LYS F 231 18.53 21.53 -1.15
N ASP F 232 17.98 22.72 -0.93
CA ASP F 232 18.64 23.94 -1.36
C ASP F 232 19.96 24.14 -0.63
N TYR F 233 20.04 23.70 0.63
CA TYR F 233 21.31 23.76 1.36
C TYR F 233 22.38 22.94 0.65
N ILE F 234 22.05 21.70 0.29
CA ILE F 234 23.03 20.82 -0.37
C ILE F 234 23.42 21.38 -1.72
N LEU F 235 22.43 21.81 -2.51
CA LEU F 235 22.73 22.32 -3.85
C LEU F 235 23.52 23.62 -3.79
N GLY F 236 23.22 24.49 -2.83
CA GLY F 236 24.02 25.69 -2.64
C GLY F 236 25.43 25.40 -2.19
N MET F 237 25.62 24.38 -1.36
CA MET F 237 26.96 23.96 -1.01
C MET F 237 27.73 23.50 -2.26
N THR F 238 27.06 22.73 -3.11
CA THR F 238 27.67 22.28 -4.36
C THR F 238 28.06 23.47 -5.24
N LYS F 239 27.20 24.47 -5.33
CA LYS F 239 27.50 25.63 -6.14
C LYS F 239 28.57 26.52 -5.52
N PHE F 240 28.66 26.54 -4.19
CA PHE F 240 29.47 27.53 -3.49
C PHE F 240 30.90 27.07 -3.22
N ILE F 241 31.10 25.81 -2.84
CA ILE F 241 32.43 25.35 -2.43
C ILE F 241 33.49 25.59 -3.50
N PRO F 242 33.24 25.35 -4.79
CA PRO F 242 34.27 25.63 -5.80
C PRO F 242 34.75 27.07 -5.80
N SER F 243 33.88 28.03 -5.47
CA SER F 243 34.31 29.41 -5.38
C SER F 243 35.23 29.63 -4.19
N LEU F 244 34.98 28.92 -3.09
CA LEU F 244 35.67 29.17 -1.83
C LEU F 244 36.90 28.30 -1.62
N VAL F 245 37.17 27.33 -2.50
CA VAL F 245 38.32 26.45 -2.29
C VAL F 245 39.62 27.25 -2.27
N HIS F 246 39.79 28.20 -3.20
CA HIS F 246 41.02 28.98 -3.22
C HIS F 246 41.00 30.12 -2.22
N GLY F 247 39.80 30.51 -1.74
CA GLY F 247 39.71 31.57 -0.76
C GLY F 247 40.29 31.18 0.59
N ASN F 248 40.06 29.95 1.02
CA ASN F 248 40.43 29.50 2.35
C ASN F 248 41.50 28.42 2.27
N ARG F 249 41.99 28.02 3.44
CA ARG F 249 43.01 26.98 3.58
C ARG F 249 42.41 25.60 3.84
N GLU F 250 41.15 25.38 3.45
CA GLU F 250 40.49 24.11 3.70
C GLU F 250 40.13 23.42 2.40
N THR F 256 46.65 18.35 -6.36
CA THR F 256 45.91 17.69 -7.43
C THR F 256 44.42 17.99 -7.33
N GLU F 257 43.60 16.95 -7.49
CA GLU F 257 42.16 17.06 -7.32
C GLU F 257 41.83 17.01 -5.83
N ALA F 258 42.17 18.09 -5.14
CA ALA F 258 42.12 18.08 -3.69
C ALA F 258 41.94 19.51 -3.16
N VAL F 259 41.51 19.58 -1.90
CA VAL F 259 41.48 20.80 -1.13
C VAL F 259 42.23 20.65 0.19
N GLU F 260 41.98 19.55 0.91
CA GLU F 260 42.69 19.20 2.13
C GLU F 260 42.90 17.69 2.08
N HIS F 261 44.03 17.27 1.51
CA HIS F 261 44.25 15.87 1.16
C HIS F 261 45.21 15.13 2.08
N GLN F 262 45.76 15.78 3.10
CA GLN F 262 46.72 15.14 4.00
C GLN F 262 46.46 15.52 5.45
N ARG F 263 45.21 15.82 5.80
CA ARG F 263 44.90 16.24 7.16
C ARG F 263 45.09 15.09 8.15
N GLY F 264 44.50 13.93 7.88
CA GLY F 264 44.64 12.80 8.77
C GLY F 264 44.99 11.51 8.06
N GLY F 265 46.17 10.96 8.34
CA GLY F 265 46.57 9.70 7.74
C GLY F 265 46.60 9.80 6.23
N ARG F 266 45.87 8.90 5.57
CA ARG F 266 45.76 8.88 4.12
C ARG F 266 44.29 8.73 3.74
N PHE F 267 43.77 9.71 3.02
CA PHE F 267 42.39 9.66 2.56
C PHE F 267 42.30 10.34 1.20
N THR F 268 41.23 10.04 0.47
CA THR F 268 41.07 10.47 -0.91
C THR F 268 39.98 11.52 -1.02
N VAL F 269 40.22 12.52 -1.87
CA VAL F 269 39.26 13.59 -2.15
C VAL F 269 38.95 13.56 -3.64
N ILE F 270 37.67 13.59 -3.99
CA ILE F 270 37.26 13.42 -5.38
C ILE F 270 36.89 14.78 -5.98
N GLY F 271 37.27 15.86 -5.31
CA GLY F 271 37.02 17.18 -5.85
C GLY F 271 37.13 18.25 -4.79
N ALA F 272 36.27 19.25 -4.93
CA ALA F 272 36.23 20.34 -3.95
C ALA F 272 35.60 19.87 -2.65
N SER F 273 36.14 20.36 -1.55
CA SER F 273 35.61 20.06 -0.22
C SER F 273 36.10 21.14 0.74
N LEU F 274 35.70 21.01 2.00
CA LEU F 274 36.11 21.96 3.05
C LEU F 274 36.29 21.16 4.33
N ILE F 275 37.54 20.87 4.68
CA ILE F 275 37.88 20.10 5.88
C ILE F 275 38.60 21.04 6.84
N ASP F 276 38.05 21.18 8.05
CA ASP F 276 38.65 22.06 9.04
C ASP F 276 40.00 21.52 9.48
N PRO F 277 40.96 22.40 9.78
CA PRO F 277 42.28 21.91 10.24
C PRO F 277 42.21 21.04 11.48
N SER F 278 41.26 21.28 12.37
CA SER F 278 41.16 20.51 13.60
C SER F 278 40.42 19.18 13.43
N ALA F 279 39.78 18.97 12.29
CA ALA F 279 39.08 17.71 12.04
C ALA F 279 40.07 16.59 11.80
N LYS F 280 39.74 15.40 12.29
CA LYS F 280 40.57 14.22 12.11
C LYS F 280 39.89 13.28 11.12
N ILE F 281 40.62 12.88 10.07
CA ILE F 281 40.10 12.00 9.04
C ILE F 281 40.87 10.68 9.10
N GLY F 282 40.13 9.58 9.04
CA GLY F 282 40.71 8.25 9.17
C GLY F 282 41.45 7.82 7.92
N ASP F 283 42.05 6.64 8.01
CA ASP F 283 42.87 6.09 6.94
C ASP F 283 41.99 5.48 5.87
N GLY F 284 42.17 5.93 4.63
CA GLY F 284 41.40 5.39 3.52
C GLY F 284 39.99 5.91 3.41
N ALA F 285 39.71 7.06 4.02
CA ALA F 285 38.43 7.71 3.88
C ALA F 285 38.34 8.38 2.52
N VAL F 286 37.11 8.65 2.07
CA VAL F 286 36.87 9.24 0.76
C VAL F 286 35.98 10.46 0.99
N ILE F 287 36.59 11.64 1.12
CA ILE F 287 35.87 12.89 1.28
C ILE F 287 35.47 13.35 -0.12
N GLY F 288 34.21 13.14 -0.48
CA GLY F 288 33.77 13.33 -1.84
C GLY F 288 33.67 14.78 -2.28
N PRO F 289 33.08 15.00 -3.45
CA PRO F 289 33.01 16.37 -3.99
C PRO F 289 31.97 17.20 -3.25
N TYR F 290 32.35 18.43 -2.91
CA TYR F 290 31.46 19.38 -2.24
C TYR F 290 30.96 18.82 -0.91
N ALA F 291 31.91 18.55 -0.03
CA ALA F 291 31.62 18.06 1.32
C ALA F 291 32.28 18.97 2.33
N SER F 292 31.60 19.22 3.45
CA SER F 292 32.08 20.10 4.50
C SER F 292 32.24 19.32 5.79
N ILE F 293 33.42 19.42 6.40
CA ILE F 293 33.73 18.77 7.67
C ILE F 293 34.02 19.86 8.69
N GLY F 294 33.27 19.85 9.79
CA GLY F 294 33.39 20.88 10.79
C GLY F 294 34.61 20.71 11.67
N ALA F 295 34.79 21.67 12.58
CA ALA F 295 35.92 21.66 13.49
C ALA F 295 35.75 20.58 14.55
N ASN F 296 36.89 19.98 14.93
CA ASN F 296 36.96 18.96 15.98
C ASN F 296 36.17 17.71 15.62
N CYS F 297 35.68 17.64 14.38
CA CYS F 297 34.98 16.45 13.92
C CYS F 297 35.94 15.29 13.75
N VAL F 298 35.43 14.08 13.96
CA VAL F 298 36.21 12.85 13.81
C VAL F 298 35.52 12.00 12.74
N ILE F 299 36.31 11.55 11.76
CA ILE F 299 35.81 10.74 10.66
C ILE F 299 36.52 9.39 10.71
N GLY F 300 35.75 8.31 10.60
CA GLY F 300 36.29 6.98 10.72
C GLY F 300 37.21 6.61 9.58
N GLU F 301 37.56 5.33 9.52
CA GLU F 301 38.58 4.88 8.59
C GLU F 301 38.13 4.97 7.14
N SER F 302 37.08 4.23 6.77
CA SER F 302 36.69 4.09 5.38
C SER F 302 35.33 4.74 5.12
N CYS F 303 35.15 5.93 5.67
CA CYS F 303 33.91 6.67 5.46
C CYS F 303 33.84 7.22 4.04
N ARG F 304 32.63 7.59 3.63
CA ARG F 304 32.38 8.20 2.32
C ARG F 304 31.48 9.40 2.52
N ILE F 305 32.07 10.59 2.48
CA ILE F 305 31.34 11.84 2.64
C ILE F 305 31.12 12.36 1.23
N ASP F 306 30.00 11.96 0.62
CA ASP F 306 29.77 12.21 -0.80
C ASP F 306 29.42 13.67 -1.04
N ASN F 307 28.30 14.12 -0.48
CA ASN F 307 27.87 15.50 -0.61
C ASN F 307 27.32 16.02 0.71
N ALA F 308 27.86 15.51 1.82
CA ALA F 308 27.30 15.76 3.13
C ALA F 308 28.03 16.92 3.82
N ALA F 309 27.34 17.51 4.80
CA ALA F 309 27.92 18.52 5.67
C ALA F 309 27.99 17.95 7.08
N ILE F 310 29.18 17.95 7.66
CA ILE F 310 29.40 17.45 9.01
C ILE F 310 29.71 18.65 9.88
N LEU F 311 28.87 18.88 10.89
CA LEU F 311 28.90 20.12 11.67
C LEU F 311 29.52 19.86 13.04
N GLU F 312 30.48 20.72 13.41
CA GLU F 312 31.10 20.75 14.73
C GLU F 312 31.53 19.37 15.24
N ASN F 313 31.37 19.13 16.54
CA ASN F 313 31.93 17.96 17.21
C ASN F 313 31.09 16.71 16.92
N SER F 314 31.05 16.35 15.64
CA SER F 314 30.35 15.16 15.19
C SER F 314 31.34 14.03 14.95
N LYS F 315 30.95 12.82 15.33
CA LYS F 315 31.80 11.64 15.18
C LYS F 315 31.11 10.64 14.25
N VAL F 316 31.85 10.15 13.26
CA VAL F 316 31.35 9.23 12.26
C VAL F 316 32.21 7.97 12.29
N GLY F 317 31.56 6.81 12.39
CA GLY F 317 32.28 5.56 12.52
C GLY F 317 32.80 5.02 11.20
N LYS F 318 33.63 3.99 11.29
CA LYS F 318 34.29 3.44 10.11
C LYS F 318 33.31 2.73 9.20
N GLY F 319 33.36 3.05 7.92
CA GLY F 319 32.49 2.45 6.93
C GLY F 319 31.19 3.19 6.66
N THR F 320 30.91 4.24 7.41
CA THR F 320 29.68 5.00 7.22
C THR F 320 29.71 5.75 5.89
N MET F 321 28.54 5.85 5.26
CA MET F 321 28.39 6.63 4.03
C MET F 321 27.23 7.60 4.20
N VAL F 322 27.54 8.88 4.34
CA VAL F 322 26.54 9.93 4.41
C VAL F 322 26.65 10.76 3.13
N SER F 323 25.57 10.82 2.37
CA SER F 323 25.57 11.46 1.05
C SER F 323 24.39 12.42 0.94
N ARG F 324 24.69 13.65 0.52
CA ARG F 324 23.66 14.68 0.29
C ARG F 324 22.82 14.92 1.54
N SER F 325 23.44 14.72 2.71
CA SER F 325 22.73 14.79 3.98
C SER F 325 23.48 15.72 4.93
N ILE F 326 22.75 16.25 5.90
CA ILE F 326 23.31 17.14 6.92
C ILE F 326 23.21 16.44 8.26
N VAL F 327 24.29 16.53 9.04
CA VAL F 327 24.31 16.00 10.41
C VAL F 327 24.54 17.16 11.36
N GLY F 328 23.95 17.07 12.55
CA GLY F 328 23.98 18.15 13.50
C GLY F 328 25.34 18.42 14.10
N TRP F 329 25.31 19.16 15.21
CA TRP F 329 26.55 19.69 15.78
C TRP F 329 27.30 18.64 16.58
N ASN F 330 26.58 17.86 17.39
CA ASN F 330 27.22 16.94 18.34
C ASN F 330 26.70 15.52 18.16
N ASN F 331 26.61 15.05 16.93
CA ASN F 331 26.13 13.70 16.69
C ASN F 331 27.21 12.67 17.01
N ARG F 332 26.78 11.42 17.13
CA ARG F 332 27.67 10.26 17.25
C ARG F 332 27.11 9.20 16.30
N ILE F 333 27.55 9.24 15.05
CA ILE F 333 27.05 8.33 14.02
C ILE F 333 27.70 6.97 14.21
N GLY F 334 26.96 5.91 13.92
CA GLY F 334 27.46 4.57 14.05
C GLY F 334 28.56 4.27 13.04
N SER F 335 28.94 3.00 12.99
CA SER F 335 30.06 2.58 12.16
C SER F 335 29.63 2.40 10.70
N TRP F 336 28.69 1.50 10.45
CA TRP F 336 28.38 1.07 9.09
C TRP F 336 27.03 1.59 8.62
N CYS F 337 26.73 2.86 8.90
CA CYS F 337 25.46 3.45 8.52
C CYS F 337 25.50 4.04 7.12
N HIS F 338 24.32 4.15 6.52
CA HIS F 338 24.08 4.97 5.33
C HIS F 338 23.03 6.02 5.62
N ILE F 339 23.45 7.29 5.64
CA ILE F 339 22.54 8.41 5.73
C ILE F 339 22.42 9.03 4.34
N LYS F 340 21.44 8.57 3.57
CA LYS F 340 21.34 8.89 2.16
C LYS F 340 20.25 9.94 1.92
N ASP F 341 20.04 10.24 0.64
CA ASP F 341 19.08 11.25 0.20
C ASP F 341 19.27 12.56 0.93
N ILE F 342 18.19 13.33 1.09
CA ILE F 342 18.22 14.59 1.81
C ILE F 342 17.77 14.30 3.24
N SER F 343 18.72 13.97 4.10
CA SER F 343 18.44 13.62 5.49
C SER F 343 19.13 14.63 6.39
N VAL F 344 18.40 15.12 7.40
CA VAL F 344 18.90 16.12 8.32
C VAL F 344 18.85 15.54 9.72
N LEU F 345 19.96 15.66 10.45
CA LEU F 345 20.05 15.17 11.81
C LEU F 345 20.13 16.34 12.78
N GLY F 346 19.55 16.16 13.97
CA GLY F 346 19.48 17.22 14.95
C GLY F 346 20.78 17.41 15.72
N ASP F 347 20.68 18.17 16.81
CA ASP F 347 21.87 18.63 17.51
C ASP F 347 22.65 17.47 18.13
N ASP F 348 21.95 16.50 18.73
CA ASP F 348 22.61 15.47 19.53
C ASP F 348 22.09 14.08 19.18
N VAL F 349 21.82 13.84 17.90
CA VAL F 349 21.33 12.54 17.47
C VAL F 349 22.46 11.52 17.48
N GLU F 350 22.17 10.32 17.97
CA GLU F 350 23.10 9.20 17.95
C GLU F 350 22.48 8.07 17.16
N VAL F 351 23.24 7.52 16.23
CA VAL F 351 22.77 6.47 15.33
C VAL F 351 23.56 5.20 15.61
N LYS F 352 22.84 4.10 15.81
CA LYS F 352 23.49 2.82 16.06
C LYS F 352 24.07 2.24 14.77
N ASP F 353 24.95 1.26 14.93
CA ASP F 353 25.64 0.68 13.79
C ASP F 353 24.68 -0.04 12.86
N GLY F 354 24.90 0.11 11.55
CA GLY F 354 24.12 -0.59 10.56
C GLY F 354 22.79 0.05 10.22
N VAL F 355 22.47 1.21 10.77
CA VAL F 355 21.18 1.86 10.55
C VAL F 355 21.21 2.61 9.24
N ILE F 356 20.15 2.48 8.45
CA ILE F 356 20.02 3.12 7.15
C ILE F 356 18.91 4.15 7.24
N LEU F 357 19.25 5.42 7.00
CA LEU F 357 18.29 6.53 7.03
C LEU F 357 18.22 7.12 5.62
N ILE F 358 17.14 6.84 4.91
CA ILE F 358 16.94 7.31 3.55
C ILE F 358 16.10 8.58 3.64
N GLY F 359 16.77 9.72 3.75
CA GLY F 359 16.08 11.00 3.75
C GLY F 359 15.12 11.22 4.90
N THR F 360 15.54 10.87 6.12
CA THR F 360 14.73 11.04 7.30
C THR F 360 15.30 12.14 8.18
N LYS F 361 14.43 13.00 8.69
CA LYS F 361 14.82 14.12 9.54
C LYS F 361 14.64 13.72 11.00
N VAL F 362 15.72 13.77 11.76
CA VAL F 362 15.73 13.37 13.16
C VAL F 362 15.80 14.62 14.03
N LEU F 363 14.86 14.75 14.96
CA LEU F 363 14.84 15.89 15.85
C LEU F 363 15.98 15.78 16.87
N PRO F 364 16.38 16.90 17.49
CA PRO F 364 17.55 16.88 18.37
C PRO F 364 17.36 15.96 19.56
N ASN F 365 18.50 15.42 20.04
CA ASN F 365 18.56 14.61 21.26
C ASN F 365 17.75 13.32 21.13
N LYS F 366 17.93 12.64 19.99
CA LYS F 366 17.30 11.36 19.73
C LYS F 366 18.35 10.27 19.59
N ASP F 367 17.90 9.03 19.72
CA ASP F 367 18.71 7.85 19.45
C ASP F 367 17.99 7.03 18.38
N VAL F 368 18.68 6.77 17.27
CA VAL F 368 18.12 6.03 16.15
C VAL F 368 18.73 4.64 16.13
N GLY F 369 17.87 3.62 16.14
CA GLY F 369 18.34 2.24 16.11
C GLY F 369 17.58 1.38 15.14
N GLU F 370 16.70 1.99 14.35
CA GLU F 370 15.88 1.27 13.40
C GLU F 370 16.11 1.82 12.00
N HIS F 371 16.02 0.93 11.01
CA HIS F 371 16.16 1.34 9.62
C HIS F 371 14.91 2.09 9.18
N ARG F 372 15.10 3.14 8.38
CA ARG F 372 14.00 3.92 7.83
C ARG F 372 14.29 4.10 6.34
N PHE F 373 13.61 3.33 5.50
CA PHE F 373 13.85 3.31 4.07
C PHE F 373 13.00 4.30 3.29
N GLU F 374 12.13 5.04 3.97
CA GLU F 374 11.26 6.02 3.32
C GLU F 374 11.43 7.37 4.00
N PRO F 375 11.28 8.46 3.23
CA PRO F 375 11.38 9.79 3.85
C PRO F 375 10.35 9.95 4.96
N GLY F 376 10.77 10.62 6.03
CA GLY F 376 9.91 10.79 7.18
C GLY F 376 10.61 11.60 8.25
N ILE F 377 9.98 11.66 9.41
CA ILE F 377 10.47 12.43 10.55
C ILE F 377 10.55 11.50 11.75
N ILE F 378 11.67 11.56 12.46
CA ILE F 378 11.84 10.83 13.72
C ILE F 378 11.64 11.82 14.86
N MET F 379 10.58 11.62 15.64
CA MET F 379 10.26 12.52 16.73
C MET F 379 11.24 12.35 17.89
PG GTP G . 23.94 -8.76 -23.57
O1G GTP G . 24.17 -7.62 -22.63
O2G GTP G . 25.22 -9.36 -24.08
O3G GTP G . 22.99 -8.42 -24.69
O3B GTP G . 23.26 -9.93 -22.64
PB GTP G . 21.86 -10.72 -22.78
O1B GTP G . 21.98 -12.07 -22.20
O2B GTP G . 20.81 -9.89 -22.19
O3A GTP G . 21.61 -10.92 -24.33
PA GTP G . 22.61 -11.80 -25.20
O1A GTP G . 23.78 -12.24 -24.38
O2A GTP G . 21.80 -12.88 -25.84
O5' GTP G . 23.08 -10.75 -26.35
C5' GTP G . 22.57 -10.70 -27.68
C4' GTP G . 23.51 -11.27 -28.76
O4' GTP G . 24.91 -11.17 -28.45
C3' GTP G . 23.29 -12.74 -28.96
O3' GTP G . 23.66 -13.06 -30.29
C2' GTP G . 24.38 -13.37 -28.15
O2' GTP G . 24.63 -14.67 -28.64
C1' GTP G . 25.53 -12.46 -28.39
N9 GTP G . 26.44 -12.57 -27.23
C8 GTP G . 26.31 -11.84 -26.12
N7 GTP G . 27.27 -12.14 -25.22
C5 GTP G . 28.04 -13.07 -25.77
C6 GTP G . 29.23 -13.81 -25.35
O6 GTP G . 29.73 -13.60 -24.23
N1 GTP G . 29.76 -14.69 -26.17
C2 GTP G . 29.23 -14.92 -27.37
N2 GTP G . 29.82 -15.83 -28.16
N3 GTP G . 28.14 -14.28 -27.83
C4 GTP G . 27.51 -13.35 -27.09
MG MG H . 18.70 -9.45 -28.72
PG GTP I . -27.51 4.70 -20.58
O1G GTP I . -26.35 3.87 -21.05
O2G GTP I . -28.80 4.34 -21.26
O3G GTP I . -27.22 6.18 -20.64
O3B GTP I . -27.72 4.26 -19.02
PB GTP I . -27.72 5.14 -17.66
O1B GTP I . -28.60 4.52 -16.65
O2B GTP I . -26.33 5.34 -17.23
O3A GTP I . -28.39 6.53 -18.02
PA GTP I . -29.91 6.59 -18.51
O1A GTP I . -30.47 5.22 -18.68
O2A GTP I . -30.63 7.48 -17.56
O5' GTP I . -29.76 7.34 -19.95
C5' GTP I . -30.01 8.73 -20.16
C4' GTP I . -31.31 9.04 -20.93
O4' GTP I . -31.78 7.99 -21.77
C3' GTP I . -32.47 9.28 -20.00
O3' GTP I . -33.37 10.14 -20.64
C2' GTP I . -33.17 7.97 -19.99
O2' GTP I . -34.51 8.16 -19.59
C1' GTP I . -33.08 7.53 -21.41
N9 GTP I . -33.17 6.06 -21.43
C8 GTP I . -32.11 5.24 -21.32
N7 GTP I . -32.46 3.95 -21.37
C5 GTP I . -33.78 3.92 -21.53
C6 GTP I . -34.79 2.86 -21.67
O6 GTP I . -34.44 1.67 -21.64
N1 GTP I . -36.06 3.20 -21.81
C2 GTP I . -36.43 4.47 -21.85
N2 GTP I . -37.73 4.74 -22.00
N3 GTP I . -35.56 5.49 -21.73
C4 GTP I . -34.25 5.29 -21.57
MG MG J . -27.64 11.99 -18.90
PG GTP K . 12.27 -32.32 -2.64
O1G GTP K . 10.82 -31.91 -2.67
O2G GTP K . 12.52 -33.64 -3.31
O3G GTP K . 12.86 -32.26 -1.26
O3B GTP K . 13.02 -31.21 -3.58
PB GTP K . 14.08 -30.04 -3.21
O1B GTP K . 14.84 -29.65 -4.41
O2B GTP K . 13.34 -28.94 -2.57
O3A GTP K . 15.12 -30.68 -2.20
PA GTP K . 16.01 -31.92 -2.67
O1A GTP K . 15.67 -32.34 -4.05
O2A GTP K . 17.43 -31.54 -2.43
O5' GTP K . 15.58 -33.07 -1.60
C5' GTP K . 16.36 -33.45 -0.46
C4' GTP K . 17.12 -34.78 -0.61
O4' GTP K . 16.49 -35.74 -1.48
C3' GTP K . 18.48 -34.59 -1.21
O3' GTP K . 19.31 -35.61 -0.74
C2' GTP K . 18.28 -34.96 -2.65
O2' GTP K . 19.52 -35.35 -3.21
C1' GTP K . 17.33 -36.12 -2.57
N9 GTP K . 16.58 -36.19 -3.83
C8 GTP K . 15.45 -35.50 -4.07
N7 GTP K . 14.96 -35.74 -5.29
C5 GTP K . 15.80 -36.60 -5.87
C6 GTP K . 15.87 -37.26 -7.19
O6 GTP K . 14.99 -37.04 -8.03
N1 GTP K . 16.87 -38.07 -7.44
C2 GTP K . 17.81 -38.30 -6.53
N2 GTP K . 18.80 -39.15 -6.86
N3 GTP K . 17.82 -37.73 -5.32
C4 GTP K . 16.86 -36.89 -4.92
MG MG L . 16.95 -30.95 2.94
PG GTP M . 14.62 9.86 29.84
O1G GTP M . 15.12 8.72 28.98
O2G GTP M . 15.70 10.44 30.70
O3G GTP M . 13.39 9.50 30.62
O3B GTP M . 14.23 11.03 28.77
PB GTP M . 12.82 11.75 28.43
O1B GTP M . 13.06 13.10 27.89
O2B GTP M . 12.05 10.86 27.56
O3A GTP M . 12.08 11.94 29.82
PA GTP M . 12.72 12.86 30.94
O1A GTP M . 14.06 13.37 30.52
O2A GTP M . 11.71 13.89 31.29
O5' GTP M . 12.86 11.82 32.19
C5' GTP M . 11.95 11.73 33.28
C4' GTP M . 12.45 12.32 34.60
O4' GTP M . 13.87 12.30 34.77
C3' GTP M . 12.10 13.76 34.75
O3' GTP M . 12.01 14.06 36.11
C2' GTP M . 13.34 14.47 34.32
O2' GTP M . 13.36 15.76 34.85
C1' GTP M . 14.42 13.61 34.92
N9 GTP M . 15.64 13.79 34.10
C8 GTP M . 15.91 13.07 33.01
N7 GTP M . 17.08 13.42 32.46
C5 GTP M . 17.58 14.40 33.21
C6 GTP M . 18.80 15.22 33.18
O6 GTP M . 19.63 15.06 32.28
N1 GTP M . 18.99 16.12 34.12
C2 GTP M . 18.08 16.31 35.08
N2 GTP M . 18.34 17.25 36.01
N3 GTP M . 16.95 15.59 35.18
C4 GTP M . 16.64 14.64 34.28
MG MG N . 8.03 10.24 33.09
PG GTP O . -32.30 -6.47 10.81
O1G GTP O . -31.40 -5.58 11.62
O2G GTP O . -33.76 -6.20 11.04
O3G GTP O . -31.97 -7.94 10.97
O3B GTP O . -32.02 -6.04 9.26
PB GTP O . -31.55 -6.90 7.97
O1B GTP O . -32.09 -6.32 6.73
O2B GTP O . -30.08 -7.02 8.02
O3A GTP O . -32.22 -8.34 8.13
PA GTP O . -33.81 -8.48 8.11
O1A GTP O . -34.46 -7.13 8.10
O2A GTP O . -34.15 -9.40 7.00
O5' GTP O . -34.08 -9.24 9.52
C5' GTP O . -34.31 -10.64 9.66
C4' GTP O . -35.77 -11.03 9.98
O4' GTP O . -36.54 -10.02 10.62
C3' GTP O . -36.55 -11.33 8.73
O3' GTP O . -37.57 -12.25 9.05
C2' GTP O . -37.28 -10.06 8.47
O2' GTP O . -38.41 -10.32 7.67
C1' GTP O . -37.68 -9.63 9.85
N9 GTP O . -37.86 -8.16 9.84
C8 GTP O . -36.87 -7.29 10.05
N7 GTP O . -37.30 -6.03 9.98
C5 GTP O . -38.60 -6.07 9.71
C6 GTP O . -39.65 -5.06 9.51
O6 GTP O . -39.38 -3.86 9.58
N1 GTP O . -40.88 -5.48 9.25
C2 GTP O . -41.17 -6.77 9.17
N2 GTP O . -42.44 -7.12 8.91
N3 GTP O . -40.25 -7.74 9.35
C4 GTP O . -38.97 -7.46 9.62
MG MG P . -31.48 -13.75 9.26
PG GTP Q . 8.92 32.93 6.09
O1G GTP Q . 7.56 32.45 5.65
O2G GTP Q . 8.87 34.25 6.82
O3G GTP Q . 9.93 32.93 4.97
O3B GTP Q . 9.38 31.83 7.22
PB GTP Q . 10.58 30.73 7.21
O1B GTP Q . 10.94 30.38 8.60
O2B GTP Q . 10.16 29.60 6.37
O3A GTP Q . 11.84 31.47 6.59
PA GTP Q . 12.47 32.75 7.31
O1A GTP Q . 11.67 33.11 8.53
O2A GTP Q . 13.91 32.45 7.55
O5' GTP Q . 12.34 33.88 6.17
C5' GTP Q . 13.42 34.32 5.33
C4' GTP Q . 14.00 35.70 5.69
O4' GTP Q . 13.07 36.61 6.30
C3' GTP Q . 15.10 35.59 6.70
O3' GTP Q . 15.98 36.67 6.49
C2' GTP Q . 14.44 35.94 7.99
O2' GTP Q . 15.41 36.39 8.91
C1' GTP Q . 13.50 37.03 7.60
N9 GTP Q . 12.38 37.04 8.56
C8 GTP Q . 11.28 36.30 8.42
N7 GTP Q . 10.41 36.49 9.43
C5 GTP Q . 10.97 37.39 10.25
C6 GTP Q . 10.58 38.03 11.50
O6 GTP Q . 9.49 37.76 12.03
N1 GTP Q . 11.41 38.90 12.05
C2 GTP Q . 12.57 39.19 11.49
N2 GTP Q . 13.35 40.09 12.11
N3 GTP Q . 13.00 38.65 10.34
C4 GTP Q . 12.26 37.75 9.67
MG MG R . 15.19 31.91 2.31
#